data_2DMY
#
_entry.id   2DMY
#
_entity_poly.entity_id   1
_entity_poly.type   'polypeptide(L)'
_entity_poly.pdbx_seq_one_letter_code
;GSSGSSGRKILDSKAIDLMNALMRLNQIRPGLQYKLLSQSGPVHAPVFTMSVDVDGTTYEASGPSKKTAKLHVAVKVLQA
MGYPTGFDADISGPSSG
;
_entity_poly.pdbx_strand_id   A
#
# COMPACT_ATOMS: atom_id res chain seq x y z
N GLY A 1 4.99 -7.79 -22.93
CA GLY A 1 6.42 -7.87 -22.68
C GLY A 1 6.97 -6.60 -22.06
N SER A 2 8.21 -6.27 -22.40
CA SER A 2 8.86 -5.08 -21.85
C SER A 2 8.96 -4.00 -22.91
N SER A 3 9.39 -4.38 -24.11
CA SER A 3 9.54 -3.43 -25.20
C SER A 3 8.18 -2.98 -25.72
N GLY A 4 8.04 -1.68 -25.94
CA GLY A 4 6.78 -1.14 -26.44
C GLY A 4 5.78 -0.87 -25.33
N SER A 5 6.10 0.09 -24.47
CA SER A 5 5.23 0.44 -23.37
C SER A 5 4.83 1.92 -23.43
N SER A 6 3.64 2.22 -22.94
CA SER A 6 3.14 3.59 -22.94
C SER A 6 3.77 4.40 -21.81
N GLY A 7 3.61 3.92 -20.59
CA GLY A 7 4.17 4.61 -19.44
C GLY A 7 3.16 5.52 -18.77
N ARG A 8 2.52 5.01 -17.72
CA ARG A 8 1.52 5.79 -16.98
C ARG A 8 2.16 6.54 -15.83
N LYS A 9 2.13 7.87 -15.89
CA LYS A 9 2.71 8.71 -14.85
C LYS A 9 1.61 9.32 -13.98
N ILE A 10 1.32 8.65 -12.86
CA ILE A 10 0.30 9.12 -11.95
C ILE A 10 0.88 9.36 -10.56
N LEU A 11 0.58 10.53 -9.99
CA LEU A 11 1.07 10.89 -8.67
C LEU A 11 0.09 11.81 -7.94
N ASP A 12 -0.12 11.56 -6.65
CA ASP A 12 -1.03 12.36 -5.86
C ASP A 12 -0.74 12.19 -4.36
N SER A 13 -0.60 13.31 -3.66
CA SER A 13 -0.32 13.28 -2.23
C SER A 13 -1.56 13.67 -1.42
N LYS A 14 -2.70 13.09 -1.78
CA LYS A 14 -3.95 13.37 -1.10
C LYS A 14 -3.87 12.96 0.37
N ALA A 15 -3.11 11.91 0.64
CA ALA A 15 -2.95 11.42 2.00
C ALA A 15 -2.02 12.33 2.81
N ILE A 16 -1.74 11.94 4.05
CA ILE A 16 -0.87 12.73 4.92
C ILE A 16 0.24 11.86 5.50
N ASP A 17 1.46 12.07 5.02
CA ASP A 17 2.61 11.31 5.50
C ASP A 17 2.41 9.82 5.29
N LEU A 18 1.69 9.48 4.22
CA LEU A 18 1.42 8.08 3.89
C LEU A 18 2.12 7.68 2.60
N MET A 19 1.81 8.40 1.52
CA MET A 19 2.41 8.12 0.22
C MET A 19 3.92 7.94 0.35
N ASN A 20 4.49 8.46 1.42
CA ASN A 20 5.93 8.36 1.66
C ASN A 20 6.44 6.98 1.27
N ALA A 21 5.74 5.94 1.72
CA ALA A 21 6.11 4.57 1.41
C ALA A 21 6.12 4.32 -0.09
N LEU A 22 5.02 4.66 -0.75
CA LEU A 22 4.90 4.46 -2.19
C LEU A 22 6.15 4.99 -2.91
N MET A 23 6.52 6.22 -2.60
CA MET A 23 7.69 6.84 -3.22
C MET A 23 8.97 6.05 -2.88
N ARG A 24 9.04 5.57 -1.65
CA ARG A 24 10.20 4.81 -1.20
C ARG A 24 10.39 3.55 -2.05
N LEU A 25 9.36 2.71 -2.07
CA LEU A 25 9.40 1.48 -2.85
C LEU A 25 9.98 1.72 -4.24
N ASN A 26 9.59 2.83 -4.85
CA ASN A 26 10.07 3.19 -6.18
C ASN A 26 11.51 3.67 -6.13
N GLN A 27 11.87 4.34 -5.04
CA GLN A 27 13.22 4.84 -4.86
C GLN A 27 14.24 3.71 -4.85
N ILE A 28 13.96 2.68 -4.05
CA ILE A 28 14.84 1.53 -3.94
C ILE A 28 14.71 0.61 -5.16
N ARG A 29 13.48 0.45 -5.62
CA ARG A 29 13.20 -0.40 -6.77
C ARG A 29 12.38 0.35 -7.81
N PRO A 30 13.06 1.06 -8.72
CA PRO A 30 12.41 1.83 -9.78
C PRO A 30 11.76 0.94 -10.84
N GLY A 31 10.68 1.43 -11.43
CA GLY A 31 9.99 0.65 -12.45
C GLY A 31 9.27 -0.55 -11.88
N LEU A 32 8.30 -0.31 -11.01
CA LEU A 32 7.54 -1.37 -10.38
C LEU A 32 6.17 -1.53 -11.05
N GLN A 33 5.51 -2.65 -10.79
CA GLN A 33 4.19 -2.91 -11.36
C GLN A 33 3.24 -3.46 -10.30
N TYR A 34 2.07 -2.85 -10.20
CA TYR A 34 1.07 -3.28 -9.22
C TYR A 34 -0.16 -3.84 -9.93
N LYS A 35 -0.68 -4.94 -9.39
CA LYS A 35 -1.87 -5.57 -9.96
C LYS A 35 -2.91 -5.85 -8.88
N LEU A 36 -4.17 -5.84 -9.27
CA LEU A 36 -5.27 -6.09 -8.34
C LEU A 36 -5.75 -7.54 -8.44
N LEU A 37 -5.30 -8.38 -7.52
CA LEU A 37 -5.69 -9.78 -7.50
C LEU A 37 -7.20 -9.93 -7.67
N SER A 38 -7.95 -9.21 -6.84
CA SER A 38 -9.40 -9.27 -6.89
C SER A 38 -10.02 -8.24 -5.95
N GLN A 39 -11.28 -7.90 -6.20
CA GLN A 39 -11.99 -6.93 -5.36
C GLN A 39 -13.32 -7.49 -4.87
N SER A 40 -13.56 -7.37 -3.57
CA SER A 40 -14.79 -7.86 -2.97
C SER A 40 -15.38 -6.84 -2.01
N GLY A 41 -16.63 -7.04 -1.62
CA GLY A 41 -17.29 -6.14 -0.71
C GLY A 41 -18.27 -5.21 -1.41
N PRO A 42 -18.84 -4.27 -0.66
CA PRO A 42 -19.81 -3.31 -1.19
C PRO A 42 -19.16 -2.29 -2.13
N VAL A 43 -19.95 -1.32 -2.59
CA VAL A 43 -19.44 -0.30 -3.49
C VAL A 43 -18.82 0.87 -2.72
N HIS A 44 -19.29 1.07 -1.50
CA HIS A 44 -18.78 2.14 -0.65
C HIS A 44 -17.63 1.64 0.24
N ALA A 45 -17.62 0.34 0.49
CA ALA A 45 -16.59 -0.27 1.32
C ALA A 45 -15.90 -1.42 0.60
N PRO A 46 -15.46 -1.16 -0.65
CA PRO A 46 -14.80 -2.17 -1.47
C PRO A 46 -13.41 -2.51 -0.96
N VAL A 47 -12.93 -3.70 -1.28
CA VAL A 47 -11.61 -4.15 -0.85
C VAL A 47 -10.68 -4.35 -2.05
N PHE A 48 -9.79 -3.38 -2.26
CA PHE A 48 -8.84 -3.45 -3.36
C PHE A 48 -7.58 -4.21 -2.95
N THR A 49 -7.50 -5.47 -3.38
CA THR A 49 -6.35 -6.30 -3.05
C THR A 49 -5.25 -6.16 -4.10
N MET A 50 -4.17 -5.47 -3.73
CA MET A 50 -3.04 -5.27 -4.65
C MET A 50 -1.95 -6.29 -4.40
N SER A 51 -1.00 -6.37 -5.33
CA SER A 51 0.11 -7.32 -5.22
C SER A 51 1.33 -6.82 -5.98
N VAL A 52 2.51 -7.06 -5.41
CA VAL A 52 3.76 -6.64 -6.03
C VAL A 52 4.86 -7.65 -5.78
N ASP A 53 5.82 -7.70 -6.70
CA ASP A 53 6.94 -8.64 -6.59
C ASP A 53 8.25 -7.88 -6.36
N VAL A 54 8.86 -8.12 -5.21
CA VAL A 54 10.12 -7.46 -4.86
C VAL A 54 11.09 -8.44 -4.21
N ASP A 55 12.33 -8.44 -4.69
CA ASP A 55 13.36 -9.33 -4.15
C ASP A 55 12.86 -10.77 -4.09
N GLY A 56 12.27 -11.24 -5.19
CA GLY A 56 11.74 -12.59 -5.25
C GLY A 56 10.68 -12.84 -4.19
N THR A 57 10.13 -11.76 -3.64
CA THR A 57 9.10 -11.88 -2.62
C THR A 57 7.84 -11.12 -3.04
N THR A 58 6.73 -11.85 -3.15
CA THR A 58 5.46 -11.26 -3.53
C THR A 58 4.67 -10.79 -2.31
N TYR A 59 4.30 -9.51 -2.31
CA TYR A 59 3.55 -8.95 -1.20
C TYR A 59 2.12 -8.59 -1.64
N GLU A 60 1.16 -8.88 -0.77
CA GLU A 60 -0.23 -8.60 -1.07
C GLU A 60 -0.92 -7.93 0.13
N ALA A 61 -1.45 -6.73 -0.09
CA ALA A 61 -2.12 -5.98 0.96
C ALA A 61 -3.43 -5.36 0.45
N SER A 62 -4.52 -5.62 1.16
CA SER A 62 -5.82 -5.10 0.77
C SER A 62 -6.14 -3.82 1.55
N GLY A 63 -6.88 -2.92 0.91
CA GLY A 63 -7.25 -1.67 1.56
C GLY A 63 -8.62 -1.17 1.13
N PRO A 64 -9.04 -0.04 1.69
CA PRO A 64 -10.34 0.57 1.38
C PRO A 64 -10.39 1.13 -0.03
N SER A 65 -9.21 1.36 -0.61
CA SER A 65 -9.13 1.91 -1.96
C SER A 65 -7.80 1.51 -2.63
N LYS A 66 -7.84 1.29 -3.93
CA LYS A 66 -6.66 0.90 -4.69
C LYS A 66 -5.45 1.73 -4.25
N LYS A 67 -5.65 3.04 -4.12
CA LYS A 67 -4.58 3.94 -3.71
C LYS A 67 -3.93 3.46 -2.42
N THR A 68 -4.74 3.18 -1.42
CA THR A 68 -4.24 2.71 -0.13
C THR A 68 -3.67 1.29 -0.25
N ALA A 69 -4.29 0.50 -1.11
CA ALA A 69 -3.84 -0.88 -1.31
C ALA A 69 -2.36 -0.93 -1.68
N LYS A 70 -2.00 -0.25 -2.78
CA LYS A 70 -0.63 -0.22 -3.24
C LYS A 70 0.30 0.29 -2.14
N LEU A 71 -0.15 1.29 -1.40
CA LEU A 71 0.64 1.87 -0.32
C LEU A 71 0.90 0.84 0.77
N HIS A 72 -0.16 0.17 1.21
CA HIS A 72 -0.03 -0.84 2.25
C HIS A 72 0.96 -1.92 1.84
N VAL A 73 0.88 -2.35 0.59
CA VAL A 73 1.78 -3.39 0.08
C VAL A 73 3.23 -2.98 0.27
N ALA A 74 3.57 -1.76 -0.13
CA ALA A 74 4.93 -1.25 -0.01
C ALA A 74 5.42 -1.34 1.43
N VAL A 75 4.64 -0.77 2.35
CA VAL A 75 4.99 -0.77 3.76
C VAL A 75 5.54 -2.13 4.19
N LYS A 76 4.87 -3.19 3.75
CA LYS A 76 5.30 -4.55 4.08
C LYS A 76 6.68 -4.84 3.51
N VAL A 77 6.83 -4.68 2.20
CA VAL A 77 8.12 -4.92 1.54
C VAL A 77 9.26 -4.34 2.35
N LEU A 78 9.17 -3.05 2.69
CA LEU A 78 10.19 -2.38 3.46
C LEU A 78 10.39 -3.05 4.82
N GLN A 79 9.29 -3.27 5.53
CA GLN A 79 9.35 -3.91 6.84
C GLN A 79 10.10 -5.23 6.77
N ALA A 80 9.95 -5.93 5.65
CA ALA A 80 10.61 -7.22 5.46
C ALA A 80 12.12 -7.04 5.40
N MET A 81 12.57 -6.01 4.68
CA MET A 81 13.99 -5.74 4.54
C MET A 81 14.54 -5.08 5.80
N GLY A 82 13.66 -4.46 6.58
CA GLY A 82 14.08 -3.80 7.81
C GLY A 82 14.22 -2.30 7.64
N TYR A 83 13.42 -1.73 6.74
CA TYR A 83 13.46 -0.30 6.49
C TYR A 83 12.33 0.42 7.23
N PRO A 84 12.57 1.70 7.57
CA PRO A 84 11.59 2.52 8.29
C PRO A 84 10.38 2.87 7.42
N THR A 85 9.21 2.45 7.86
CA THR A 85 7.98 2.73 7.13
C THR A 85 7.11 3.76 7.87
N GLY A 86 7.02 3.62 9.18
CA GLY A 86 6.24 4.55 9.97
C GLY A 86 5.06 3.87 10.65
N PHE A 87 5.34 2.78 11.36
CA PHE A 87 4.29 2.04 12.06
C PHE A 87 4.90 1.04 13.04
N ASP A 88 4.27 0.92 14.21
CA ASP A 88 4.74 0.00 15.24
C ASP A 88 3.69 -0.20 16.31
N ALA A 89 3.97 -1.09 17.25
CA ALA A 89 3.05 -1.38 18.34
C ALA A 89 1.67 -1.76 17.82
N ASP A 90 1.65 -2.54 16.74
CA ASP A 90 0.41 -2.98 16.13
C ASP A 90 0.35 -4.50 16.05
N ILE A 91 0.66 -5.16 17.16
CA ILE A 91 0.65 -6.62 17.21
C ILE A 91 -0.49 -7.18 16.36
N SER A 92 -0.22 -8.30 15.69
CA SER A 92 -1.22 -8.95 14.86
C SER A 92 -2.02 -9.99 15.64
N GLY A 93 -1.34 -10.66 16.56
CA GLY A 93 -2.00 -11.67 17.37
C GLY A 93 -1.15 -12.92 17.54
N PRO A 94 -1.80 -14.04 17.88
CA PRO A 94 -1.12 -15.32 18.09
C PRO A 94 -0.59 -15.91 16.78
N SER A 95 -0.96 -15.29 15.66
CA SER A 95 -0.53 -15.75 14.35
C SER A 95 0.40 -14.73 13.70
N SER A 96 1.50 -15.22 13.14
CA SER A 96 2.47 -14.35 12.48
C SER A 96 2.69 -14.77 11.03
N GLY A 97 3.24 -13.86 10.24
CA GLY A 97 3.48 -14.14 8.84
C GLY A 97 4.50 -15.26 8.64
N GLY A 1 -15.18 -4.50 -9.45
CA GLY A 1 -15.67 -4.03 -10.73
C GLY A 1 -14.61 -4.05 -11.81
N SER A 2 -14.74 -4.98 -12.75
CA SER A 2 -13.78 -5.11 -13.84
C SER A 2 -13.54 -3.76 -14.51
N SER A 3 -14.62 -3.04 -14.77
CA SER A 3 -14.54 -1.74 -15.42
C SER A 3 -15.70 -0.83 -15.00
N GLY A 4 -15.52 0.47 -15.14
CA GLY A 4 -16.55 1.41 -14.77
C GLY A 4 -16.46 1.84 -13.33
N SER A 5 -15.44 2.64 -13.01
CA SER A 5 -15.24 3.12 -11.65
C SER A 5 -14.44 4.42 -11.64
N SER A 6 -14.90 5.38 -10.85
CA SER A 6 -14.23 6.67 -10.76
C SER A 6 -13.32 6.73 -9.54
N GLY A 7 -12.26 7.52 -9.64
CA GLY A 7 -11.31 7.64 -8.54
C GLY A 7 -11.39 9.00 -7.86
N ARG A 8 -12.26 9.10 -6.85
CA ARG A 8 -12.43 10.34 -6.11
C ARG A 8 -11.48 10.41 -4.92
N LYS A 9 -10.32 11.03 -5.14
CA LYS A 9 -9.32 11.17 -4.08
C LYS A 9 -9.87 11.98 -2.91
N ILE A 10 -9.67 11.46 -1.70
CA ILE A 10 -10.15 12.14 -0.50
C ILE A 10 -9.17 11.94 0.67
N LEU A 11 -8.77 13.05 1.29
CA LEU A 11 -7.85 13.01 2.41
C LEU A 11 -8.09 14.17 3.36
N ASP A 12 -8.00 13.90 4.66
CA ASP A 12 -8.20 14.93 5.67
C ASP A 12 -6.90 15.67 5.97
N SER A 13 -5.86 14.90 6.28
CA SER A 13 -4.55 15.49 6.59
C SER A 13 -3.44 14.45 6.40
N LYS A 14 -2.22 14.95 6.24
CA LYS A 14 -1.07 14.08 6.05
C LYS A 14 -0.56 13.54 7.38
N ALA A 15 -0.83 12.26 7.64
CA ALA A 15 -0.40 11.62 8.88
C ALA A 15 1.12 11.61 8.98
N ILE A 16 1.63 10.98 10.04
CA ILE A 16 3.06 10.89 10.25
C ILE A 16 3.81 10.65 8.95
N ASP A 17 3.46 9.56 8.28
CA ASP A 17 4.10 9.21 7.01
C ASP A 17 3.40 8.02 6.35
N LEU A 18 2.76 8.27 5.22
CA LEU A 18 2.05 7.21 4.49
C LEU A 18 2.45 7.19 3.03
N MET A 19 2.04 8.22 2.29
CA MET A 19 2.35 8.32 0.87
C MET A 19 3.80 7.92 0.61
N ASN A 20 4.66 8.16 1.59
CA ASN A 20 6.08 7.83 1.46
C ASN A 20 6.26 6.36 1.09
N ALA A 21 5.63 5.47 1.86
CA ALA A 21 5.73 4.04 1.60
C ALA A 21 5.81 3.75 0.10
N LEU A 22 5.10 4.56 -0.68
CA LEU A 22 5.09 4.39 -2.13
C LEU A 22 6.40 4.86 -2.75
N MET A 23 6.70 6.14 -2.58
CA MET A 23 7.93 6.71 -3.11
C MET A 23 9.13 5.85 -2.77
N ARG A 24 9.18 5.37 -1.52
CA ARG A 24 10.27 4.52 -1.06
C ARG A 24 10.41 3.30 -1.95
N LEU A 25 9.37 2.48 -2.00
CA LEU A 25 9.38 1.26 -2.81
C LEU A 25 9.96 1.53 -4.20
N ASN A 26 9.69 2.72 -4.72
CA ASN A 26 10.18 3.12 -6.03
C ASN A 26 11.68 3.43 -5.97
N GLN A 27 12.09 4.19 -4.96
CA GLN A 27 13.48 4.56 -4.79
C GLN A 27 14.38 3.32 -4.76
N ILE A 28 13.96 2.32 -4.00
CA ILE A 28 14.72 1.08 -3.88
C ILE A 28 14.44 0.15 -5.06
N ARG A 29 13.20 0.17 -5.54
CA ARG A 29 12.81 -0.67 -6.67
C ARG A 29 12.10 0.15 -7.73
N PRO A 30 12.87 0.71 -8.68
CA PRO A 30 12.34 1.53 -9.77
C PRO A 30 11.55 0.70 -10.78
N GLY A 31 10.56 1.32 -11.40
CA GLY A 31 9.75 0.63 -12.38
C GLY A 31 9.03 -0.57 -11.80
N LEU A 32 7.99 -0.30 -11.00
CA LEU A 32 7.22 -1.37 -10.38
C LEU A 32 5.86 -1.53 -11.06
N GLN A 33 5.28 -2.72 -10.91
CA GLN A 33 3.98 -3.00 -11.51
C GLN A 33 3.01 -3.59 -10.49
N TYR A 34 2.07 -2.77 -10.03
CA TYR A 34 1.09 -3.20 -9.05
C TYR A 34 -0.10 -3.87 -9.73
N LYS A 35 -0.55 -4.99 -9.17
CA LYS A 35 -1.68 -5.73 -9.70
C LYS A 35 -2.74 -5.96 -8.64
N LEU A 36 -4.00 -5.91 -9.04
CA LEU A 36 -5.11 -6.12 -8.11
C LEU A 36 -5.64 -7.55 -8.21
N LEU A 37 -5.13 -8.42 -7.36
CA LEU A 37 -5.55 -9.82 -7.34
C LEU A 37 -7.07 -9.93 -7.54
N SER A 38 -7.81 -9.19 -6.73
CA SER A 38 -9.27 -9.21 -6.80
C SER A 38 -9.88 -8.16 -5.87
N GLN A 39 -11.12 -7.77 -6.16
CA GLN A 39 -11.81 -6.77 -5.36
C GLN A 39 -13.16 -7.30 -4.88
N SER A 40 -13.37 -7.25 -3.57
CA SER A 40 -14.62 -7.73 -2.98
C SER A 40 -15.14 -6.74 -1.93
N GLY A 41 -16.42 -6.88 -1.59
CA GLY A 41 -17.02 -5.99 -0.61
C GLY A 41 -17.99 -5.01 -1.24
N PRO A 42 -18.48 -4.06 -0.43
CA PRO A 42 -19.43 -3.04 -0.88
C PRO A 42 -18.80 -2.04 -1.84
N VAL A 43 -19.60 -1.10 -2.33
CA VAL A 43 -19.11 -0.08 -3.25
C VAL A 43 -18.44 1.07 -2.49
N HIS A 44 -18.88 1.29 -1.26
CA HIS A 44 -18.32 2.36 -0.44
C HIS A 44 -17.15 1.84 0.40
N ALA A 45 -17.21 0.57 0.77
CA ALA A 45 -16.16 -0.05 1.57
C ALA A 45 -15.57 -1.27 0.86
N PRO A 46 -15.16 -1.08 -0.40
CA PRO A 46 -14.58 -2.15 -1.21
C PRO A 46 -13.20 -2.58 -0.71
N VAL A 47 -12.77 -3.77 -1.11
CA VAL A 47 -11.48 -4.29 -0.70
C VAL A 47 -10.55 -4.46 -1.91
N PHE A 48 -9.61 -3.53 -2.06
CA PHE A 48 -8.66 -3.57 -3.16
C PHE A 48 -7.39 -4.32 -2.76
N THR A 49 -7.26 -5.55 -3.25
CA THR A 49 -6.10 -6.38 -2.94
C THR A 49 -5.02 -6.22 -4.01
N MET A 50 -3.98 -5.46 -3.69
CA MET A 50 -2.88 -5.23 -4.61
C MET A 50 -1.75 -6.22 -4.38
N SER A 51 -0.93 -6.45 -5.40
CA SER A 51 0.18 -7.39 -5.30
C SER A 51 1.35 -6.92 -6.15
N VAL A 52 2.55 -6.95 -5.57
CA VAL A 52 3.75 -6.53 -6.28
C VAL A 52 4.87 -7.56 -6.12
N ASP A 53 5.82 -7.54 -7.05
CA ASP A 53 6.94 -8.47 -7.01
C ASP A 53 8.24 -7.74 -6.71
N VAL A 54 8.81 -8.01 -5.55
CA VAL A 54 10.07 -7.38 -5.14
C VAL A 54 11.07 -8.41 -4.66
N ASP A 55 12.28 -8.37 -5.21
CA ASP A 55 13.33 -9.29 -4.83
C ASP A 55 12.80 -10.72 -4.75
N GLY A 56 12.02 -11.12 -5.76
CA GLY A 56 11.46 -12.45 -5.79
C GLY A 56 10.50 -12.69 -4.63
N THR A 57 9.85 -11.63 -4.17
CA THR A 57 8.91 -11.74 -3.06
C THR A 57 7.59 -11.05 -3.39
N THR A 58 6.56 -11.84 -3.67
CA THR A 58 5.25 -11.31 -4.00
C THR A 58 4.49 -10.89 -2.75
N TYR A 59 4.28 -9.58 -2.60
CA TYR A 59 3.55 -9.06 -1.44
C TYR A 59 2.08 -8.89 -1.75
N GLU A 60 1.27 -8.84 -0.70
CA GLU A 60 -0.18 -8.68 -0.85
C GLU A 60 -0.77 -7.86 0.30
N ALA A 61 -1.42 -6.76 -0.04
CA ALA A 61 -2.02 -5.90 0.96
C ALA A 61 -3.39 -5.38 0.49
N SER A 62 -4.41 -5.62 1.30
CA SER A 62 -5.76 -5.19 0.97
C SER A 62 -6.14 -3.93 1.76
N GLY A 63 -6.82 -3.00 1.08
CA GLY A 63 -7.22 -1.77 1.72
C GLY A 63 -8.63 -1.34 1.33
N PRO A 64 -9.06 -0.18 1.84
CA PRO A 64 -10.39 0.36 1.56
C PRO A 64 -10.53 0.82 0.11
N SER A 65 -9.41 1.16 -0.51
CA SER A 65 -9.41 1.63 -1.90
C SER A 65 -8.10 1.27 -2.59
N LYS A 66 -8.14 1.17 -3.91
CA LYS A 66 -6.96 0.83 -4.70
C LYS A 66 -5.76 1.68 -4.26
N LYS A 67 -5.97 2.98 -4.15
CA LYS A 67 -4.91 3.89 -3.75
C LYS A 67 -4.20 3.38 -2.50
N THR A 68 -4.94 3.30 -1.39
CA THR A 68 -4.37 2.83 -0.13
C THR A 68 -3.69 1.48 -0.31
N ALA A 69 -4.34 0.59 -1.06
CA ALA A 69 -3.79 -0.74 -1.31
C ALA A 69 -2.31 -0.66 -1.68
N LYS A 70 -2.02 -0.08 -2.84
CA LYS A 70 -0.65 0.06 -3.31
C LYS A 70 0.26 0.57 -2.20
N LEU A 71 -0.24 1.54 -1.44
CA LEU A 71 0.53 2.13 -0.35
C LEU A 71 0.83 1.09 0.72
N HIS A 72 -0.18 0.29 1.07
CA HIS A 72 -0.03 -0.75 2.08
C HIS A 72 1.04 -1.76 1.66
N VAL A 73 0.85 -2.36 0.48
CA VAL A 73 1.78 -3.35 -0.04
C VAL A 73 3.23 -2.89 0.18
N ALA A 74 3.51 -1.66 -0.23
CA ALA A 74 4.86 -1.10 -0.09
C ALA A 74 5.34 -1.22 1.35
N VAL A 75 4.50 -0.82 2.29
CA VAL A 75 4.85 -0.88 3.71
C VAL A 75 5.44 -2.22 4.08
N LYS A 76 4.78 -3.29 3.63
CA LYS A 76 5.23 -4.64 3.91
C LYS A 76 6.65 -4.86 3.38
N VAL A 77 6.87 -4.48 2.13
CA VAL A 77 8.19 -4.62 1.51
C VAL A 77 9.27 -3.95 2.34
N LEU A 78 9.02 -2.70 2.72
CA LEU A 78 9.97 -1.94 3.52
C LEU A 78 10.16 -2.57 4.89
N GLN A 79 9.06 -2.83 5.58
CA GLN A 79 9.10 -3.43 6.91
C GLN A 79 9.87 -4.75 6.87
N ALA A 80 9.65 -5.53 5.83
CA ALA A 80 10.33 -6.82 5.68
C ALA A 80 11.84 -6.64 5.66
N MET A 81 12.32 -5.69 4.86
CA MET A 81 13.74 -5.42 4.76
C MET A 81 14.26 -4.73 6.02
N GLY A 82 13.42 -3.91 6.63
CA GLY A 82 13.80 -3.20 7.83
C GLY A 82 13.96 -1.71 7.60
N TYR A 83 13.09 -1.14 6.78
CA TYR A 83 13.14 0.28 6.47
C TYR A 83 12.04 1.03 7.22
N PRO A 84 12.32 2.29 7.59
CA PRO A 84 11.38 3.14 8.31
C PRO A 84 10.20 3.56 7.44
N THR A 85 9.02 3.04 7.78
CA THR A 85 7.80 3.36 7.03
C THR A 85 6.93 4.34 7.80
N GLY A 86 6.74 4.09 9.10
CA GLY A 86 5.92 4.97 9.92
C GLY A 86 4.46 4.60 9.86
N PHE A 87 4.17 3.31 9.99
CA PHE A 87 2.78 2.83 9.95
C PHE A 87 2.63 1.53 10.75
N ASP A 88 1.62 1.49 11.61
CA ASP A 88 1.37 0.32 12.43
C ASP A 88 -0.10 -0.09 12.35
N ALA A 89 -0.35 -1.40 12.47
CA ALA A 89 -1.71 -1.93 12.41
C ALA A 89 -2.06 -2.66 13.70
N ASP A 90 -2.38 -1.90 14.74
CA ASP A 90 -2.73 -2.47 16.04
C ASP A 90 -4.04 -1.88 16.54
N ILE A 91 -5.05 -1.84 15.67
CA ILE A 91 -6.34 -1.29 16.04
C ILE A 91 -6.90 -1.98 17.29
N SER A 92 -7.46 -1.17 18.19
CA SER A 92 -8.02 -1.69 19.43
C SER A 92 -9.36 -2.36 19.19
N GLY A 93 -9.39 -3.27 18.21
CA GLY A 93 -10.63 -3.98 17.89
C GLY A 93 -10.37 -5.29 17.19
N PRO A 94 -11.37 -5.74 16.41
CA PRO A 94 -11.28 -7.00 15.67
C PRO A 94 -10.28 -6.92 14.51
N SER A 95 -9.26 -7.76 14.56
CA SER A 95 -8.24 -7.79 13.52
C SER A 95 -8.64 -8.71 12.38
N SER A 96 -8.63 -8.18 11.16
CA SER A 96 -9.00 -8.96 9.98
C SER A 96 -8.05 -10.12 9.78
N GLY A 97 -8.60 -11.28 9.41
CA GLY A 97 -7.79 -12.45 9.18
C GLY A 97 -8.60 -13.65 8.75
N GLY A 1 -11.59 -14.10 -15.26
CA GLY A 1 -11.83 -12.97 -14.41
C GLY A 1 -12.08 -11.69 -15.20
N SER A 2 -12.88 -10.79 -14.62
CA SER A 2 -13.19 -9.53 -15.28
C SER A 2 -12.29 -8.41 -14.77
N SER A 3 -11.80 -7.58 -15.69
CA SER A 3 -10.92 -6.48 -15.33
C SER A 3 -10.83 -5.47 -16.48
N GLY A 4 -11.32 -4.26 -16.23
CA GLY A 4 -11.29 -3.23 -17.25
C GLY A 4 -10.74 -1.92 -16.72
N SER A 5 -11.12 -0.82 -17.36
CA SER A 5 -10.66 0.51 -16.95
C SER A 5 -11.38 1.60 -17.73
N SER A 6 -12.15 2.41 -17.00
CA SER A 6 -12.91 3.50 -17.62
C SER A 6 -13.49 4.42 -16.56
N GLY A 7 -13.03 5.67 -16.55
CA GLY A 7 -13.51 6.64 -15.58
C GLY A 7 -12.39 7.35 -14.86
N ARG A 8 -12.66 8.56 -14.38
CA ARG A 8 -11.67 9.34 -13.67
C ARG A 8 -12.10 9.61 -12.22
N LYS A 9 -11.85 8.63 -11.35
CA LYS A 9 -12.21 8.76 -9.95
C LYS A 9 -11.42 9.87 -9.27
N ILE A 10 -11.88 10.29 -8.10
CA ILE A 10 -11.21 11.36 -7.35
C ILE A 10 -10.82 10.88 -5.97
N LEU A 11 -9.68 11.36 -5.48
CA LEU A 11 -9.18 10.99 -4.16
C LEU A 11 -9.55 12.05 -3.12
N ASP A 12 -9.11 13.27 -3.37
CA ASP A 12 -9.39 14.38 -2.47
C ASP A 12 -9.16 13.97 -1.01
N SER A 13 -8.07 13.24 -0.78
CA SER A 13 -7.74 12.77 0.56
C SER A 13 -6.26 12.96 0.85
N LYS A 14 -5.96 13.69 1.92
CA LYS A 14 -4.57 13.94 2.32
C LYS A 14 -4.11 12.95 3.37
N ALA A 15 -2.83 12.57 3.31
CA ALA A 15 -2.26 11.63 4.26
C ALA A 15 -1.21 12.29 5.13
N ILE A 16 -0.96 11.71 6.30
CA ILE A 16 0.03 12.25 7.22
C ILE A 16 1.27 11.37 7.26
N ASP A 17 2.27 11.74 6.46
CA ASP A 17 3.51 10.98 6.39
C ASP A 17 3.25 9.51 6.14
N LEU A 18 2.41 9.22 5.15
CA LEU A 18 2.08 7.84 4.81
C LEU A 18 2.41 7.55 3.35
N MET A 19 1.92 8.40 2.45
CA MET A 19 2.18 8.23 1.02
C MET A 19 3.65 7.95 0.77
N ASN A 20 4.50 8.38 1.69
CA ASN A 20 5.94 8.17 1.56
C ASN A 20 6.25 6.73 1.18
N ALA A 21 5.69 5.79 1.93
CA ALA A 21 5.91 4.38 1.65
C ALA A 21 6.03 4.11 0.17
N LEU A 22 5.00 4.48 -0.58
CA LEU A 22 4.99 4.28 -2.04
C LEU A 22 6.30 4.77 -2.65
N MET A 23 6.48 6.09 -2.65
CA MET A 23 7.69 6.68 -3.21
C MET A 23 8.92 5.86 -2.86
N ARG A 24 9.09 5.57 -1.58
CA ARG A 24 10.23 4.79 -1.10
C ARG A 24 10.42 3.54 -1.96
N LEU A 25 9.41 2.67 -1.97
CA LEU A 25 9.46 1.45 -2.75
C LEU A 25 10.05 1.71 -4.14
N ASN A 26 9.70 2.84 -4.73
CA ASN A 26 10.18 3.20 -6.05
C ASN A 26 11.64 3.64 -5.99
N GLN A 27 11.97 4.47 -5.00
CA GLN A 27 13.33 4.96 -4.82
C GLN A 27 14.34 3.80 -4.86
N ILE A 28 14.00 2.71 -4.19
CA ILE A 28 14.86 1.54 -4.15
C ILE A 28 14.75 0.73 -5.44
N ARG A 29 13.52 0.53 -5.90
CA ARG A 29 13.27 -0.23 -7.11
C ARG A 29 12.33 0.52 -8.04
N PRO A 30 12.89 1.36 -8.91
CA PRO A 30 12.12 2.15 -9.88
C PRO A 30 11.48 1.30 -10.96
N GLY A 31 10.32 1.72 -11.44
CA GLY A 31 9.63 0.98 -12.49
C GLY A 31 8.94 -0.26 -11.95
N LEU A 32 8.07 -0.06 -10.96
CA LEU A 32 7.33 -1.17 -10.36
C LEU A 32 5.92 -1.24 -10.92
N GLN A 33 5.34 -2.44 -10.90
CA GLN A 33 3.99 -2.65 -11.40
C GLN A 33 3.10 -3.26 -10.32
N TYR A 34 1.96 -2.62 -10.08
CA TYR A 34 1.01 -3.09 -9.08
C TYR A 34 -0.26 -3.62 -9.73
N LYS A 35 -0.66 -4.82 -9.32
CA LYS A 35 -1.87 -5.44 -9.86
C LYS A 35 -2.90 -5.67 -8.77
N LEU A 36 -4.16 -5.80 -9.16
CA LEU A 36 -5.25 -6.03 -8.22
C LEU A 36 -5.69 -7.49 -8.23
N LEU A 37 -5.18 -8.26 -7.28
CA LEU A 37 -5.52 -9.68 -7.17
C LEU A 37 -7.01 -9.90 -7.41
N SER A 38 -7.83 -9.23 -6.62
CA SER A 38 -9.28 -9.36 -6.76
C SER A 38 -9.99 -8.31 -5.91
N GLN A 39 -11.24 -8.00 -6.27
CA GLN A 39 -12.03 -7.02 -5.54
C GLN A 39 -13.29 -7.65 -4.97
N SER A 40 -13.45 -7.54 -3.66
CA SER A 40 -14.61 -8.11 -2.97
C SER A 40 -15.20 -7.12 -1.98
N GLY A 41 -16.50 -7.22 -1.74
CA GLY A 41 -17.16 -6.33 -0.81
C GLY A 41 -18.22 -5.47 -1.48
N PRO A 42 -18.79 -4.52 -0.72
CA PRO A 42 -19.83 -3.62 -1.24
C PRO A 42 -19.28 -2.62 -2.25
N VAL A 43 -20.13 -1.69 -2.68
CA VAL A 43 -19.72 -0.67 -3.64
C VAL A 43 -19.16 0.56 -2.93
N HIS A 44 -19.56 0.75 -1.69
CA HIS A 44 -19.08 1.89 -0.90
C HIS A 44 -17.87 1.52 -0.07
N ALA A 45 -17.76 0.22 0.25
CA ALA A 45 -16.64 -0.26 1.04
C ALA A 45 -15.95 -1.44 0.35
N PRO A 46 -15.56 -1.24 -0.91
CA PRO A 46 -14.89 -2.27 -1.71
C PRO A 46 -13.47 -2.54 -1.22
N VAL A 47 -13.06 -3.81 -1.28
CA VAL A 47 -11.73 -4.19 -0.85
C VAL A 47 -10.81 -4.43 -2.05
N PHE A 48 -9.89 -3.50 -2.27
CA PHE A 48 -8.95 -3.60 -3.37
C PHE A 48 -7.68 -4.35 -2.95
N THR A 49 -7.56 -5.59 -3.42
CA THR A 49 -6.40 -6.42 -3.09
C THR A 49 -5.27 -6.19 -4.08
N MET A 50 -4.22 -5.50 -3.64
CA MET A 50 -3.07 -5.21 -4.50
C MET A 50 -1.96 -6.24 -4.27
N SER A 51 -0.94 -6.20 -5.12
CA SER A 51 0.18 -7.12 -5.00
C SER A 51 1.38 -6.63 -5.82
N VAL A 52 2.57 -6.95 -5.34
CA VAL A 52 3.80 -6.54 -6.03
C VAL A 52 4.91 -7.56 -5.83
N ASP A 53 5.77 -7.70 -6.82
CA ASP A 53 6.87 -8.64 -6.75
C ASP A 53 8.19 -7.92 -6.48
N VAL A 54 8.78 -8.21 -5.32
CA VAL A 54 10.05 -7.58 -4.94
C VAL A 54 10.98 -8.59 -4.27
N ASP A 55 12.23 -8.60 -4.70
CA ASP A 55 13.22 -9.51 -4.15
C ASP A 55 12.70 -10.93 -4.14
N GLY A 56 12.12 -11.35 -5.27
CA GLY A 56 11.58 -12.70 -5.36
C GLY A 56 10.53 -12.98 -4.31
N THR A 57 9.98 -11.92 -3.73
CA THR A 57 8.95 -12.07 -2.70
C THR A 57 7.70 -11.27 -3.05
N THR A 58 6.60 -11.99 -3.29
CA THR A 58 5.34 -11.36 -3.64
C THR A 58 4.59 -10.90 -2.41
N TYR A 59 4.18 -9.63 -2.39
CA TYR A 59 3.45 -9.07 -1.26
C TYR A 59 1.98 -8.85 -1.61
N GLU A 60 1.13 -8.91 -0.60
CA GLU A 60 -0.31 -8.72 -0.80
C GLU A 60 -0.91 -7.91 0.35
N ALA A 61 -1.59 -6.84 0.01
CA ALA A 61 -2.22 -5.98 1.01
C ALA A 61 -3.49 -5.32 0.45
N SER A 62 -4.62 -5.60 1.10
CA SER A 62 -5.89 -5.04 0.67
C SER A 62 -6.24 -3.79 1.48
N GLY A 63 -6.93 -2.85 0.84
CA GLY A 63 -7.32 -1.63 1.51
C GLY A 63 -8.67 -1.11 1.06
N PRO A 64 -9.04 0.08 1.52
CA PRO A 64 -10.32 0.70 1.19
C PRO A 64 -10.37 1.15 -0.27
N SER A 65 -9.23 1.59 -0.81
CA SER A 65 -9.15 2.03 -2.18
C SER A 65 -7.84 1.61 -2.83
N LYS A 66 -7.83 1.53 -4.15
CA LYS A 66 -6.64 1.12 -4.89
C LYS A 66 -5.41 1.88 -4.40
N LYS A 67 -5.50 3.22 -4.41
CA LYS A 67 -4.41 4.06 -3.98
C LYS A 67 -3.81 3.55 -2.67
N THR A 68 -4.60 3.57 -1.60
CA THR A 68 -4.16 3.10 -0.31
C THR A 68 -3.66 1.66 -0.38
N ALA A 69 -4.31 0.86 -1.21
CA ALA A 69 -3.93 -0.54 -1.37
C ALA A 69 -2.48 -0.66 -1.81
N LYS A 70 -2.13 0.03 -2.88
CA LYS A 70 -0.78 0.01 -3.41
C LYS A 70 0.23 0.45 -2.36
N LEU A 71 -0.22 1.29 -1.44
CA LEU A 71 0.64 1.79 -0.38
C LEU A 71 0.91 0.71 0.67
N HIS A 72 -0.16 0.10 1.17
CA HIS A 72 -0.05 -0.96 2.16
C HIS A 72 1.02 -1.98 1.76
N VAL A 73 0.86 -2.54 0.56
CA VAL A 73 1.81 -3.53 0.06
C VAL A 73 3.25 -3.10 0.32
N ALA A 74 3.58 -1.87 -0.08
CA ALA A 74 4.92 -1.33 0.11
C ALA A 74 5.35 -1.45 1.56
N VAL A 75 4.54 -0.91 2.47
CA VAL A 75 4.83 -0.95 3.89
C VAL A 75 5.39 -2.31 4.30
N LYS A 76 4.75 -3.37 3.81
CA LYS A 76 5.18 -4.73 4.12
C LYS A 76 6.57 -5.00 3.55
N VAL A 77 6.80 -4.53 2.32
CA VAL A 77 8.09 -4.73 1.67
C VAL A 77 9.22 -4.09 2.46
N LEU A 78 9.01 -2.83 2.86
CA LEU A 78 10.01 -2.09 3.63
C LEU A 78 10.33 -2.82 4.93
N GLN A 79 9.29 -3.33 5.59
CA GLN A 79 9.47 -4.05 6.85
C GLN A 79 10.36 -5.27 6.66
N ALA A 80 10.20 -5.94 5.53
CA ALA A 80 10.99 -7.13 5.23
C ALA A 80 12.48 -6.80 5.17
N MET A 81 12.82 -5.77 4.40
CA MET A 81 14.21 -5.35 4.26
C MET A 81 14.75 -4.83 5.58
N GLY A 82 13.86 -4.42 6.47
CA GLY A 82 14.28 -3.91 7.77
C GLY A 82 14.29 -2.39 7.82
N TYR A 83 13.43 -1.77 7.02
CA TYR A 83 13.35 -0.32 6.97
C TYR A 83 12.23 0.20 7.87
N PRO A 84 12.38 1.43 8.35
CA PRO A 84 11.39 2.07 9.23
C PRO A 84 10.10 2.41 8.50
N THR A 85 8.98 2.00 9.06
CA THR A 85 7.67 2.26 8.46
C THR A 85 6.72 2.92 9.47
N GLY A 86 5.51 3.23 9.01
CA GLY A 86 4.53 3.85 9.88
C GLY A 86 3.19 4.06 9.19
N PHE A 87 2.30 3.09 9.34
CA PHE A 87 0.98 3.17 8.73
C PHE A 87 -0.09 3.40 9.79
N ASP A 88 -0.11 2.56 10.82
CA ASP A 88 -1.08 2.68 11.89
C ASP A 88 -0.86 3.96 12.69
N ALA A 89 -1.96 4.58 13.12
CA ALA A 89 -1.88 5.81 13.90
C ALA A 89 -1.96 5.53 15.39
N ASP A 90 -1.23 4.53 15.85
CA ASP A 90 -1.22 4.15 17.26
C ASP A 90 0.22 4.09 17.80
N ILE A 91 0.96 5.18 17.60
CA ILE A 91 2.33 5.25 18.06
C ILE A 91 2.40 5.65 19.53
N SER A 92 1.45 6.47 19.95
CA SER A 92 1.40 6.93 21.34
C SER A 92 0.59 5.95 22.20
N GLY A 93 1.19 5.53 23.31
CA GLY A 93 0.52 4.61 24.21
C GLY A 93 -0.50 5.29 25.10
N PRO A 94 -1.39 4.50 25.72
CA PRO A 94 -2.43 5.03 26.61
C PRO A 94 -1.85 5.56 27.91
N SER A 95 -2.30 6.75 28.31
CA SER A 95 -1.83 7.37 29.54
C SER A 95 -1.70 6.33 30.66
N SER A 96 -0.68 6.50 31.50
CA SER A 96 -0.45 5.59 32.61
C SER A 96 -0.89 6.20 33.92
N GLY A 97 -2.17 6.06 34.24
CA GLY A 97 -2.70 6.60 35.48
C GLY A 97 -2.73 5.58 36.60
N GLY A 1 -21.16 4.71 -13.87
CA GLY A 1 -19.77 4.65 -13.45
C GLY A 1 -19.60 4.03 -12.07
N SER A 2 -19.38 2.72 -12.04
CA SER A 2 -19.22 2.00 -10.78
C SER A 2 -17.81 1.41 -10.68
N SER A 3 -17.35 0.81 -11.77
CA SER A 3 -16.02 0.21 -11.80
C SER A 3 -15.06 1.05 -12.64
N GLY A 4 -13.88 1.31 -12.09
CA GLY A 4 -12.90 2.10 -12.79
C GLY A 4 -12.27 3.17 -11.91
N SER A 5 -12.95 4.31 -11.78
CA SER A 5 -12.46 5.41 -10.96
C SER A 5 -13.37 5.66 -9.78
N SER A 6 -12.78 6.11 -8.67
CA SER A 6 -13.54 6.38 -7.46
C SER A 6 -13.66 7.89 -7.23
N GLY A 7 -12.51 8.56 -7.16
CA GLY A 7 -12.51 10.00 -6.93
C GLY A 7 -11.80 10.39 -5.66
N ARG A 8 -12.54 10.93 -4.70
CA ARG A 8 -11.98 11.36 -3.44
C ARG A 8 -10.87 12.39 -3.64
N LYS A 9 -11.11 13.32 -4.55
CA LYS A 9 -10.14 14.37 -4.85
C LYS A 9 -10.26 15.52 -3.85
N ILE A 10 -9.27 16.40 -3.86
CA ILE A 10 -9.26 17.55 -2.95
C ILE A 10 -8.56 18.75 -3.60
N LEU A 11 -8.56 19.87 -2.88
CA LEU A 11 -7.93 21.09 -3.38
C LEU A 11 -6.70 21.44 -2.54
N ASP A 12 -6.91 21.68 -1.26
CA ASP A 12 -5.81 22.02 -0.36
C ASP A 12 -6.25 21.88 1.10
N SER A 13 -5.56 21.02 1.84
CA SER A 13 -5.87 20.78 3.24
C SER A 13 -4.78 19.94 3.91
N LYS A 14 -4.64 20.10 5.22
CA LYS A 14 -3.65 19.37 5.98
C LYS A 14 -3.55 17.92 5.49
N ALA A 15 -2.34 17.36 5.58
CA ALA A 15 -2.12 15.98 5.14
C ALA A 15 -1.04 15.31 5.98
N ILE A 16 -1.00 13.98 5.94
CA ILE A 16 -0.01 13.22 6.70
C ILE A 16 1.04 12.62 5.78
N ASP A 17 2.20 12.30 6.35
CA ASP A 17 3.29 11.71 5.59
C ASP A 17 3.20 10.19 5.59
N LEU A 18 2.29 9.66 4.76
CA LEU A 18 2.10 8.22 4.66
C LEU A 18 2.38 7.74 3.25
N MET A 19 2.08 8.57 2.26
CA MET A 19 2.30 8.23 0.87
C MET A 19 3.77 7.93 0.61
N ASN A 20 4.64 8.38 1.52
CA ASN A 20 6.07 8.17 1.38
C ASN A 20 6.37 6.71 1.05
N ALA A 21 5.82 5.81 1.85
CA ALA A 21 6.03 4.37 1.63
C ALA A 21 6.11 4.05 0.14
N LEU A 22 5.14 4.54 -0.62
CA LEU A 22 5.10 4.30 -2.05
C LEU A 22 6.36 4.83 -2.73
N MET A 23 6.53 6.15 -2.70
CA MET A 23 7.70 6.78 -3.31
C MET A 23 8.97 6.02 -2.96
N ARG A 24 9.09 5.63 -1.69
CA ARG A 24 10.27 4.90 -1.23
C ARG A 24 10.50 3.66 -2.08
N LEU A 25 9.52 2.77 -2.12
CA LEU A 25 9.64 1.54 -2.89
C LEU A 25 10.24 1.82 -4.26
N ASN A 26 9.74 2.86 -4.93
CA ASN A 26 10.24 3.22 -6.25
C ASN A 26 11.71 3.66 -6.17
N GLN A 27 12.02 4.52 -5.21
CA GLN A 27 13.37 5.01 -5.04
C GLN A 27 14.37 3.85 -4.94
N ILE A 28 14.11 2.93 -4.01
CA ILE A 28 14.97 1.78 -3.82
C ILE A 28 14.94 0.87 -5.03
N ARG A 29 13.75 0.62 -5.56
CA ARG A 29 13.59 -0.23 -6.73
C ARG A 29 12.70 0.42 -7.77
N PRO A 30 13.31 1.21 -8.67
CA PRO A 30 12.60 1.91 -9.74
C PRO A 30 12.05 0.96 -10.79
N GLY A 31 10.88 1.29 -11.34
CA GLY A 31 10.27 0.45 -12.35
C GLY A 31 9.51 -0.71 -11.75
N LEU A 32 8.54 -0.41 -10.89
CA LEU A 32 7.74 -1.44 -10.25
C LEU A 32 6.33 -1.47 -10.83
N GLN A 33 5.64 -2.59 -10.66
CA GLN A 33 4.28 -2.74 -11.16
C GLN A 33 3.36 -3.31 -10.08
N TYR A 34 2.12 -2.84 -10.07
CA TYR A 34 1.14 -3.30 -9.08
C TYR A 34 -0.11 -3.84 -9.78
N LYS A 35 -0.58 -4.98 -9.31
CA LYS A 35 -1.77 -5.61 -9.87
C LYS A 35 -2.83 -5.86 -8.79
N LEU A 36 -4.08 -5.93 -9.20
CA LEU A 36 -5.18 -6.17 -8.28
C LEU A 36 -5.62 -7.63 -8.32
N LEU A 37 -5.14 -8.41 -7.36
CA LEU A 37 -5.49 -9.82 -7.28
C LEU A 37 -6.99 -10.03 -7.49
N SER A 38 -7.79 -9.32 -6.69
CA SER A 38 -9.24 -9.41 -6.78
C SER A 38 -9.91 -8.38 -5.88
N GLN A 39 -11.18 -8.09 -6.17
CA GLN A 39 -11.93 -7.11 -5.39
C GLN A 39 -13.20 -7.74 -4.83
N SER A 40 -13.41 -7.58 -3.53
CA SER A 40 -14.59 -8.12 -2.87
C SER A 40 -15.23 -7.10 -1.95
N GLY A 41 -16.51 -7.28 -1.65
CA GLY A 41 -17.22 -6.36 -0.78
C GLY A 41 -18.23 -5.51 -1.52
N PRO A 42 -18.84 -4.55 -0.81
CA PRO A 42 -19.84 -3.66 -1.39
C PRO A 42 -19.23 -2.67 -2.38
N VAL A 43 -20.05 -1.75 -2.86
CA VAL A 43 -19.59 -0.75 -3.82
C VAL A 43 -19.01 0.47 -3.11
N HIS A 44 -19.48 0.72 -1.89
CA HIS A 44 -19.00 1.85 -1.10
C HIS A 44 -17.87 1.43 -0.17
N ALA A 45 -17.79 0.13 0.09
CA ALA A 45 -16.75 -0.41 0.97
C ALA A 45 -16.03 -1.58 0.31
N PRO A 46 -15.60 -1.39 -0.95
CA PRO A 46 -14.90 -2.42 -1.71
C PRO A 46 -13.50 -2.69 -1.18
N VAL A 47 -12.97 -3.86 -1.46
CA VAL A 47 -11.63 -4.24 -1.01
C VAL A 47 -10.69 -4.47 -2.20
N PHE A 48 -9.81 -3.50 -2.44
CA PHE A 48 -8.85 -3.61 -3.53
C PHE A 48 -7.59 -4.34 -3.09
N THR A 49 -7.48 -5.61 -3.47
CA THR A 49 -6.33 -6.41 -3.12
C THR A 49 -5.19 -6.23 -4.13
N MET A 50 -4.13 -5.55 -3.71
CA MET A 50 -2.99 -5.30 -4.57
C MET A 50 -1.89 -6.33 -4.32
N SER A 51 -0.87 -6.32 -5.16
CA SER A 51 0.25 -7.24 -5.03
C SER A 51 1.45 -6.78 -5.85
N VAL A 52 2.63 -6.85 -5.25
CA VAL A 52 3.85 -6.44 -5.93
C VAL A 52 4.97 -7.46 -5.73
N ASP A 53 5.76 -7.68 -6.76
CA ASP A 53 6.87 -8.62 -6.70
C ASP A 53 8.19 -7.91 -6.43
N VAL A 54 8.79 -8.20 -5.28
CA VAL A 54 10.06 -7.58 -4.91
C VAL A 54 10.96 -8.58 -4.20
N ASP A 55 12.24 -8.57 -4.57
CA ASP A 55 13.22 -9.48 -3.97
C ASP A 55 12.65 -10.90 -3.87
N GLY A 56 12.11 -11.39 -4.98
CA GLY A 56 11.54 -12.73 -4.99
C GLY A 56 10.51 -12.94 -3.90
N THR A 57 9.85 -11.85 -3.51
CA THR A 57 8.82 -11.91 -2.47
C THR A 57 7.54 -11.21 -2.92
N THR A 58 6.52 -12.01 -3.23
CA THR A 58 5.23 -11.47 -3.66
C THR A 58 4.42 -10.98 -2.48
N TYR A 59 4.29 -9.67 -2.36
CA TYR A 59 3.53 -9.06 -1.27
C TYR A 59 2.07 -8.84 -1.68
N GLU A 60 1.19 -8.78 -0.69
CA GLU A 60 -0.23 -8.59 -0.93
C GLU A 60 -0.89 -7.82 0.21
N ALA A 61 -1.50 -6.68 -0.12
CA ALA A 61 -2.15 -5.86 0.89
C ALA A 61 -3.50 -5.34 0.37
N SER A 62 -4.54 -5.55 1.17
CA SER A 62 -5.88 -5.11 0.79
C SER A 62 -6.26 -3.83 1.52
N GLY A 63 -6.97 -2.94 0.83
CA GLY A 63 -7.38 -1.69 1.43
C GLY A 63 -8.75 -1.24 0.94
N PRO A 64 -9.27 -0.17 1.56
CA PRO A 64 -10.58 0.39 1.21
C PRO A 64 -10.57 1.06 -0.16
N SER A 65 -9.37 1.22 -0.73
CA SER A 65 -9.23 1.85 -2.04
C SER A 65 -7.94 1.41 -2.72
N LYS A 66 -7.81 1.74 -4.00
CA LYS A 66 -6.62 1.38 -4.77
C LYS A 66 -5.40 2.14 -4.27
N LYS A 67 -5.53 3.46 -4.18
CA LYS A 67 -4.44 4.31 -3.72
C LYS A 67 -3.87 3.79 -2.40
N THR A 68 -4.74 3.37 -1.50
CA THR A 68 -4.33 2.85 -0.21
C THR A 68 -3.65 1.50 -0.35
N ALA A 69 -4.40 0.53 -0.87
CA ALA A 69 -3.86 -0.82 -1.07
C ALA A 69 -2.41 -0.78 -1.51
N LYS A 70 -2.17 -0.16 -2.66
CA LYS A 70 -0.82 -0.06 -3.20
C LYS A 70 0.16 0.44 -2.13
N LEU A 71 -0.33 1.30 -1.24
CA LEU A 71 0.50 1.84 -0.17
C LEU A 71 0.73 0.79 0.91
N HIS A 72 -0.35 0.15 1.35
CA HIS A 72 -0.26 -0.88 2.39
C HIS A 72 0.76 -1.95 2.00
N VAL A 73 0.87 -2.22 0.70
CA VAL A 73 1.80 -3.22 0.20
C VAL A 73 3.25 -2.81 0.47
N ALA A 74 3.61 -1.63 -0.02
CA ALA A 74 4.97 -1.12 0.16
C ALA A 74 5.42 -1.27 1.61
N VAL A 75 4.59 -0.78 2.53
CA VAL A 75 4.90 -0.85 3.95
C VAL A 75 5.38 -2.25 4.34
N LYS A 76 4.79 -3.26 3.72
CA LYS A 76 5.14 -4.64 4.00
C LYS A 76 6.52 -4.98 3.42
N VAL A 77 6.77 -4.51 2.20
CA VAL A 77 8.05 -4.76 1.53
C VAL A 77 9.20 -4.20 2.35
N LEU A 78 9.13 -2.92 2.69
CA LEU A 78 10.17 -2.27 3.48
C LEU A 78 10.38 -2.98 4.81
N GLN A 79 9.27 -3.27 5.49
CA GLN A 79 9.33 -3.94 6.79
C GLN A 79 10.06 -5.27 6.67
N ALA A 80 9.84 -5.96 5.55
CA ALA A 80 10.48 -7.26 5.31
C ALA A 80 11.98 -7.09 5.09
N MET A 81 12.35 -6.18 4.20
CA MET A 81 13.74 -5.93 3.89
C MET A 81 14.50 -5.45 5.14
N GLY A 82 13.77 -4.80 6.04
CA GLY A 82 14.39 -4.31 7.26
C GLY A 82 14.53 -2.80 7.27
N TYR A 83 13.58 -2.11 6.65
CA TYR A 83 13.61 -0.66 6.59
C TYR A 83 12.59 -0.05 7.55
N PRO A 84 12.86 1.19 7.99
CA PRO A 84 11.98 1.91 8.91
C PRO A 84 10.67 2.32 8.27
N THR A 85 9.56 1.85 8.86
CA THR A 85 8.23 2.17 8.34
C THR A 85 7.31 2.67 9.45
N GLY A 86 7.32 3.97 9.67
CA GLY A 86 6.48 4.55 10.71
C GLY A 86 5.00 4.47 10.37
N PHE A 87 4.44 3.27 10.48
CA PHE A 87 3.03 3.07 10.18
C PHE A 87 2.34 2.27 11.29
N ASP A 88 2.67 2.60 12.53
CA ASP A 88 2.09 1.92 13.68
C ASP A 88 1.65 2.93 14.75
N ALA A 89 0.88 2.46 15.72
CA ALA A 89 0.40 3.31 16.80
C ALA A 89 1.34 3.27 17.99
N ASP A 90 2.64 3.26 17.72
CA ASP A 90 3.64 3.22 18.77
C ASP A 90 4.46 4.51 18.79
N ILE A 91 3.77 5.64 18.71
CA ILE A 91 4.44 6.94 18.71
C ILE A 91 5.43 7.05 19.86
N SER A 92 6.15 8.16 19.92
CA SER A 92 7.13 8.39 20.97
C SER A 92 6.49 8.24 22.35
N GLY A 93 6.83 7.15 23.03
CA GLY A 93 6.28 6.92 24.36
C GLY A 93 7.36 6.57 25.38
N PRO A 94 6.94 5.90 26.46
CA PRO A 94 7.86 5.49 27.53
C PRO A 94 8.82 4.38 27.09
N SER A 95 9.60 3.86 28.03
CA SER A 95 10.55 2.80 27.73
C SER A 95 10.00 1.86 26.66
N SER A 96 10.75 1.72 25.57
CA SER A 96 10.33 0.86 24.47
C SER A 96 8.86 1.06 24.14
N GLY A 97 8.45 2.33 24.09
CA GLY A 97 7.07 2.65 23.78
C GLY A 97 6.13 2.36 24.93
N GLY A 1 12.30 -0.99 -20.30
CA GLY A 1 11.46 -1.79 -21.18
C GLY A 1 9.99 -1.57 -20.95
N SER A 2 9.49 -0.40 -21.33
CA SER A 2 8.09 -0.06 -21.16
C SER A 2 7.43 0.23 -22.50
N SER A 3 6.14 -0.11 -22.61
CA SER A 3 5.39 0.10 -23.84
C SER A 3 5.22 1.60 -24.12
N GLY A 4 4.76 2.33 -23.11
CA GLY A 4 4.56 3.77 -23.26
C GLY A 4 3.15 4.19 -22.89
N SER A 5 2.74 3.86 -21.67
CA SER A 5 1.40 4.21 -21.21
C SER A 5 1.34 5.67 -20.79
N SER A 6 0.13 6.24 -20.82
CA SER A 6 -0.06 7.64 -20.45
C SER A 6 -1.35 7.81 -19.66
N GLY A 7 -1.39 8.85 -18.81
CA GLY A 7 -2.56 9.10 -18.00
C GLY A 7 -2.82 8.00 -16.99
N ARG A 8 -1.91 7.83 -16.05
CA ARG A 8 -2.05 6.80 -15.02
C ARG A 8 -3.30 7.04 -14.19
N LYS A 9 -3.39 8.21 -13.58
CA LYS A 9 -4.54 8.56 -12.75
C LYS A 9 -4.46 10.01 -12.31
N ILE A 10 -5.62 10.66 -12.20
CA ILE A 10 -5.69 12.05 -11.78
C ILE A 10 -6.36 12.19 -10.42
N LEU A 11 -5.62 12.67 -9.44
CA LEU A 11 -6.14 12.85 -8.09
C LEU A 11 -5.16 13.65 -7.23
N ASP A 12 -5.69 14.31 -6.20
CA ASP A 12 -4.88 15.10 -5.29
C ASP A 12 -4.18 14.21 -4.27
N SER A 13 -3.15 14.75 -3.62
CA SER A 13 -2.40 13.99 -2.63
C SER A 13 -2.58 14.62 -1.24
N LYS A 14 -3.71 14.31 -0.60
CA LYS A 14 -4.01 14.83 0.72
C LYS A 14 -3.58 13.84 1.81
N ALA A 15 -2.42 13.25 1.62
CA ALA A 15 -1.90 12.28 2.59
C ALA A 15 -0.90 12.94 3.55
N ILE A 16 -0.98 12.56 4.82
CA ILE A 16 -0.10 13.10 5.84
C ILE A 16 1.01 12.12 6.20
N ASP A 17 2.16 12.25 5.53
CA ASP A 17 3.29 11.38 5.78
C ASP A 17 2.90 9.91 5.59
N LEU A 18 2.18 9.64 4.51
CA LEU A 18 1.74 8.28 4.21
C LEU A 18 2.30 7.81 2.87
N MET A 19 2.00 8.56 1.82
CA MET A 19 2.47 8.22 0.48
C MET A 19 3.96 7.90 0.50
N ASN A 20 4.68 8.48 1.46
CA ASN A 20 6.11 8.26 1.58
C ASN A 20 6.47 6.83 1.18
N ALA A 21 5.81 5.86 1.79
CA ALA A 21 6.06 4.45 1.49
C ALA A 21 6.20 4.22 -0.01
N LEU A 22 5.15 4.55 -0.76
CA LEU A 22 5.16 4.38 -2.21
C LEU A 22 6.46 4.90 -2.80
N MET A 23 6.79 6.15 -2.50
CA MET A 23 8.02 6.76 -3.01
C MET A 23 9.24 5.92 -2.64
N ARG A 24 9.25 5.42 -1.42
CA ARG A 24 10.37 4.60 -0.94
C ARG A 24 10.55 3.37 -1.82
N LEU A 25 9.50 2.57 -1.92
CA LEU A 25 9.55 1.35 -2.73
C LEU A 25 10.20 1.63 -4.09
N ASN A 26 9.76 2.69 -4.74
CA ASN A 26 10.30 3.07 -6.05
C ASN A 26 11.78 3.45 -5.93
N GLN A 27 12.09 4.25 -4.92
CA GLN A 27 13.47 4.69 -4.71
C GLN A 27 14.43 3.52 -4.78
N ILE A 28 14.15 2.47 -4.02
CA ILE A 28 14.99 1.28 -3.99
C ILE A 28 14.74 0.41 -5.21
N ARG A 29 13.48 0.32 -5.62
CA ARG A 29 13.11 -0.49 -6.79
C ARG A 29 12.34 0.35 -7.81
N PRO A 30 13.08 0.99 -8.73
CA PRO A 30 12.50 1.83 -9.78
C PRO A 30 11.72 1.02 -10.81
N GLY A 31 10.66 1.62 -11.35
CA GLY A 31 9.86 0.93 -12.34
C GLY A 31 9.16 -0.29 -11.78
N LEU A 32 8.17 -0.05 -10.92
CA LEU A 32 7.42 -1.15 -10.31
C LEU A 32 6.05 -1.31 -10.96
N GLN A 33 5.43 -2.46 -10.77
CA GLN A 33 4.12 -2.74 -11.35
C GLN A 33 3.19 -3.34 -10.30
N TYR A 34 2.01 -2.76 -10.16
CA TYR A 34 1.03 -3.25 -9.20
C TYR A 34 -0.19 -3.82 -9.91
N LYS A 35 -0.65 -4.98 -9.46
CA LYS A 35 -1.81 -5.64 -10.04
C LYS A 35 -2.86 -5.94 -8.98
N LEU A 36 -4.13 -5.72 -9.32
CA LEU A 36 -5.23 -5.98 -8.39
C LEU A 36 -5.62 -7.45 -8.41
N LEU A 37 -5.21 -8.18 -7.39
CA LEU A 37 -5.53 -9.60 -7.28
C LEU A 37 -7.02 -9.84 -7.46
N SER A 38 -7.82 -9.14 -6.66
CA SER A 38 -9.28 -9.27 -6.73
C SER A 38 -9.96 -8.26 -5.81
N GLN A 39 -11.26 -8.07 -6.01
CA GLN A 39 -12.03 -7.13 -5.20
C GLN A 39 -13.22 -7.82 -4.56
N SER A 40 -13.44 -7.55 -3.28
CA SER A 40 -14.56 -8.15 -2.55
C SER A 40 -15.29 -7.09 -1.73
N GLY A 41 -16.59 -7.32 -1.50
CA GLY A 41 -17.37 -6.38 -0.72
C GLY A 41 -18.27 -5.53 -1.59
N PRO A 42 -18.95 -4.55 -0.97
CA PRO A 42 -19.86 -3.64 -1.67
C PRO A 42 -19.11 -2.67 -2.58
N VAL A 43 -19.87 -1.88 -3.33
CA VAL A 43 -19.28 -0.90 -4.25
C VAL A 43 -18.81 0.33 -3.50
N HIS A 44 -19.39 0.57 -2.32
CA HIS A 44 -19.01 1.72 -1.52
C HIS A 44 -17.85 1.38 -0.58
N ALA A 45 -17.84 0.15 -0.09
CA ALA A 45 -16.80 -0.31 0.82
C ALA A 45 -16.09 -1.54 0.26
N PRO A 46 -15.70 -1.47 -1.02
CA PRO A 46 -15.01 -2.58 -1.69
C PRO A 46 -13.59 -2.79 -1.17
N VAL A 47 -13.09 -4.01 -1.30
CA VAL A 47 -11.75 -4.34 -0.83
C VAL A 47 -10.80 -4.57 -2.01
N PHE A 48 -10.05 -3.53 -2.35
CA PHE A 48 -9.09 -3.61 -3.45
C PHE A 48 -7.81 -4.32 -3.03
N THR A 49 -7.63 -5.54 -3.52
CA THR A 49 -6.45 -6.33 -3.18
C THR A 49 -5.33 -6.09 -4.19
N MET A 50 -4.19 -5.62 -3.69
CA MET A 50 -3.04 -5.34 -4.54
C MET A 50 -1.97 -6.39 -4.34
N SER A 51 -0.97 -6.40 -5.24
CA SER A 51 0.12 -7.36 -5.16
C SER A 51 1.32 -6.89 -5.99
N VAL A 52 2.49 -6.92 -5.40
CA VAL A 52 3.71 -6.51 -6.09
C VAL A 52 4.84 -7.50 -5.86
N ASP A 53 5.75 -7.59 -6.82
CA ASP A 53 6.88 -8.51 -6.73
C ASP A 53 8.18 -7.74 -6.51
N VAL A 54 8.81 -7.98 -5.36
CA VAL A 54 10.06 -7.31 -5.02
C VAL A 54 11.12 -8.32 -4.57
N ASP A 55 12.30 -8.22 -5.15
CA ASP A 55 13.40 -9.12 -4.81
C ASP A 55 12.91 -10.56 -4.71
N GLY A 56 12.04 -10.96 -5.63
CA GLY A 56 11.51 -12.30 -5.63
C GLY A 56 10.57 -12.55 -4.46
N THR A 57 9.85 -11.52 -4.06
CA THR A 57 8.92 -11.63 -2.94
C THR A 57 7.57 -11.00 -3.28
N THR A 58 6.59 -11.84 -3.56
CA THR A 58 5.26 -11.37 -3.90
C THR A 58 4.49 -10.93 -2.66
N TYR A 59 4.30 -9.63 -2.52
CA TYR A 59 3.58 -9.08 -1.36
C TYR A 59 2.10 -8.90 -1.68
N GLU A 60 1.28 -8.85 -0.64
CA GLU A 60 -0.17 -8.67 -0.81
C GLU A 60 -0.74 -7.84 0.32
N ALA A 61 -1.42 -6.75 -0.03
CA ALA A 61 -2.02 -5.87 0.95
C ALA A 61 -3.31 -5.23 0.40
N SER A 62 -4.43 -5.52 1.04
CA SER A 62 -5.71 -4.98 0.62
C SER A 62 -6.07 -3.73 1.43
N GLY A 63 -6.98 -2.93 0.89
CA GLY A 63 -7.40 -1.72 1.57
C GLY A 63 -8.77 -1.24 1.14
N PRO A 64 -9.20 -0.09 1.66
CA PRO A 64 -10.50 0.49 1.34
C PRO A 64 -10.57 1.00 -0.10
N SER A 65 -9.40 1.31 -0.66
CA SER A 65 -9.33 1.81 -2.03
C SER A 65 -8.06 1.32 -2.73
N LYS A 66 -8.01 1.49 -4.04
CA LYS A 66 -6.86 1.06 -4.82
C LYS A 66 -5.58 1.71 -4.30
N LYS A 67 -5.65 3.01 -4.03
CA LYS A 67 -4.49 3.75 -3.54
C LYS A 67 -3.96 3.11 -2.25
N THR A 68 -4.79 3.09 -1.22
CA THR A 68 -4.40 2.51 0.07
C THR A 68 -3.77 1.15 -0.12
N ALA A 69 -4.35 0.34 -1.01
CA ALA A 69 -3.85 -0.99 -1.28
C ALA A 69 -2.41 -0.94 -1.80
N LYS A 70 -2.17 -0.10 -2.78
CA LYS A 70 -0.84 0.05 -3.36
C LYS A 70 0.15 0.56 -2.32
N LEU A 71 -0.30 1.51 -1.50
CA LEU A 71 0.55 2.09 -0.47
C LEU A 71 0.87 1.06 0.61
N HIS A 72 -0.15 0.30 1.01
CA HIS A 72 0.03 -0.73 2.03
C HIS A 72 1.10 -1.74 1.61
N VAL A 73 0.87 -2.39 0.48
CA VAL A 73 1.81 -3.39 -0.03
C VAL A 73 3.25 -2.93 0.17
N ALA A 74 3.58 -1.77 -0.38
CA ALA A 74 4.92 -1.22 -0.26
C ALA A 74 5.38 -1.21 1.19
N VAL A 75 4.53 -0.70 2.08
CA VAL A 75 4.85 -0.63 3.50
C VAL A 75 5.39 -1.96 4.01
N LYS A 76 4.76 -3.06 3.58
CA LYS A 76 5.18 -4.39 3.99
C LYS A 76 6.59 -4.69 3.48
N VAL A 77 6.81 -4.46 2.20
CA VAL A 77 8.12 -4.72 1.60
C VAL A 77 9.24 -4.11 2.44
N LEU A 78 9.11 -2.82 2.75
CA LEU A 78 10.12 -2.12 3.55
C LEU A 78 10.27 -2.78 4.92
N GLN A 79 9.14 -3.08 5.55
CA GLN A 79 9.15 -3.70 6.86
C GLN A 79 9.94 -5.01 6.84
N ALA A 80 9.76 -5.79 5.78
CA ALA A 80 10.45 -7.07 5.62
C ALA A 80 11.96 -6.86 5.60
N MET A 81 12.41 -5.93 4.77
CA MET A 81 13.84 -5.65 4.66
C MET A 81 14.37 -5.01 5.95
N GLY A 82 13.52 -4.25 6.62
CA GLY A 82 13.91 -3.60 7.85
C GLY A 82 14.09 -2.10 7.68
N TYR A 83 13.20 -1.49 6.92
CA TYR A 83 13.26 -0.06 6.68
C TYR A 83 12.15 0.68 7.41
N PRO A 84 12.40 1.94 7.78
CA PRO A 84 11.43 2.78 8.49
C PRO A 84 10.25 3.17 7.61
N THR A 85 9.06 2.68 7.97
CA THR A 85 7.86 2.98 7.21
C THR A 85 7.07 4.10 7.86
N GLY A 86 7.07 4.13 9.19
CA GLY A 86 6.34 5.17 9.92
C GLY A 86 4.87 4.85 10.07
N PHE A 87 4.20 4.60 8.95
CA PHE A 87 2.78 4.28 8.96
C PHE A 87 2.56 2.77 9.02
N ASP A 88 2.19 2.27 10.20
CA ASP A 88 1.96 0.85 10.39
C ASP A 88 0.94 0.62 11.50
N ALA A 89 0.18 -0.47 11.38
CA ALA A 89 -0.83 -0.81 12.36
C ALA A 89 -1.47 -2.16 12.06
N ASP A 90 -1.10 -3.18 12.83
CA ASP A 90 -1.63 -4.52 12.65
C ASP A 90 -2.50 -4.94 13.83
N ILE A 91 -3.32 -4.01 14.31
CA ILE A 91 -4.20 -4.28 15.44
C ILE A 91 -5.15 -5.43 15.14
N SER A 92 -5.44 -6.23 16.17
CA SER A 92 -6.33 -7.37 16.01
C SER A 92 -5.86 -8.30 14.89
N GLY A 93 -4.55 -8.52 14.85
CA GLY A 93 -3.97 -9.38 13.83
C GLY A 93 -3.24 -10.57 14.41
N PRO A 94 -3.99 -11.63 14.76
CA PRO A 94 -3.43 -12.85 15.34
C PRO A 94 -2.60 -13.64 14.33
N SER A 95 -1.80 -14.58 14.83
CA SER A 95 -0.95 -15.39 13.98
C SER A 95 -1.78 -16.37 13.15
N SER A 96 -1.16 -17.01 12.18
CA SER A 96 -1.84 -17.96 11.32
C SER A 96 -1.12 -19.31 11.32
N GLY A 97 -1.84 -20.36 10.96
CA GLY A 97 -1.26 -21.69 10.92
C GLY A 97 -2.28 -22.79 11.21
N GLY A 1 -12.98 -6.79 -12.08
CA GLY A 1 -13.06 -5.34 -12.07
C GLY A 1 -12.40 -4.71 -13.29
N SER A 2 -12.09 -3.42 -13.19
CA SER A 2 -11.46 -2.70 -14.29
C SER A 2 -11.05 -1.30 -13.86
N SER A 3 -10.26 -0.64 -14.69
CA SER A 3 -9.79 0.71 -14.40
C SER A 3 -10.97 1.63 -14.07
N GLY A 4 -10.84 2.38 -12.98
CA GLY A 4 -11.90 3.28 -12.57
C GLY A 4 -11.50 4.74 -12.70
N SER A 5 -10.52 5.16 -11.90
CA SER A 5 -10.04 6.54 -11.94
C SER A 5 -8.61 6.63 -11.42
N SER A 6 -8.02 7.82 -11.55
CA SER A 6 -6.65 8.04 -11.10
C SER A 6 -6.63 8.93 -9.86
N GLY A 7 -5.46 9.01 -9.22
CA GLY A 7 -5.32 9.83 -8.03
C GLY A 7 -4.99 11.27 -8.36
N ARG A 8 -4.30 11.95 -7.44
CA ARG A 8 -3.92 13.33 -7.64
C ARG A 8 -2.51 13.60 -7.11
N LYS A 9 -2.04 14.82 -7.28
CA LYS A 9 -0.70 15.20 -6.82
C LYS A 9 -0.76 15.82 -5.42
N ILE A 10 0.07 15.29 -4.53
CA ILE A 10 0.12 15.77 -3.16
C ILE A 10 1.48 16.39 -2.84
N LEU A 11 1.86 17.40 -3.61
CA LEU A 11 3.13 18.08 -3.41
C LEU A 11 3.35 18.40 -1.93
N ASP A 12 2.41 19.10 -1.34
CA ASP A 12 2.50 19.47 0.07
C ASP A 12 1.16 20.02 0.58
N SER A 13 0.53 19.29 1.48
CA SER A 13 -0.75 19.70 2.05
C SER A 13 -1.08 18.90 3.30
N LYS A 14 -1.83 19.52 4.20
CA LYS A 14 -2.22 18.86 5.45
C LYS A 14 -2.63 17.41 5.20
N ALA A 15 -1.70 16.50 5.40
CA ALA A 15 -1.96 15.08 5.20
C ALA A 15 -0.82 14.23 5.75
N ILE A 16 -1.13 13.42 6.76
CA ILE A 16 -0.13 12.55 7.38
C ILE A 16 0.78 11.94 6.33
N ASP A 17 2.09 12.09 6.51
CA ASP A 17 3.07 11.54 5.58
C ASP A 17 3.04 10.02 5.60
N LEU A 18 2.03 9.45 4.94
CA LEU A 18 1.89 8.00 4.88
C LEU A 18 2.10 7.49 3.46
N MET A 19 1.67 8.29 2.49
CA MET A 19 1.82 7.93 1.08
C MET A 19 3.27 7.66 0.73
N ASN A 20 4.18 8.16 1.57
CA ASN A 20 5.61 7.98 1.34
C ASN A 20 5.92 6.53 0.98
N ALA A 21 5.40 5.60 1.78
CA ALA A 21 5.62 4.18 1.53
C ALA A 21 5.70 3.89 0.03
N LEU A 22 4.82 4.51 -0.73
CA LEU A 22 4.80 4.32 -2.18
C LEU A 22 6.11 4.77 -2.82
N MET A 23 6.34 6.08 -2.81
CA MET A 23 7.55 6.64 -3.39
C MET A 23 8.78 5.84 -2.95
N ARG A 24 8.82 5.48 -1.67
CA ARG A 24 9.93 4.72 -1.12
C ARG A 24 10.21 3.48 -1.97
N LEU A 25 9.21 2.61 -2.07
CA LEU A 25 9.35 1.38 -2.85
C LEU A 25 9.91 1.68 -4.24
N ASN A 26 9.57 2.84 -4.78
CA ASN A 26 10.04 3.25 -6.09
C ASN A 26 11.51 3.68 -6.04
N GLN A 27 11.84 4.48 -5.03
CA GLN A 27 13.21 4.97 -4.86
C GLN A 27 14.20 3.80 -4.89
N ILE A 28 13.96 2.80 -4.06
CA ILE A 28 14.84 1.64 -3.99
C ILE A 28 14.68 0.76 -5.23
N ARG A 29 13.45 0.64 -5.72
CA ARG A 29 13.16 -0.17 -6.89
C ARG A 29 12.29 0.60 -7.89
N PRO A 30 12.95 1.36 -8.77
CA PRO A 30 12.27 2.16 -9.79
C PRO A 30 11.62 1.29 -10.87
N GLY A 31 10.45 1.72 -11.34
CA GLY A 31 9.75 0.97 -12.37
C GLY A 31 9.02 -0.24 -11.81
N LEU A 32 8.03 0.02 -10.96
CA LEU A 32 7.26 -1.06 -10.35
C LEU A 32 5.88 -1.17 -11.00
N GLN A 33 5.31 -2.37 -10.95
CA GLN A 33 3.99 -2.61 -11.54
C GLN A 33 3.07 -3.31 -10.54
N TYR A 34 2.10 -2.57 -10.01
CA TYR A 34 1.16 -3.12 -9.05
C TYR A 34 -0.03 -3.76 -9.75
N LYS A 35 -0.52 -4.86 -9.20
CA LYS A 35 -1.67 -5.56 -9.77
C LYS A 35 -2.71 -5.85 -8.70
N LEU A 36 -3.98 -5.74 -9.08
CA LEU A 36 -5.08 -6.00 -8.15
C LEU A 36 -5.59 -7.43 -8.28
N LEU A 37 -5.13 -8.30 -7.38
CA LEU A 37 -5.53 -9.70 -7.39
C LEU A 37 -7.04 -9.83 -7.60
N SER A 38 -7.80 -9.22 -6.70
CA SER A 38 -9.26 -9.27 -6.78
C SER A 38 -9.89 -8.31 -5.79
N GLN A 39 -11.13 -7.90 -6.06
CA GLN A 39 -11.85 -6.97 -5.20
C GLN A 39 -13.15 -7.59 -4.70
N SER A 40 -13.37 -7.52 -3.39
CA SER A 40 -14.57 -8.08 -2.79
C SER A 40 -15.17 -7.12 -1.78
N GLY A 41 -16.49 -7.13 -1.65
CA GLY A 41 -17.17 -6.25 -0.72
C GLY A 41 -18.19 -5.36 -1.39
N PRO A 42 -18.72 -4.38 -0.64
CA PRO A 42 -19.72 -3.45 -1.15
C PRO A 42 -19.13 -2.47 -2.17
N VAL A 43 -19.96 -1.56 -2.65
CA VAL A 43 -19.53 -0.58 -3.64
C VAL A 43 -18.95 0.66 -2.96
N HIS A 44 -19.32 0.87 -1.70
CA HIS A 44 -18.85 2.01 -0.94
C HIS A 44 -17.65 1.62 -0.07
N ALA A 45 -17.61 0.36 0.34
CA ALA A 45 -16.52 -0.14 1.17
C ALA A 45 -15.87 -1.36 0.54
N PRO A 46 -15.46 -1.23 -0.73
CA PRO A 46 -14.81 -2.32 -1.47
C PRO A 46 -13.40 -2.60 -0.95
N VAL A 47 -12.93 -3.83 -1.19
CA VAL A 47 -11.60 -4.23 -0.75
C VAL A 47 -10.67 -4.42 -1.94
N PHE A 48 -9.80 -3.45 -2.16
CA PHE A 48 -8.85 -3.51 -3.27
C PHE A 48 -7.58 -4.25 -2.85
N THR A 49 -7.47 -5.50 -3.28
CA THR A 49 -6.31 -6.33 -2.96
C THR A 49 -5.21 -6.15 -4.00
N MET A 50 -4.14 -5.46 -3.61
CA MET A 50 -3.01 -5.23 -4.51
C MET A 50 -1.92 -6.27 -4.28
N SER A 51 -0.97 -6.33 -5.22
CA SER A 51 0.13 -7.28 -5.12
C SER A 51 1.33 -6.81 -5.92
N VAL A 52 2.52 -6.99 -5.36
CA VAL A 52 3.75 -6.57 -6.02
C VAL A 52 4.87 -7.59 -5.80
N ASP A 53 5.79 -7.66 -6.75
CA ASP A 53 6.92 -8.59 -6.67
C ASP A 53 8.23 -7.84 -6.49
N VAL A 54 8.83 -7.98 -5.31
CA VAL A 54 10.10 -7.32 -5.02
C VAL A 54 11.05 -8.26 -4.28
N ASP A 55 12.34 -8.18 -4.62
CA ASP A 55 13.35 -9.01 -3.98
C ASP A 55 12.91 -10.47 -3.96
N GLY A 56 12.21 -10.89 -5.01
CA GLY A 56 11.75 -12.26 -5.09
C GLY A 56 10.72 -12.59 -4.03
N THR A 57 9.97 -11.57 -3.60
CA THR A 57 8.95 -11.76 -2.58
C THR A 57 7.63 -11.10 -3.00
N THR A 58 6.63 -11.92 -3.26
CA THR A 58 5.32 -11.43 -3.67
C THR A 58 4.52 -10.94 -2.47
N TYR A 59 4.30 -9.64 -2.40
CA TYR A 59 3.54 -9.04 -1.30
C TYR A 59 2.08 -8.85 -1.69
N GLU A 60 1.20 -8.90 -0.69
CA GLU A 60 -0.22 -8.73 -0.92
C GLU A 60 -0.87 -7.92 0.21
N ALA A 61 -1.41 -6.76 -0.14
CA ALA A 61 -2.06 -5.89 0.83
C ALA A 61 -3.35 -5.30 0.27
N SER A 62 -4.45 -5.47 0.98
CA SER A 62 -5.74 -4.95 0.56
C SER A 62 -6.15 -3.75 1.40
N GLY A 63 -6.69 -2.73 0.73
CA GLY A 63 -7.11 -1.53 1.43
C GLY A 63 -8.49 -1.06 1.00
N PRO A 64 -8.90 0.12 1.50
CA PRO A 64 -10.21 0.69 1.18
C PRO A 64 -10.29 1.17 -0.27
N SER A 65 -9.13 1.46 -0.86
CA SER A 65 -9.07 1.92 -2.23
C SER A 65 -7.75 1.52 -2.89
N LYS A 66 -7.63 1.78 -4.19
CA LYS A 66 -6.43 1.43 -4.94
C LYS A 66 -5.21 2.12 -4.34
N LYS A 67 -5.24 3.45 -4.29
CA LYS A 67 -4.14 4.22 -3.74
C LYS A 67 -3.62 3.59 -2.46
N THR A 68 -4.51 3.43 -1.49
CA THR A 68 -4.15 2.84 -0.20
C THR A 68 -3.52 1.46 -0.38
N ALA A 69 -4.28 0.54 -0.96
CA ALA A 69 -3.80 -0.81 -1.20
C ALA A 69 -2.36 -0.80 -1.70
N LYS A 70 -2.11 -0.11 -2.80
CA LYS A 70 -0.78 -0.01 -3.39
C LYS A 70 0.24 0.42 -2.34
N LEU A 71 -0.19 1.33 -1.45
CA LEU A 71 0.68 1.82 -0.39
C LEU A 71 0.94 0.75 0.66
N HIS A 72 -0.13 0.16 1.17
CA HIS A 72 -0.01 -0.89 2.19
C HIS A 72 1.03 -1.91 1.79
N VAL A 73 0.95 -2.39 0.55
CA VAL A 73 1.90 -3.38 0.04
C VAL A 73 3.33 -2.93 0.26
N ALA A 74 3.64 -1.72 -0.21
CA ALA A 74 4.99 -1.17 -0.06
C ALA A 74 5.48 -1.29 1.38
N VAL A 75 4.63 -0.86 2.32
CA VAL A 75 4.98 -0.91 3.74
C VAL A 75 5.48 -2.30 4.12
N LYS A 76 4.75 -3.33 3.71
CA LYS A 76 5.12 -4.71 4.02
C LYS A 76 6.52 -5.02 3.48
N VAL A 77 6.80 -4.56 2.27
CA VAL A 77 8.10 -4.79 1.65
C VAL A 77 9.22 -4.22 2.50
N LEU A 78 9.12 -2.93 2.82
CA LEU A 78 10.13 -2.25 3.62
C LEU A 78 10.36 -3.00 4.94
N GLN A 79 9.27 -3.27 5.65
CA GLN A 79 9.35 -3.98 6.92
C GLN A 79 10.17 -5.25 6.79
N ALA A 80 9.81 -6.08 5.81
CA ALA A 80 10.51 -7.33 5.58
C ALA A 80 12.01 -7.11 5.43
N MET A 81 12.38 -6.19 4.55
CA MET A 81 13.79 -5.88 4.32
C MET A 81 14.45 -5.36 5.60
N GLY A 82 13.66 -4.72 6.45
CA GLY A 82 14.19 -4.19 7.69
C GLY A 82 14.26 -2.68 7.69
N TYR A 83 13.32 -2.04 7.02
CA TYR A 83 13.28 -0.59 6.94
C TYR A 83 12.15 -0.02 7.80
N PRO A 84 12.37 1.18 8.34
CA PRO A 84 11.38 1.86 9.20
C PRO A 84 10.16 2.33 8.41
N THR A 85 8.98 1.96 8.89
CA THR A 85 7.74 2.33 8.23
C THR A 85 6.75 2.93 9.23
N GLY A 86 7.17 3.04 10.48
CA GLY A 86 6.31 3.61 11.51
C GLY A 86 5.24 2.63 11.96
N PHE A 87 4.27 2.38 11.08
CA PHE A 87 3.17 1.47 11.39
C PHE A 87 3.65 0.02 11.35
N ASP A 88 3.97 -0.53 12.52
CA ASP A 88 4.44 -1.90 12.62
C ASP A 88 3.74 -2.62 13.76
N ALA A 89 3.84 -3.95 13.76
CA ALA A 89 3.21 -4.77 14.80
C ALA A 89 1.69 -4.64 14.76
N ASP A 90 1.12 -4.74 13.57
CA ASP A 90 -0.32 -4.64 13.39
C ASP A 90 -0.87 -5.86 12.67
N ILE A 91 -0.42 -7.03 13.08
CA ILE A 91 -0.88 -8.28 12.48
C ILE A 91 -2.40 -8.33 12.38
N SER A 92 -3.06 -7.50 13.18
CA SER A 92 -4.52 -7.45 13.19
C SER A 92 -5.02 -6.31 12.31
N GLY A 93 -6.26 -6.44 11.84
CA GLY A 93 -6.84 -5.41 11.00
C GLY A 93 -7.71 -5.99 9.89
N PRO A 94 -7.12 -6.18 8.71
CA PRO A 94 -7.83 -6.74 7.55
C PRO A 94 -8.17 -8.21 7.73
N SER A 95 -9.47 -8.52 7.67
CA SER A 95 -9.94 -9.89 7.84
C SER A 95 -9.05 -10.86 7.05
N SER A 96 -8.28 -11.66 7.77
CA SER A 96 -7.38 -12.63 7.14
C SER A 96 -8.17 -13.64 6.31
N GLY A 97 -9.10 -14.33 6.97
CA GLY A 97 -9.92 -15.32 6.27
C GLY A 97 -10.85 -14.69 5.26
N GLY A 1 4.16 -1.07 -20.69
CA GLY A 1 4.62 0.05 -21.49
C GLY A 1 3.59 1.16 -21.54
N SER A 2 3.54 1.86 -22.68
CA SER A 2 2.60 2.97 -22.85
C SER A 2 1.19 2.56 -22.42
N SER A 3 0.55 3.42 -21.65
CA SER A 3 -0.80 3.15 -21.15
C SER A 3 -1.80 4.14 -21.75
N GLY A 4 -2.99 3.63 -22.08
CA GLY A 4 -4.01 4.48 -22.65
C GLY A 4 -4.27 5.72 -21.82
N SER A 5 -4.92 5.54 -20.67
CA SER A 5 -5.23 6.64 -19.77
C SER A 5 -4.41 6.56 -18.49
N SER A 6 -4.06 7.72 -17.94
CA SER A 6 -3.28 7.78 -16.72
C SER A 6 -3.78 8.90 -15.80
N GLY A 7 -4.42 8.50 -14.71
CA GLY A 7 -4.94 9.47 -13.76
C GLY A 7 -3.88 10.02 -12.84
N ARG A 8 -2.80 10.53 -13.42
CA ARG A 8 -1.69 11.08 -12.64
C ARG A 8 -2.17 12.24 -11.77
N LYS A 9 -3.28 12.86 -12.18
CA LYS A 9 -3.85 13.98 -11.43
C LYS A 9 -4.88 13.50 -10.43
N ILE A 10 -5.22 14.36 -9.48
CA ILE A 10 -6.20 14.02 -8.45
C ILE A 10 -7.07 15.22 -8.11
N LEU A 11 -8.11 14.98 -7.31
CA LEU A 11 -9.02 16.05 -6.91
C LEU A 11 -9.09 16.17 -5.38
N ASP A 12 -9.09 15.02 -4.72
CA ASP A 12 -9.15 14.98 -3.26
C ASP A 12 -8.47 13.73 -2.72
N SER A 13 -7.48 13.92 -1.85
CA SER A 13 -6.75 12.81 -1.26
C SER A 13 -6.14 13.20 0.08
N LYS A 14 -6.02 12.24 0.98
CA LYS A 14 -5.46 12.48 2.30
C LYS A 14 -4.09 11.82 2.44
N ALA A 15 -3.05 12.53 2.01
CA ALA A 15 -1.69 12.02 2.09
C ALA A 15 -0.90 12.74 3.17
N ILE A 16 -0.95 12.20 4.39
CA ILE A 16 -0.23 12.79 5.51
C ILE A 16 0.95 11.92 5.94
N ASP A 17 2.13 12.27 5.47
CA ASP A 17 3.34 11.51 5.79
C ASP A 17 3.07 10.02 5.77
N LEU A 18 2.20 9.59 4.85
CA LEU A 18 1.85 8.19 4.72
C LEU A 18 2.09 7.70 3.29
N MET A 19 1.92 8.60 2.33
CA MET A 19 2.11 8.27 0.92
C MET A 19 3.57 7.95 0.64
N ASN A 20 4.43 8.13 1.65
CA ASN A 20 5.85 7.87 1.50
C ASN A 20 6.10 6.42 1.08
N ALA A 21 5.54 5.49 1.85
CA ALA A 21 5.70 4.07 1.57
C ALA A 21 5.75 3.82 0.06
N LEU A 22 4.99 4.60 -0.69
CA LEU A 22 4.95 4.45 -2.14
C LEU A 22 6.25 4.96 -2.78
N MET A 23 6.48 6.26 -2.68
CA MET A 23 7.69 6.86 -3.24
C MET A 23 8.93 6.10 -2.80
N ARG A 24 8.88 5.52 -1.60
CA ARG A 24 10.00 4.76 -1.07
C ARG A 24 10.27 3.53 -1.91
N LEU A 25 9.28 2.66 -2.03
CA LEU A 25 9.41 1.44 -2.81
C LEU A 25 10.03 1.73 -4.18
N ASN A 26 9.64 2.86 -4.77
CA ASN A 26 10.17 3.25 -6.07
C ASN A 26 11.64 3.62 -5.98
N GLN A 27 12.01 4.30 -4.90
CA GLN A 27 13.40 4.71 -4.69
C GLN A 27 14.32 3.51 -4.68
N ILE A 28 14.01 2.53 -3.83
CA ILE A 28 14.82 1.33 -3.72
C ILE A 28 14.59 0.41 -4.90
N ARG A 29 13.34 0.32 -5.35
CA ARG A 29 12.99 -0.53 -6.49
C ARG A 29 12.28 0.28 -7.57
N PRO A 30 13.06 0.84 -8.50
CA PRO A 30 12.54 1.64 -9.60
C PRO A 30 11.77 0.80 -10.62
N GLY A 31 10.74 1.40 -11.22
CA GLY A 31 9.94 0.68 -12.20
C GLY A 31 9.19 -0.49 -11.60
N LEU A 32 8.16 -0.18 -10.81
CA LEU A 32 7.36 -1.22 -10.17
C LEU A 32 6.00 -1.37 -10.85
N GLN A 33 5.38 -2.52 -10.67
CA GLN A 33 4.08 -2.78 -11.28
C GLN A 33 3.12 -3.39 -10.26
N TYR A 34 2.07 -2.65 -9.91
CA TYR A 34 1.08 -3.12 -8.95
C TYR A 34 -0.16 -3.66 -9.65
N LYS A 35 -0.63 -4.81 -9.18
CA LYS A 35 -1.81 -5.44 -9.77
C LYS A 35 -2.85 -5.76 -8.69
N LEU A 36 -4.11 -5.74 -9.07
CA LEU A 36 -5.20 -6.03 -8.15
C LEU A 36 -5.65 -7.48 -8.27
N LEU A 37 -5.16 -8.32 -7.35
CA LEU A 37 -5.52 -9.73 -7.35
C LEU A 37 -7.02 -9.92 -7.53
N SER A 38 -7.80 -9.27 -6.67
CA SER A 38 -9.25 -9.36 -6.74
C SER A 38 -9.90 -8.36 -5.78
N GLN A 39 -11.19 -8.09 -6.00
CA GLN A 39 -11.92 -7.15 -5.16
C GLN A 39 -13.19 -7.79 -4.61
N SER A 40 -13.41 -7.64 -3.31
CA SER A 40 -14.58 -8.21 -2.66
C SER A 40 -15.26 -7.17 -1.77
N GLY A 41 -16.49 -7.46 -1.38
CA GLY A 41 -17.24 -6.54 -0.52
C GLY A 41 -18.25 -5.73 -1.30
N PRO A 42 -18.82 -4.71 -0.65
CA PRO A 42 -19.82 -3.83 -1.26
C PRO A 42 -19.22 -2.93 -2.33
N VAL A 43 -20.03 -2.02 -2.85
CA VAL A 43 -19.58 -1.09 -3.88
C VAL A 43 -19.03 0.20 -3.27
N HIS A 44 -19.48 0.50 -2.06
CA HIS A 44 -19.03 1.70 -1.36
C HIS A 44 -17.83 1.40 -0.48
N ALA A 45 -17.76 0.17 0.03
CA ALA A 45 -16.65 -0.23 0.88
C ALA A 45 -15.96 -1.48 0.33
N PRO A 46 -15.56 -1.41 -0.94
CA PRO A 46 -14.88 -2.53 -1.62
C PRO A 46 -13.47 -2.75 -1.08
N VAL A 47 -12.97 -3.97 -1.25
CA VAL A 47 -11.63 -4.32 -0.78
C VAL A 47 -10.67 -4.51 -1.95
N PHE A 48 -9.89 -3.48 -2.24
CA PHE A 48 -8.93 -3.52 -3.33
C PHE A 48 -7.64 -4.21 -2.89
N THR A 49 -7.50 -5.48 -3.27
CA THR A 49 -6.31 -6.25 -2.91
C THR A 49 -5.22 -6.08 -3.96
N MET A 50 -4.15 -5.38 -3.59
CA MET A 50 -3.03 -5.16 -4.51
C MET A 50 -1.91 -6.16 -4.24
N SER A 51 -1.03 -6.33 -5.22
CA SER A 51 0.08 -7.26 -5.10
C SER A 51 1.28 -6.78 -5.91
N VAL A 52 2.48 -7.01 -5.38
CA VAL A 52 3.70 -6.60 -6.06
C VAL A 52 4.81 -7.64 -5.86
N ASP A 53 5.80 -7.61 -6.75
CA ASP A 53 6.91 -8.55 -6.68
C ASP A 53 8.22 -7.82 -6.42
N VAL A 54 8.83 -8.08 -5.27
CA VAL A 54 10.09 -7.45 -4.91
C VAL A 54 11.07 -8.45 -4.31
N ASP A 55 12.31 -8.44 -4.81
CA ASP A 55 13.33 -9.35 -4.33
C ASP A 55 12.79 -10.78 -4.24
N GLY A 56 12.22 -11.27 -5.33
CA GLY A 56 11.68 -12.60 -5.35
C GLY A 56 10.64 -12.83 -4.26
N THR A 57 10.03 -11.74 -3.80
CA THR A 57 9.02 -11.82 -2.76
C THR A 57 7.73 -11.13 -3.19
N THR A 58 6.65 -11.91 -3.28
CA THR A 58 5.35 -11.37 -3.67
C THR A 58 4.57 -10.87 -2.47
N TYR A 59 4.35 -9.56 -2.41
CA TYR A 59 3.61 -8.96 -1.31
C TYR A 59 2.16 -8.66 -1.72
N GLU A 60 1.26 -8.73 -0.74
CA GLU A 60 -0.16 -8.48 -1.00
C GLU A 60 -0.80 -7.76 0.18
N ALA A 61 -1.44 -6.63 -0.10
CA ALA A 61 -2.10 -5.85 0.93
C ALA A 61 -3.46 -5.33 0.46
N SER A 62 -4.48 -5.55 1.28
CA SER A 62 -5.84 -5.11 0.93
C SER A 62 -6.16 -3.77 1.59
N GLY A 63 -6.69 -2.85 0.80
CA GLY A 63 -7.04 -1.54 1.32
C GLY A 63 -8.43 -1.09 0.91
N PRO A 64 -8.89 0.03 1.47
CA PRO A 64 -10.21 0.59 1.17
C PRO A 64 -10.28 1.16 -0.24
N SER A 65 -9.14 1.26 -0.89
CA SER A 65 -9.07 1.79 -2.25
C SER A 65 -7.76 1.41 -2.93
N LYS A 66 -7.72 1.51 -4.25
CA LYS A 66 -6.53 1.17 -5.02
C LYS A 66 -5.35 2.04 -4.59
N LYS A 67 -5.61 3.32 -4.36
CA LYS A 67 -4.58 4.25 -3.93
C LYS A 67 -3.92 3.78 -2.63
N THR A 68 -4.73 3.36 -1.68
CA THR A 68 -4.23 2.89 -0.40
C THR A 68 -3.51 1.55 -0.55
N ALA A 69 -4.23 0.54 -1.02
CA ALA A 69 -3.66 -0.78 -1.22
C ALA A 69 -2.21 -0.69 -1.69
N LYS A 70 -2.01 -0.13 -2.89
CA LYS A 70 -0.67 0.02 -3.44
C LYS A 70 0.31 0.51 -2.39
N LEU A 71 -0.15 1.43 -1.55
CA LEU A 71 0.70 1.98 -0.49
C LEU A 71 0.92 0.96 0.62
N HIS A 72 -0.16 0.30 1.03
CA HIS A 72 -0.09 -0.70 2.09
C HIS A 72 0.93 -1.79 1.74
N VAL A 73 0.88 -2.26 0.49
CA VAL A 73 1.80 -3.29 0.03
C VAL A 73 3.25 -2.88 0.26
N ALA A 74 3.60 -1.69 -0.23
CA ALA A 74 4.96 -1.17 -0.08
C ALA A 74 5.42 -1.25 1.37
N VAL A 75 4.52 -0.89 2.29
CA VAL A 75 4.84 -0.91 3.70
C VAL A 75 5.34 -2.28 4.14
N LYS A 76 4.70 -3.33 3.63
CA LYS A 76 5.09 -4.69 3.96
C LYS A 76 6.47 -5.02 3.39
N VAL A 77 6.72 -4.56 2.17
CA VAL A 77 8.01 -4.80 1.52
C VAL A 77 9.16 -4.22 2.33
N LEU A 78 9.00 -2.97 2.75
CA LEU A 78 10.03 -2.30 3.54
C LEU A 78 10.23 -2.99 4.88
N GLN A 79 9.13 -3.43 5.48
CA GLN A 79 9.18 -4.11 6.77
C GLN A 79 10.06 -5.36 6.69
N ALA A 80 9.97 -6.07 5.55
CA ALA A 80 10.75 -7.27 5.34
C ALA A 80 12.24 -6.98 5.31
N MET A 81 12.61 -5.95 4.53
CA MET A 81 14.01 -5.56 4.41
C MET A 81 14.54 -5.02 5.74
N GLY A 82 13.64 -4.47 6.55
CA GLY A 82 14.04 -3.91 7.84
C GLY A 82 14.12 -2.40 7.82
N TYR A 83 13.24 -1.77 7.05
CA TYR A 83 13.21 -0.31 6.96
C TYR A 83 12.06 0.27 7.75
N PRO A 84 12.19 1.54 8.15
CA PRO A 84 11.17 2.25 8.93
C PRO A 84 9.91 2.53 8.11
N THR A 85 8.76 2.10 8.62
CA THR A 85 7.49 2.31 7.93
C THR A 85 6.49 3.01 8.84
N GLY A 86 6.11 4.23 8.47
CA GLY A 86 5.16 4.99 9.25
C GLY A 86 3.94 5.39 8.46
N PHE A 87 2.86 4.64 8.62
CA PHE A 87 1.62 4.91 7.91
C PHE A 87 0.49 5.21 8.89
N ASP A 88 0.54 4.57 10.05
CA ASP A 88 -0.49 4.77 11.08
C ASP A 88 0.13 5.33 12.36
N ALA A 89 -0.69 6.00 13.16
CA ALA A 89 -0.22 6.58 14.42
C ALA A 89 -0.99 6.00 15.60
N ASP A 90 -1.15 4.68 15.61
CA ASP A 90 -1.86 4.00 16.68
C ASP A 90 -1.66 2.49 16.59
N ILE A 91 -0.90 1.94 17.52
CA ILE A 91 -0.64 0.51 17.55
C ILE A 91 -1.92 -0.28 17.80
N SER A 92 -2.31 -1.10 16.82
CA SER A 92 -3.52 -1.90 16.93
C SER A 92 -3.61 -2.90 15.77
N GLY A 93 -3.78 -4.17 16.12
CA GLY A 93 -3.89 -5.21 15.10
C GLY A 93 -5.32 -5.69 14.92
N PRO A 94 -5.46 -6.88 14.31
CA PRO A 94 -6.77 -7.49 14.07
C PRO A 94 -7.46 -7.94 15.36
N SER A 95 -8.40 -7.14 15.83
CA SER A 95 -9.14 -7.45 17.05
C SER A 95 -9.99 -8.70 16.86
N SER A 96 -10.71 -8.75 15.74
CA SER A 96 -11.58 -9.89 15.44
C SER A 96 -10.85 -11.21 15.69
N GLY A 97 -9.61 -11.29 15.24
CA GLY A 97 -8.83 -12.50 15.42
C GLY A 97 -7.62 -12.28 16.31
N GLY A 1 -12.79 -3.17 -19.83
CA GLY A 1 -12.34 -2.38 -20.96
C GLY A 1 -10.83 -2.23 -21.03
N SER A 2 -10.31 -1.24 -20.31
CA SER A 2 -8.87 -0.99 -20.30
C SER A 2 -8.34 -0.99 -18.87
N SER A 3 -9.13 -0.44 -17.96
CA SER A 3 -8.74 -0.36 -16.55
C SER A 3 -7.31 0.17 -16.41
N GLY A 4 -7.06 1.34 -16.99
CA GLY A 4 -5.74 1.94 -16.91
C GLY A 4 -5.80 3.44 -16.74
N SER A 5 -6.21 3.89 -15.55
CA SER A 5 -6.31 5.31 -15.27
C SER A 5 -5.94 5.60 -13.82
N SER A 6 -4.89 6.39 -13.63
CA SER A 6 -4.43 6.75 -12.29
C SER A 6 -4.02 8.22 -12.23
N GLY A 7 -4.67 8.96 -11.34
CA GLY A 7 -4.36 10.36 -11.19
C GLY A 7 -3.37 10.64 -10.07
N ARG A 8 -3.23 11.90 -9.70
CA ARG A 8 -2.31 12.28 -8.64
C ARG A 8 -2.74 13.60 -7.98
N LYS A 9 -2.49 13.72 -6.69
CA LYS A 9 -2.85 14.93 -5.94
C LYS A 9 -2.17 14.95 -4.59
N ILE A 10 -1.83 16.14 -4.12
CA ILE A 10 -1.17 16.31 -2.84
C ILE A 10 -1.87 17.37 -1.99
N LEU A 11 -2.45 16.93 -0.87
CA LEU A 11 -3.16 17.84 0.03
C LEU A 11 -2.22 18.35 1.13
N ASP A 12 -2.55 19.52 1.67
CA ASP A 12 -1.73 20.13 2.72
C ASP A 12 -2.51 20.17 4.03
N SER A 13 -2.42 19.09 4.81
CA SER A 13 -3.12 19.01 6.09
C SER A 13 -2.57 17.86 6.93
N LYS A 14 -2.74 17.97 8.25
CA LYS A 14 -2.27 16.94 9.16
C LYS A 14 -2.64 15.55 8.67
N ALA A 15 -1.64 14.72 8.44
CA ALA A 15 -1.86 13.35 7.96
C ALA A 15 -0.56 12.57 7.94
N ILE A 16 -0.48 11.55 8.79
CA ILE A 16 0.71 10.71 8.86
C ILE A 16 1.30 10.47 7.48
N ASP A 17 2.55 10.90 7.30
CA ASP A 17 3.24 10.74 6.03
C ASP A 17 3.33 9.26 5.64
N LEU A 18 2.22 8.71 5.18
CA LEU A 18 2.19 7.31 4.78
C LEU A 18 2.62 7.14 3.32
N MET A 19 2.05 7.96 2.44
CA MET A 19 2.39 7.90 1.02
C MET A 19 3.89 7.74 0.82
N ASN A 20 4.66 8.25 1.77
CA ASN A 20 6.12 8.17 1.70
C ASN A 20 6.56 6.78 1.25
N ALA A 21 5.94 5.75 1.80
CA ALA A 21 6.26 4.37 1.46
C ALA A 21 6.28 4.18 -0.06
N LEU A 22 5.17 4.51 -0.71
CA LEU A 22 5.07 4.37 -2.16
C LEU A 22 6.33 4.87 -2.85
N MET A 23 6.70 6.12 -2.55
CA MET A 23 7.89 6.72 -3.14
C MET A 23 9.13 5.89 -2.81
N ARG A 24 9.21 5.42 -1.57
CA ARG A 24 10.35 4.62 -1.13
C ARG A 24 10.49 3.36 -1.98
N LEU A 25 9.40 2.60 -2.07
CA LEU A 25 9.39 1.36 -2.85
C LEU A 25 10.02 1.58 -4.22
N ASN A 26 9.67 2.69 -4.85
CA ASN A 26 10.20 3.03 -6.17
C ASN A 26 11.68 3.43 -6.08
N GLN A 27 12.02 4.15 -5.03
CA GLN A 27 13.39 4.60 -4.83
C GLN A 27 14.36 3.41 -4.83
N ILE A 28 14.12 2.47 -3.92
CA ILE A 28 14.98 1.28 -3.82
C ILE A 28 14.78 0.37 -5.03
N ARG A 29 13.55 0.26 -5.50
CA ARG A 29 13.24 -0.58 -6.64
C ARG A 29 12.46 0.21 -7.70
N PRO A 30 13.19 0.88 -8.60
CA PRO A 30 12.59 1.68 -9.67
C PRO A 30 11.92 0.81 -10.73
N GLY A 31 10.82 1.32 -11.29
CA GLY A 31 10.10 0.59 -12.31
C GLY A 31 9.42 -0.65 -11.75
N LEU A 32 8.38 -0.43 -10.95
CA LEU A 32 7.64 -1.53 -10.35
C LEU A 32 6.31 -1.76 -11.07
N GLN A 33 5.67 -2.88 -10.78
CA GLN A 33 4.38 -3.21 -11.40
C GLN A 33 3.42 -3.77 -10.37
N TYR A 34 2.30 -3.06 -10.17
CA TYR A 34 1.29 -3.48 -9.21
C TYR A 34 0.07 -4.06 -9.92
N LYS A 35 -0.57 -5.03 -9.28
CA LYS A 35 -1.75 -5.68 -9.86
C LYS A 35 -2.78 -5.97 -8.77
N LEU A 36 -4.06 -5.87 -9.14
CA LEU A 36 -5.15 -6.13 -8.20
C LEU A 36 -5.62 -7.57 -8.29
N LEU A 37 -5.10 -8.42 -7.42
CA LEU A 37 -5.46 -9.83 -7.39
C LEU A 37 -6.97 -10.00 -7.57
N SER A 38 -7.74 -9.33 -6.72
CA SER A 38 -9.19 -9.41 -6.78
C SER A 38 -9.84 -8.42 -5.81
N GLN A 39 -11.08 -8.05 -6.07
CA GLN A 39 -11.80 -7.12 -5.21
C GLN A 39 -13.08 -7.76 -4.67
N SER A 40 -13.30 -7.62 -3.37
CA SER A 40 -14.48 -8.18 -2.73
C SER A 40 -15.11 -7.17 -1.76
N GLY A 41 -16.32 -7.48 -1.30
CA GLY A 41 -17.01 -6.59 -0.38
C GLY A 41 -18.10 -5.80 -1.06
N PRO A 42 -18.67 -4.83 -0.33
CA PRO A 42 -19.75 -3.98 -0.83
C PRO A 42 -19.26 -3.01 -1.91
N VAL A 43 -20.15 -2.12 -2.34
CA VAL A 43 -19.81 -1.15 -3.37
C VAL A 43 -19.28 0.13 -2.75
N HIS A 44 -19.64 0.39 -1.50
CA HIS A 44 -19.19 1.57 -0.79
C HIS A 44 -17.95 1.28 0.05
N ALA A 45 -17.85 0.05 0.54
CA ALA A 45 -16.71 -0.36 1.35
C ALA A 45 -16.03 -1.58 0.76
N PRO A 46 -15.66 -1.50 -0.53
CA PRO A 46 -15.00 -2.59 -1.24
C PRO A 46 -13.57 -2.80 -0.77
N VAL A 47 -12.99 -3.95 -1.13
CA VAL A 47 -11.63 -4.27 -0.74
C VAL A 47 -10.73 -4.45 -1.96
N PHE A 48 -9.73 -3.59 -2.07
CA PHE A 48 -8.79 -3.65 -3.19
C PHE A 48 -7.50 -4.35 -2.79
N THR A 49 -7.37 -5.61 -3.22
CA THR A 49 -6.18 -6.39 -2.90
C THR A 49 -5.09 -6.19 -3.95
N MET A 50 -4.03 -5.50 -3.56
CA MET A 50 -2.91 -5.24 -4.47
C MET A 50 -1.79 -6.25 -4.25
N SER A 51 -0.83 -6.26 -5.17
CA SER A 51 0.30 -7.18 -5.07
C SER A 51 1.46 -6.71 -5.96
N VAL A 52 2.68 -6.94 -5.49
CA VAL A 52 3.87 -6.55 -6.24
C VAL A 52 4.97 -7.57 -6.10
N ASP A 53 5.88 -7.60 -7.08
CA ASP A 53 6.99 -8.55 -7.06
C ASP A 53 8.31 -7.82 -6.81
N VAL A 54 8.88 -8.00 -5.63
CA VAL A 54 10.14 -7.37 -5.27
C VAL A 54 11.12 -8.38 -4.70
N ASP A 55 12.34 -8.37 -5.21
CA ASP A 55 13.38 -9.28 -4.74
C ASP A 55 12.83 -10.71 -4.61
N GLY A 56 12.08 -11.13 -5.63
CA GLY A 56 11.51 -12.47 -5.61
C GLY A 56 10.54 -12.66 -4.46
N THR A 57 9.91 -11.57 -4.03
CA THR A 57 8.96 -11.63 -2.93
C THR A 57 7.63 -10.97 -3.33
N THR A 58 6.61 -11.79 -3.54
CA THR A 58 5.29 -11.29 -3.92
C THR A 58 4.50 -10.86 -2.69
N TYR A 59 4.28 -9.55 -2.56
CA TYR A 59 3.53 -9.01 -1.44
C TYR A 59 2.06 -8.83 -1.79
N GLU A 60 1.21 -8.72 -0.77
CA GLU A 60 -0.22 -8.55 -0.97
C GLU A 60 -0.84 -7.76 0.18
N ALA A 61 -1.45 -6.63 -0.14
CA ALA A 61 -2.09 -5.80 0.86
C ALA A 61 -3.48 -5.36 0.41
N SER A 62 -4.47 -5.60 1.26
CA SER A 62 -5.85 -5.23 0.95
C SER A 62 -6.29 -4.02 1.77
N GLY A 63 -6.85 -3.03 1.08
CA GLY A 63 -7.30 -1.83 1.76
C GLY A 63 -8.71 -1.42 1.34
N PRO A 64 -9.17 -0.28 1.86
CA PRO A 64 -10.51 0.25 1.56
C PRO A 64 -10.61 0.74 0.12
N SER A 65 -9.48 1.04 -0.49
CA SER A 65 -9.44 1.53 -1.87
C SER A 65 -8.15 1.11 -2.56
N LYS A 66 -8.05 1.43 -3.85
CA LYS A 66 -6.87 1.09 -4.63
C LYS A 66 -5.69 1.98 -4.26
N LYS A 67 -5.90 3.29 -4.30
CA LYS A 67 -4.86 4.25 -3.97
C LYS A 67 -4.16 3.85 -2.67
N THR A 68 -4.94 3.39 -1.70
CA THR A 68 -4.38 2.98 -0.41
C THR A 68 -3.77 1.59 -0.49
N ALA A 69 -4.47 0.68 -1.16
CA ALA A 69 -3.99 -0.70 -1.32
C ALA A 69 -2.51 -0.72 -1.71
N LYS A 70 -2.19 -0.07 -2.81
CA LYS A 70 -0.82 -0.02 -3.30
C LYS A 70 0.13 0.44 -2.19
N LEU A 71 -0.29 1.46 -1.45
CA LEU A 71 0.52 1.99 -0.36
C LEU A 71 0.79 0.92 0.69
N HIS A 72 -0.28 0.29 1.18
CA HIS A 72 -0.16 -0.76 2.19
C HIS A 72 0.86 -1.81 1.76
N VAL A 73 0.84 -2.16 0.48
CA VAL A 73 1.77 -3.15 -0.05
C VAL A 73 3.22 -2.73 0.18
N ALA A 74 3.55 -1.51 -0.25
CA ALA A 74 4.90 -1.00 -0.09
C ALA A 74 5.37 -1.13 1.35
N VAL A 75 4.56 -0.63 2.28
CA VAL A 75 4.89 -0.69 3.70
C VAL A 75 5.42 -2.07 4.08
N LYS A 76 4.68 -3.11 3.69
CA LYS A 76 5.07 -4.48 3.99
C LYS A 76 6.49 -4.76 3.52
N VAL A 77 6.76 -4.49 2.24
CA VAL A 77 8.07 -4.71 1.67
C VAL A 77 9.17 -4.14 2.56
N LEU A 78 9.10 -2.83 2.81
CA LEU A 78 10.08 -2.17 3.66
C LEU A 78 10.24 -2.89 4.99
N GLN A 79 9.13 -3.12 5.68
CA GLN A 79 9.15 -3.81 6.97
C GLN A 79 9.89 -5.14 6.86
N ALA A 80 9.53 -5.93 5.84
CA ALA A 80 10.17 -7.22 5.64
C ALA A 80 11.68 -7.08 5.56
N MET A 81 12.15 -6.17 4.71
CA MET A 81 13.59 -5.95 4.55
C MET A 81 14.21 -5.45 5.85
N GLY A 82 13.42 -4.73 6.64
CA GLY A 82 13.92 -4.22 7.91
C GLY A 82 14.07 -2.70 7.89
N TYR A 83 13.17 -2.02 7.21
CA TYR A 83 13.21 -0.56 7.11
C TYR A 83 12.14 0.07 8.00
N PRO A 84 12.44 1.27 8.52
CA PRO A 84 11.52 2.00 9.39
C PRO A 84 10.30 2.53 8.63
N THR A 85 9.15 1.91 8.86
CA THR A 85 7.92 2.31 8.20
C THR A 85 6.99 3.05 9.16
N GLY A 86 7.58 3.87 10.03
CA GLY A 86 6.80 4.63 10.98
C GLY A 86 5.63 3.84 11.53
N PHE A 87 5.82 2.52 11.67
CA PHE A 87 4.78 1.65 12.19
C PHE A 87 5.37 0.36 12.73
N ASP A 88 4.92 -0.04 13.92
CA ASP A 88 5.40 -1.26 14.55
C ASP A 88 4.25 -2.19 14.90
N ALA A 89 4.58 -3.44 15.21
CA ALA A 89 3.56 -4.43 15.56
C ALA A 89 3.74 -4.90 17.01
N ASP A 90 3.51 -4.00 17.95
CA ASP A 90 3.65 -4.33 19.37
C ASP A 90 2.42 -3.89 20.15
N ILE A 91 1.25 -3.94 19.49
CA ILE A 91 0.00 -3.54 20.13
C ILE A 91 -0.02 -3.93 21.60
N SER A 92 -0.65 -3.10 22.43
CA SER A 92 -0.74 -3.36 23.86
C SER A 92 -1.76 -4.45 24.15
N GLY A 93 -1.30 -5.69 24.18
CA GLY A 93 -2.19 -6.81 24.45
C GLY A 93 -2.46 -7.65 23.22
N PRO A 94 -1.54 -8.57 22.92
CA PRO A 94 -1.66 -9.47 21.75
C PRO A 94 -2.79 -10.48 21.92
N SER A 95 -3.47 -10.77 20.81
CA SER A 95 -4.57 -11.73 20.84
C SER A 95 -4.69 -12.44 19.49
N SER A 96 -5.62 -13.40 19.42
CA SER A 96 -5.84 -14.16 18.19
C SER A 96 -6.18 -13.24 17.04
N GLY A 97 -7.19 -12.39 17.24
CA GLY A 97 -7.62 -11.47 16.20
C GLY A 97 -7.64 -12.12 14.83
N GLY A 1 -13.21 4.66 -9.66
CA GLY A 1 -12.75 4.82 -11.03
C GLY A 1 -11.49 5.65 -11.12
N SER A 2 -11.03 5.87 -12.36
CA SER A 2 -9.82 6.65 -12.59
C SER A 2 -10.08 7.76 -13.60
N SER A 3 -10.67 7.41 -14.73
CA SER A 3 -10.97 8.37 -15.78
C SER A 3 -9.70 9.03 -16.30
N GLY A 4 -8.66 8.23 -16.50
CA GLY A 4 -7.40 8.74 -16.98
C GLY A 4 -6.79 9.77 -16.04
N SER A 5 -6.38 9.32 -14.86
CA SER A 5 -5.79 10.21 -13.87
C SER A 5 -4.27 10.08 -13.87
N SER A 6 -3.61 10.98 -13.15
CA SER A 6 -2.15 10.97 -13.07
C SER A 6 -1.69 10.57 -11.66
N GLY A 7 -2.31 11.19 -10.66
CA GLY A 7 -1.95 10.88 -9.28
C GLY A 7 -1.00 11.90 -8.70
N ARG A 8 0.22 11.94 -9.24
CA ARG A 8 1.23 12.89 -8.77
C ARG A 8 0.64 14.28 -8.58
N LYS A 9 0.59 14.72 -7.32
CA LYS A 9 0.05 16.03 -7.00
C LYS A 9 0.42 16.44 -5.58
N ILE A 10 0.84 17.69 -5.42
CA ILE A 10 1.22 18.20 -4.11
C ILE A 10 0.48 19.50 -3.79
N LEU A 11 0.05 19.64 -2.54
CA LEU A 11 -0.67 20.83 -2.11
C LEU A 11 -0.24 21.24 -0.69
N ASP A 12 -0.01 22.53 -0.51
CA ASP A 12 0.40 23.05 0.80
C ASP A 12 -0.69 22.80 1.84
N SER A 13 -0.54 21.72 2.60
CA SER A 13 -1.51 21.38 3.63
C SER A 13 -0.98 20.24 4.51
N LYS A 14 -1.45 20.21 5.75
CA LYS A 14 -1.03 19.17 6.70
C LYS A 14 -1.59 17.81 6.28
N ALA A 15 -0.71 16.83 6.18
CA ALA A 15 -1.11 15.48 5.80
C ALA A 15 -0.09 14.44 6.27
N ILE A 16 -0.51 13.58 7.19
CA ILE A 16 0.37 12.55 7.73
C ILE A 16 1.28 11.98 6.64
N ASP A 17 2.58 12.15 6.83
CA ASP A 17 3.55 11.64 5.86
C ASP A 17 3.43 10.14 5.70
N LEU A 18 2.41 9.71 4.96
CA LEU A 18 2.18 8.29 4.72
C LEU A 18 2.48 7.91 3.27
N MET A 19 1.99 8.72 2.35
CA MET A 19 2.21 8.49 0.92
C MET A 19 3.68 8.23 0.64
N ASN A 20 4.54 8.66 1.56
CA ASN A 20 5.98 8.48 1.41
C ASN A 20 6.32 7.02 1.09
N ALA A 21 5.80 6.11 1.91
CA ALA A 21 6.03 4.69 1.72
C ALA A 21 6.07 4.33 0.24
N LEU A 22 5.09 4.82 -0.50
CA LEU A 22 5.01 4.55 -1.94
C LEU A 22 6.29 4.99 -2.65
N MET A 23 6.67 6.25 -2.44
CA MET A 23 7.87 6.78 -3.06
C MET A 23 9.08 5.90 -2.77
N ARG A 24 9.18 5.43 -1.53
CA ARG A 24 10.28 4.57 -1.12
C ARG A 24 10.41 3.37 -2.05
N LEU A 25 9.37 2.54 -2.08
CA LEU A 25 9.37 1.35 -2.92
C LEU A 25 9.95 1.66 -4.30
N ASN A 26 9.54 2.79 -4.87
CA ASN A 26 10.02 3.20 -6.18
C ASN A 26 11.48 3.62 -6.12
N GLN A 27 11.83 4.36 -5.06
CA GLN A 27 13.20 4.83 -4.87
C GLN A 27 14.17 3.67 -4.82
N ILE A 28 13.87 2.68 -3.98
CA ILE A 28 14.73 1.51 -3.84
C ILE A 28 14.49 0.52 -4.97
N ARG A 29 13.25 0.44 -5.43
CA ARG A 29 12.88 -0.48 -6.50
C ARG A 29 12.16 0.26 -7.62
N PRO A 30 12.92 0.77 -8.59
CA PRO A 30 12.37 1.50 -9.74
C PRO A 30 11.60 0.60 -10.69
N GLY A 31 10.79 1.21 -11.55
CA GLY A 31 10.01 0.44 -12.51
C GLY A 31 9.32 -0.74 -11.87
N LEU A 32 8.26 -0.47 -11.11
CA LEU A 32 7.51 -1.52 -10.44
C LEU A 32 6.21 -1.82 -11.17
N GLN A 33 5.57 -2.92 -10.81
CA GLN A 33 4.32 -3.31 -11.44
C GLN A 33 3.31 -3.79 -10.38
N TYR A 34 2.23 -3.03 -10.22
CA TYR A 34 1.19 -3.37 -9.25
C TYR A 34 -0.05 -3.92 -9.95
N LYS A 35 -0.62 -4.98 -9.39
CA LYS A 35 -1.81 -5.59 -9.94
C LYS A 35 -2.84 -5.88 -8.86
N LEU A 36 -4.11 -5.81 -9.23
CA LEU A 36 -5.20 -6.06 -8.29
C LEU A 36 -5.66 -7.51 -8.36
N LEU A 37 -5.16 -8.33 -7.43
CA LEU A 37 -5.53 -9.74 -7.39
C LEU A 37 -7.04 -9.92 -7.58
N SER A 38 -7.82 -9.20 -6.78
CA SER A 38 -9.27 -9.28 -6.85
C SER A 38 -9.92 -8.25 -5.93
N GLN A 39 -11.19 -7.94 -6.21
CA GLN A 39 -11.93 -6.97 -5.40
C GLN A 39 -13.11 -7.64 -4.69
N SER A 40 -13.15 -7.50 -3.38
CA SER A 40 -14.22 -8.09 -2.59
C SER A 40 -14.84 -7.05 -1.65
N GLY A 41 -16.12 -7.23 -1.34
CA GLY A 41 -16.80 -6.30 -0.47
C GLY A 41 -17.86 -5.48 -1.19
N PRO A 42 -18.54 -4.60 -0.45
CA PRO A 42 -19.59 -3.74 -1.00
C PRO A 42 -19.03 -2.66 -1.92
N VAL A 43 -19.88 -1.74 -2.35
CA VAL A 43 -19.47 -0.66 -3.23
C VAL A 43 -18.95 0.52 -2.42
N HIS A 44 -19.41 0.64 -1.18
CA HIS A 44 -18.98 1.73 -0.31
C HIS A 44 -17.79 1.31 0.54
N ALA A 45 -17.62 0.00 0.70
CA ALA A 45 -16.50 -0.53 1.48
C ALA A 45 -15.77 -1.62 0.73
N PRO A 46 -15.41 -1.34 -0.53
CA PRO A 46 -14.69 -2.29 -1.38
C PRO A 46 -13.27 -2.52 -0.93
N VAL A 47 -12.79 -3.75 -1.08
CA VAL A 47 -11.43 -4.10 -0.69
C VAL A 47 -10.55 -4.38 -1.90
N PHE A 48 -9.72 -3.42 -2.27
CA PHE A 48 -8.83 -3.56 -3.42
C PHE A 48 -7.56 -4.29 -3.02
N THR A 49 -7.47 -5.57 -3.38
CA THR A 49 -6.30 -6.37 -3.07
C THR A 49 -5.19 -6.16 -4.09
N MET A 50 -4.09 -5.57 -3.65
CA MET A 50 -2.96 -5.32 -4.54
C MET A 50 -1.85 -6.35 -4.33
N SER A 51 -0.89 -6.39 -5.25
CA SER A 51 0.21 -7.34 -5.17
C SER A 51 1.39 -6.86 -6.01
N VAL A 52 2.60 -7.05 -5.49
CA VAL A 52 3.80 -6.65 -6.19
C VAL A 52 4.90 -7.69 -6.04
N ASP A 53 5.87 -7.66 -6.95
CA ASP A 53 6.98 -8.62 -6.91
C ASP A 53 8.29 -7.90 -6.60
N VAL A 54 8.85 -8.19 -5.43
CA VAL A 54 10.11 -7.58 -5.01
C VAL A 54 11.06 -8.62 -4.42
N ASP A 55 12.29 -8.64 -4.92
CA ASP A 55 13.29 -9.58 -4.43
C ASP A 55 12.71 -10.99 -4.34
N GLY A 56 12.02 -11.42 -5.38
CA GLY A 56 11.42 -12.73 -5.39
C GLY A 56 10.43 -12.93 -4.26
N THR A 57 9.84 -11.84 -3.79
CA THR A 57 8.87 -11.89 -2.71
C THR A 57 7.57 -11.19 -3.10
N THR A 58 6.55 -11.98 -3.40
CA THR A 58 5.25 -11.43 -3.79
C THR A 58 4.45 -10.99 -2.57
N TYR A 59 4.27 -9.69 -2.41
CA TYR A 59 3.53 -9.14 -1.29
C TYR A 59 2.06 -8.96 -1.65
N GLU A 60 1.21 -8.92 -0.63
CA GLU A 60 -0.22 -8.74 -0.83
C GLU A 60 -0.83 -7.89 0.28
N ALA A 61 -1.53 -6.83 -0.11
CA ALA A 61 -2.16 -5.93 0.86
C ALA A 61 -3.37 -5.24 0.24
N SER A 62 -4.53 -5.39 0.88
CA SER A 62 -5.76 -4.78 0.40
C SER A 62 -6.20 -3.66 1.33
N GLY A 63 -6.82 -2.63 0.75
CA GLY A 63 -7.30 -1.51 1.53
C GLY A 63 -8.67 -1.03 1.11
N PRO A 64 -9.13 0.08 1.69
CA PRO A 64 -10.44 0.66 1.39
C PRO A 64 -10.49 1.26 -0.01
N SER A 65 -9.32 1.45 -0.62
CA SER A 65 -9.24 2.03 -1.95
C SER A 65 -7.97 1.55 -2.66
N LYS A 66 -8.10 1.31 -3.97
CA LYS A 66 -6.97 0.86 -4.77
C LYS A 66 -5.70 1.61 -4.40
N LYS A 67 -5.83 2.92 -4.20
CA LYS A 67 -4.70 3.76 -3.84
C LYS A 67 -4.04 3.27 -2.55
N THR A 68 -4.78 3.33 -1.46
CA THR A 68 -4.28 2.90 -0.16
C THR A 68 -3.64 1.51 -0.26
N ALA A 69 -4.27 0.62 -1.01
CA ALA A 69 -3.75 -0.72 -1.19
C ALA A 69 -2.28 -0.70 -1.57
N LYS A 70 -1.98 -0.10 -2.71
CA LYS A 70 -0.60 0.00 -3.18
C LYS A 70 0.32 0.48 -2.08
N LEU A 71 -0.16 1.42 -1.27
CA LEU A 71 0.64 1.96 -0.17
C LEU A 71 0.92 0.88 0.87
N HIS A 72 -0.12 0.19 1.31
CA HIS A 72 0.02 -0.86 2.30
C HIS A 72 1.03 -1.92 1.85
N VAL A 73 0.88 -2.38 0.60
CA VAL A 73 1.78 -3.37 0.05
C VAL A 73 3.24 -2.95 0.20
N ALA A 74 3.53 -1.71 -0.16
CA ALA A 74 4.89 -1.19 -0.05
C ALA A 74 5.40 -1.27 1.37
N VAL A 75 4.58 -0.82 2.32
CA VAL A 75 4.95 -0.85 3.73
C VAL A 75 5.44 -2.22 4.15
N LYS A 76 4.77 -3.26 3.63
CA LYS A 76 5.13 -4.63 3.96
C LYS A 76 6.52 -4.97 3.43
N VAL A 77 6.79 -4.58 2.18
CA VAL A 77 8.09 -4.83 1.57
C VAL A 77 9.21 -4.20 2.38
N LEU A 78 9.06 -2.92 2.70
CA LEU A 78 10.07 -2.20 3.47
C LEU A 78 10.27 -2.85 4.83
N GLN A 79 9.16 -3.13 5.52
CA GLN A 79 9.22 -3.75 6.83
C GLN A 79 9.95 -5.09 6.78
N ALA A 80 9.74 -5.82 5.69
CA ALA A 80 10.39 -7.13 5.51
C ALA A 80 11.90 -6.99 5.50
N MET A 81 12.40 -6.10 4.64
CA MET A 81 13.84 -5.88 4.53
C MET A 81 14.40 -5.30 5.82
N GLY A 82 13.59 -4.49 6.51
CA GLY A 82 14.04 -3.89 7.76
C GLY A 82 14.19 -2.38 7.65
N TYR A 83 13.34 -1.76 6.83
CA TYR A 83 13.39 -0.32 6.64
C TYR A 83 12.31 0.38 7.47
N PRO A 84 12.58 1.65 7.82
CA PRO A 84 11.64 2.46 8.62
C PRO A 84 10.38 2.81 7.84
N THR A 85 9.23 2.44 8.39
CA THR A 85 7.95 2.72 7.75
C THR A 85 7.00 3.44 8.71
N GLY A 86 5.85 3.86 8.19
CA GLY A 86 4.87 4.54 9.03
C GLY A 86 3.64 3.69 9.29
N PHE A 87 2.62 4.31 9.88
CA PHE A 87 1.38 3.60 10.19
C PHE A 87 1.63 2.51 11.22
N ASP A 88 2.37 2.85 12.28
CA ASP A 88 2.68 1.89 13.33
C ASP A 88 2.03 2.32 14.65
N ALA A 89 1.66 1.35 15.47
CA ALA A 89 1.03 1.62 16.76
C ALA A 89 1.90 1.12 17.91
N ASP A 90 3.17 1.51 17.89
CA ASP A 90 4.11 1.11 18.94
C ASP A 90 5.39 1.93 18.86
N ILE A 91 5.56 2.84 19.82
CA ILE A 91 6.74 3.69 19.85
C ILE A 91 8.02 2.85 19.92
N SER A 92 8.84 2.98 18.89
CA SER A 92 10.09 2.23 18.82
C SER A 92 10.96 2.71 17.67
N GLY A 93 12.20 2.23 17.62
CA GLY A 93 13.11 2.63 16.56
C GLY A 93 14.36 1.77 16.51
N PRO A 94 15.21 1.90 17.55
CA PRO A 94 16.46 1.14 17.64
C PRO A 94 16.21 -0.34 17.90
N SER A 95 15.18 -0.64 18.68
CA SER A 95 14.84 -2.02 19.01
C SER A 95 13.83 -2.59 18.01
N SER A 96 14.33 -3.04 16.86
CA SER A 96 13.48 -3.60 15.82
C SER A 96 12.80 -4.87 16.30
N GLY A 97 11.68 -4.71 17.01
CA GLY A 97 10.95 -5.86 17.53
C GLY A 97 10.36 -6.71 16.42
N GLY A 1 -15.99 -6.60 -10.13
CA GLY A 1 -15.88 -5.27 -10.70
C GLY A 1 -14.43 -4.91 -11.03
N SER A 2 -14.11 -4.94 -12.32
CA SER A 2 -12.76 -4.62 -12.77
C SER A 2 -12.51 -3.12 -12.71
N SER A 3 -13.49 -2.34 -13.15
CA SER A 3 -13.37 -0.89 -13.15
C SER A 3 -14.16 -0.28 -11.98
N GLY A 4 -13.99 1.03 -11.79
CA GLY A 4 -14.68 1.71 -10.71
C GLY A 4 -14.57 3.22 -10.81
N SER A 5 -15.26 3.92 -9.91
CA SER A 5 -15.25 5.37 -9.92
C SER A 5 -15.25 5.91 -8.49
N SER A 6 -14.10 6.41 -8.05
CA SER A 6 -13.96 6.95 -6.70
C SER A 6 -13.07 8.19 -6.70
N GLY A 7 -13.37 9.13 -5.80
CA GLY A 7 -12.59 10.35 -5.72
C GLY A 7 -12.68 10.99 -4.35
N ARG A 8 -12.04 10.37 -3.36
CA ARG A 8 -12.06 10.90 -2.00
C ARG A 8 -10.63 11.11 -1.49
N LYS A 9 -10.43 12.22 -0.78
CA LYS A 9 -9.11 12.54 -0.24
C LYS A 9 -9.21 12.88 1.25
N ILE A 10 -9.16 11.85 2.09
CA ILE A 10 -9.23 12.04 3.53
C ILE A 10 -7.95 11.59 4.22
N LEU A 11 -7.51 12.37 5.21
CA LEU A 11 -6.30 12.04 5.95
C LEU A 11 -6.60 11.77 7.41
N ASP A 12 -7.56 12.50 7.96
CA ASP A 12 -7.96 12.33 9.35
C ASP A 12 -6.75 11.98 10.22
N SER A 13 -5.69 12.77 10.09
CA SER A 13 -4.48 12.54 10.85
C SER A 13 -3.56 13.76 10.80
N LYS A 14 -3.02 14.14 11.96
CA LYS A 14 -2.14 15.29 12.04
C LYS A 14 -0.71 14.92 11.63
N ALA A 15 -0.60 14.19 10.52
CA ALA A 15 0.70 13.78 10.01
C ALA A 15 0.60 13.30 8.57
N ILE A 16 1.15 14.10 7.65
CA ILE A 16 1.12 13.75 6.24
C ILE A 16 2.39 13.03 5.82
N ASP A 17 2.64 11.87 6.42
CA ASP A 17 3.82 11.07 6.11
C ASP A 17 3.45 9.62 5.84
N LEU A 18 2.39 9.43 5.04
CA LEU A 18 1.93 8.09 4.70
C LEU A 18 2.37 7.71 3.30
N MET A 19 1.98 8.52 2.32
CA MET A 19 2.33 8.26 0.92
C MET A 19 3.81 7.93 0.79
N ASN A 20 4.62 8.48 1.68
CA ASN A 20 6.06 8.24 1.66
C ASN A 20 6.36 6.80 1.28
N ALA A 21 5.73 5.86 1.97
CA ALA A 21 5.91 4.44 1.70
C ALA A 21 6.02 4.18 0.20
N LEU A 22 5.02 4.62 -0.54
CA LEU A 22 4.99 4.43 -1.98
C LEU A 22 6.29 4.92 -2.62
N MET A 23 6.64 6.17 -2.34
CA MET A 23 7.86 6.76 -2.89
C MET A 23 9.06 5.87 -2.60
N ARG A 24 9.20 5.45 -1.34
CA ARG A 24 10.32 4.61 -0.95
C ARG A 24 10.46 3.40 -1.89
N LEU A 25 9.43 2.56 -1.92
CA LEU A 25 9.43 1.39 -2.78
C LEU A 25 9.97 1.72 -4.16
N ASN A 26 9.49 2.83 -4.72
CA ASN A 26 9.92 3.27 -6.04
C ASN A 26 11.40 3.65 -6.04
N GLN A 27 11.81 4.39 -5.01
CA GLN A 27 13.19 4.82 -4.88
C GLN A 27 14.15 3.65 -5.05
N ILE A 28 13.93 2.61 -4.26
CA ILE A 28 14.79 1.41 -4.32
C ILE A 28 14.49 0.60 -5.57
N ARG A 29 13.21 0.50 -5.92
CA ARG A 29 12.79 -0.26 -7.10
C ARG A 29 11.98 0.62 -8.05
N PRO A 30 12.68 1.24 -9.02
CA PRO A 30 12.03 2.11 -10.01
C PRO A 30 11.16 1.34 -10.99
N GLY A 31 10.18 2.03 -11.57
CA GLY A 31 9.29 1.39 -12.53
C GLY A 31 8.69 0.11 -11.98
N LEU A 32 7.74 0.25 -11.05
CA LEU A 32 7.09 -0.91 -10.46
C LEU A 32 5.69 -1.12 -11.05
N GLN A 33 5.27 -2.38 -11.12
CA GLN A 33 3.97 -2.70 -11.68
C GLN A 33 3.10 -3.42 -10.63
N TYR A 34 2.02 -2.78 -10.24
CA TYR A 34 1.11 -3.35 -9.24
C TYR A 34 -0.11 -3.98 -9.92
N LYS A 35 -0.63 -5.03 -9.31
CA LYS A 35 -1.79 -5.73 -9.84
C LYS A 35 -2.84 -5.96 -8.75
N LEU A 36 -4.11 -5.94 -9.14
CA LEU A 36 -5.20 -6.15 -8.20
C LEU A 36 -5.71 -7.58 -8.27
N LEU A 37 -5.26 -8.43 -7.35
CA LEU A 37 -5.68 -9.82 -7.31
C LEU A 37 -7.18 -9.95 -7.52
N SER A 38 -7.94 -9.15 -6.78
CA SER A 38 -9.40 -9.18 -6.87
C SER A 38 -10.02 -8.06 -6.04
N GLN A 39 -11.30 -7.79 -6.28
CA GLN A 39 -12.01 -6.74 -5.55
C GLN A 39 -13.36 -7.25 -5.05
N SER A 40 -13.56 -7.19 -3.74
CA SER A 40 -14.81 -7.65 -3.13
C SER A 40 -15.31 -6.65 -2.09
N GLY A 41 -16.58 -6.74 -1.75
CA GLY A 41 -17.16 -5.85 -0.77
C GLY A 41 -18.09 -4.83 -1.39
N PRO A 42 -18.57 -3.88 -0.56
CA PRO A 42 -19.49 -2.83 -1.01
C PRO A 42 -18.82 -1.83 -1.95
N VAL A 43 -19.61 -0.92 -2.50
CA VAL A 43 -19.09 0.09 -3.43
C VAL A 43 -18.41 1.22 -2.66
N HIS A 44 -18.88 1.47 -1.44
CA HIS A 44 -18.31 2.52 -0.61
C HIS A 44 -17.13 1.99 0.21
N ALA A 45 -17.21 0.72 0.60
CA ALA A 45 -16.16 0.10 1.39
C ALA A 45 -15.63 -1.14 0.69
N PRO A 46 -15.20 -0.97 -0.56
CA PRO A 46 -14.65 -2.07 -1.36
C PRO A 46 -13.28 -2.53 -0.87
N VAL A 47 -12.91 -3.76 -1.23
CA VAL A 47 -11.62 -4.32 -0.82
C VAL A 47 -10.70 -4.52 -2.01
N PHE A 48 -9.80 -3.56 -2.23
CA PHE A 48 -8.86 -3.64 -3.33
C PHE A 48 -7.59 -4.36 -2.92
N THR A 49 -7.47 -5.63 -3.32
CA THR A 49 -6.31 -6.43 -2.99
C THR A 49 -5.20 -6.24 -4.02
N MET A 50 -4.10 -5.63 -3.58
CA MET A 50 -2.97 -5.38 -4.46
C MET A 50 -1.86 -6.40 -4.22
N SER A 51 -0.89 -6.45 -5.13
CA SER A 51 0.23 -7.38 -5.01
C SER A 51 1.41 -6.91 -5.85
N VAL A 52 2.60 -6.95 -5.25
CA VAL A 52 3.81 -6.54 -5.95
C VAL A 52 4.93 -7.55 -5.77
N ASP A 53 5.76 -7.71 -6.79
CA ASP A 53 6.87 -8.65 -6.75
C ASP A 53 8.20 -7.93 -6.56
N VAL A 54 8.65 -7.85 -5.31
CA VAL A 54 9.92 -7.17 -5.01
C VAL A 54 10.88 -8.11 -4.28
N ASP A 55 12.16 -8.00 -4.60
CA ASP A 55 13.18 -8.84 -3.98
C ASP A 55 12.74 -10.30 -3.96
N GLY A 56 12.20 -10.76 -5.09
CA GLY A 56 11.76 -12.13 -5.19
C GLY A 56 10.74 -12.50 -4.12
N THR A 57 9.98 -11.50 -3.68
CA THR A 57 8.96 -11.71 -2.66
C THR A 57 7.64 -11.08 -3.05
N THR A 58 6.64 -11.92 -3.30
CA THR A 58 5.32 -11.44 -3.69
C THR A 58 4.53 -10.96 -2.48
N TYR A 59 4.37 -9.64 -2.37
CA TYR A 59 3.63 -9.05 -1.26
C TYR A 59 2.16 -8.88 -1.61
N GLU A 60 1.31 -8.87 -0.58
CA GLU A 60 -0.13 -8.72 -0.78
C GLU A 60 -0.75 -7.91 0.35
N ALA A 61 -1.36 -6.79 -0.01
CA ALA A 61 -2.00 -5.91 0.97
C ALA A 61 -3.24 -5.25 0.39
N SER A 62 -4.39 -5.47 1.04
CA SER A 62 -5.65 -4.89 0.57
C SER A 62 -6.06 -3.73 1.46
N GLY A 63 -6.77 -2.77 0.88
CA GLY A 63 -7.22 -1.61 1.64
C GLY A 63 -8.61 -1.16 1.22
N PRO A 64 -9.10 -0.10 1.88
CA PRO A 64 -10.43 0.46 1.59
C PRO A 64 -10.47 1.15 0.24
N SER A 65 -9.32 1.27 -0.41
CA SER A 65 -9.24 1.92 -1.71
C SER A 65 -7.99 1.46 -2.46
N LYS A 66 -8.15 1.21 -3.76
CA LYS A 66 -7.04 0.77 -4.59
C LYS A 66 -5.80 1.63 -4.35
N LYS A 67 -5.98 2.95 -4.41
CA LYS A 67 -4.88 3.88 -4.20
C LYS A 67 -4.11 3.53 -2.93
N THR A 68 -4.85 3.29 -1.84
CA THR A 68 -4.24 2.94 -0.57
C THR A 68 -3.62 1.55 -0.62
N ALA A 69 -4.34 0.60 -1.20
CA ALA A 69 -3.86 -0.77 -1.30
C ALA A 69 -2.39 -0.80 -1.70
N LYS A 70 -2.06 -0.17 -2.83
CA LYS A 70 -0.70 -0.12 -3.32
C LYS A 70 0.25 0.37 -2.24
N LEU A 71 -0.15 1.41 -1.53
CA LEU A 71 0.66 1.99 -0.47
C LEU A 71 0.96 0.94 0.61
N HIS A 72 -0.09 0.28 1.09
CA HIS A 72 0.05 -0.74 2.12
C HIS A 72 1.12 -1.76 1.73
N VAL A 73 0.91 -2.42 0.60
CA VAL A 73 1.86 -3.42 0.11
C VAL A 73 3.30 -2.97 0.34
N ALA A 74 3.63 -1.78 -0.17
CA ALA A 74 4.97 -1.24 -0.02
C ALA A 74 5.43 -1.31 1.44
N VAL A 75 4.58 -0.85 2.34
CA VAL A 75 4.90 -0.87 3.77
C VAL A 75 5.47 -2.22 4.19
N LYS A 76 4.86 -3.29 3.69
CA LYS A 76 5.28 -4.64 4.02
C LYS A 76 6.68 -4.92 3.44
N VAL A 77 6.91 -4.47 2.22
CA VAL A 77 8.19 -4.67 1.56
C VAL A 77 9.33 -4.07 2.39
N LEU A 78 9.12 -2.86 2.89
CA LEU A 78 10.12 -2.18 3.70
C LEU A 78 10.37 -2.92 5.01
N GLN A 79 9.28 -3.29 5.69
CA GLN A 79 9.38 -4.01 6.95
C GLN A 79 10.22 -5.27 6.79
N ALA A 80 10.00 -5.99 5.69
CA ALA A 80 10.73 -7.21 5.42
C ALA A 80 12.23 -6.95 5.29
N MET A 81 12.58 -5.98 4.44
CA MET A 81 13.97 -5.63 4.23
C MET A 81 14.60 -5.08 5.51
N GLY A 82 13.78 -4.41 6.31
CA GLY A 82 14.27 -3.84 7.56
C GLY A 82 14.42 -2.32 7.49
N TYR A 83 13.47 -1.68 6.82
CA TYR A 83 13.50 -0.22 6.69
C TYR A 83 12.48 0.43 7.62
N PRO A 84 12.82 1.64 8.10
CA PRO A 84 11.95 2.39 9.01
C PRO A 84 10.69 2.91 8.31
N THR A 85 9.58 2.23 8.54
CA THR A 85 8.31 2.62 7.93
C THR A 85 7.54 3.57 8.84
N GLY A 86 7.46 3.23 10.12
CA GLY A 86 6.74 4.07 11.06
C GLY A 86 5.24 4.03 10.86
N PHE A 87 4.64 2.88 11.13
CA PHE A 87 3.20 2.72 10.96
C PHE A 87 2.50 2.66 12.31
N ASP A 88 3.07 1.88 13.24
CA ASP A 88 2.51 1.74 14.57
C ASP A 88 3.61 1.69 15.62
N ALA A 89 3.28 2.09 16.84
CA ALA A 89 4.23 2.10 17.94
C ALA A 89 4.13 0.82 18.76
N ASP A 90 3.98 -0.31 18.07
CA ASP A 90 3.87 -1.60 18.74
C ASP A 90 4.14 -2.74 17.76
N ILE A 91 5.30 -3.36 17.89
CA ILE A 91 5.68 -4.47 17.02
C ILE A 91 4.92 -5.74 17.38
N SER A 92 3.83 -6.00 16.65
CA SER A 92 3.02 -7.18 16.91
C SER A 92 3.81 -8.46 16.67
N GLY A 93 4.37 -8.59 15.47
CA GLY A 93 5.16 -9.77 15.13
C GLY A 93 5.32 -9.96 13.64
N PRO A 94 6.48 -10.49 13.24
CA PRO A 94 6.78 -10.74 11.82
C PRO A 94 5.94 -11.86 11.23
N SER A 95 5.04 -12.41 12.04
CA SER A 95 4.18 -13.50 11.61
C SER A 95 2.92 -12.95 10.95
N SER A 96 2.14 -12.19 11.70
CA SER A 96 0.91 -11.61 11.20
C SER A 96 0.87 -10.10 11.46
N GLY A 97 0.52 -9.34 10.42
CA GLY A 97 0.45 -7.90 10.56
C GLY A 97 -0.98 -7.39 10.70
N GLY A 1 -9.07 1.05 -18.56
CA GLY A 1 -7.84 1.43 -17.88
C GLY A 1 -8.10 2.30 -16.66
N SER A 2 -8.70 1.73 -15.64
CA SER A 2 -9.01 2.45 -14.42
C SER A 2 -7.81 3.27 -13.97
N SER A 3 -6.66 2.62 -13.83
CA SER A 3 -5.44 3.29 -13.41
C SER A 3 -5.24 4.60 -14.17
N GLY A 4 -4.39 5.47 -13.63
CA GLY A 4 -4.13 6.74 -14.27
C GLY A 4 -3.00 7.51 -13.59
N SER A 5 -3.26 8.79 -13.33
CA SER A 5 -2.26 9.64 -12.68
C SER A 5 -2.92 10.80 -11.95
N SER A 6 -2.35 11.19 -10.82
CA SER A 6 -2.90 12.28 -10.03
C SER A 6 -1.95 12.64 -8.87
N GLY A 7 -2.26 13.73 -8.18
CA GLY A 7 -1.43 14.16 -7.07
C GLY A 7 -1.75 15.57 -6.62
N ARG A 8 -2.42 15.69 -5.48
CA ARG A 8 -2.79 16.99 -4.94
C ARG A 8 -1.86 17.40 -3.80
N LYS A 9 -1.97 16.70 -2.68
CA LYS A 9 -1.13 16.99 -1.52
C LYS A 9 -1.16 18.47 -1.18
N ILE A 10 -2.31 19.10 -1.38
CA ILE A 10 -2.46 20.53 -1.10
C ILE A 10 -3.15 20.74 0.25
N LEU A 11 -2.63 20.11 1.28
CA LEU A 11 -3.18 20.23 2.63
C LEU A 11 -2.15 19.86 3.69
N ASP A 12 -2.37 20.34 4.91
CA ASP A 12 -1.46 20.06 6.01
C ASP A 12 -2.21 20.05 7.35
N SER A 13 -2.12 18.93 8.05
CA SER A 13 -2.80 18.79 9.34
C SER A 13 -2.27 17.57 10.09
N LYS A 14 -2.62 17.47 11.37
CA LYS A 14 -2.19 16.36 12.21
C LYS A 14 -2.27 15.04 11.44
N ALA A 15 -1.12 14.53 11.02
CA ALA A 15 -1.07 13.27 10.28
C ALA A 15 0.38 12.84 10.06
N ILE A 16 0.55 11.61 9.58
CA ILE A 16 1.88 11.07 9.32
C ILE A 16 2.10 10.87 7.81
N ASP A 17 3.31 11.18 7.36
CA ASP A 17 3.66 11.02 5.95
C ASP A 17 3.74 9.56 5.57
N LEU A 18 2.58 8.91 5.46
CA LEU A 18 2.52 7.50 5.10
C LEU A 18 2.53 7.33 3.59
N MET A 19 1.94 8.30 2.88
CA MET A 19 1.89 8.25 1.42
C MET A 19 3.28 8.03 0.83
N ASN A 20 4.29 8.61 1.46
CA ASN A 20 5.67 8.48 0.99
C ASN A 20 6.03 7.01 0.80
N ALA A 21 5.54 6.17 1.70
CA ALA A 21 5.81 4.73 1.61
C ALA A 21 5.93 4.27 0.17
N LEU A 22 5.07 4.81 -0.69
CA LEU A 22 5.08 4.46 -2.10
C LEU A 22 6.39 4.87 -2.77
N MET A 23 6.65 6.18 -2.79
CA MET A 23 7.87 6.70 -3.39
C MET A 23 9.08 5.87 -2.98
N ARG A 24 9.17 5.56 -1.69
CA ARG A 24 10.27 4.76 -1.16
C ARG A 24 10.47 3.49 -1.98
N LEU A 25 9.45 2.64 -2.01
CA LEU A 25 9.50 1.39 -2.75
C LEU A 25 10.12 1.60 -4.12
N ASN A 26 9.76 2.70 -4.77
CA ASN A 26 10.30 3.03 -6.09
C ASN A 26 11.76 3.44 -6.00
N GLN A 27 12.07 4.30 -5.04
CA GLN A 27 13.45 4.77 -4.85
C GLN A 27 14.41 3.60 -4.76
N ILE A 28 14.11 2.64 -3.89
CA ILE A 28 14.95 1.47 -3.70
C ILE A 28 14.80 0.49 -4.86
N ARG A 29 13.56 0.34 -5.33
CA ARG A 29 13.27 -0.57 -6.44
C ARG A 29 12.53 0.16 -7.55
N PRO A 30 13.30 0.75 -8.48
CA PRO A 30 12.75 1.48 -9.62
C PRO A 30 12.07 0.56 -10.63
N GLY A 31 11.02 1.07 -11.26
CA GLY A 31 10.30 0.28 -12.25
C GLY A 31 9.48 -0.83 -11.61
N LEU A 32 8.44 -0.46 -10.88
CA LEU A 32 7.59 -1.43 -10.21
C LEU A 32 6.23 -1.53 -10.90
N GLN A 33 5.58 -2.69 -10.76
CA GLN A 33 4.27 -2.90 -11.37
C GLN A 33 3.29 -3.49 -10.37
N TYR A 34 2.27 -2.72 -10.01
CA TYR A 34 1.27 -3.17 -9.05
C TYR A 34 0.08 -3.78 -9.77
N LYS A 35 -0.50 -4.82 -9.17
CA LYS A 35 -1.66 -5.50 -9.75
C LYS A 35 -2.72 -5.76 -8.69
N LEU A 36 -3.98 -5.80 -9.11
CA LEU A 36 -5.09 -6.06 -8.20
C LEU A 36 -5.54 -7.51 -8.28
N LEU A 37 -5.11 -8.31 -7.31
CA LEU A 37 -5.48 -9.72 -7.26
C LEU A 37 -6.96 -9.91 -7.56
N SER A 38 -7.80 -9.22 -6.79
CA SER A 38 -9.25 -9.31 -6.96
C SER A 38 -9.96 -8.31 -6.06
N GLN A 39 -11.24 -8.07 -6.36
CA GLN A 39 -12.04 -7.14 -5.56
C GLN A 39 -13.24 -7.85 -4.94
N SER A 40 -13.45 -7.61 -3.65
CA SER A 40 -14.56 -8.23 -2.93
C SER A 40 -15.33 -7.19 -2.14
N GLY A 41 -16.50 -7.59 -1.63
CA GLY A 41 -17.32 -6.68 -0.85
C GLY A 41 -18.27 -5.88 -1.71
N PRO A 42 -18.94 -4.89 -1.10
CA PRO A 42 -19.89 -4.03 -1.80
C PRO A 42 -19.21 -3.09 -2.79
N VAL A 43 -19.98 -2.16 -3.35
CA VAL A 43 -19.46 -1.20 -4.31
C VAL A 43 -18.98 0.06 -3.62
N HIS A 44 -19.48 0.31 -2.42
CA HIS A 44 -19.11 1.48 -1.64
C HIS A 44 -17.91 1.18 -0.75
N ALA A 45 -17.82 -0.06 -0.29
CA ALA A 45 -16.72 -0.48 0.58
C ALA A 45 -15.99 -1.69 -0.01
N PRO A 46 -15.60 -1.58 -1.29
CA PRO A 46 -14.89 -2.65 -1.99
C PRO A 46 -13.47 -2.83 -1.47
N VAL A 47 -13.02 -4.09 -1.40
CA VAL A 47 -11.68 -4.40 -0.93
C VAL A 47 -10.73 -4.62 -2.09
N PHE A 48 -9.89 -3.62 -2.36
CA PHE A 48 -8.92 -3.69 -3.44
C PHE A 48 -7.64 -4.40 -2.99
N THR A 49 -7.49 -5.66 -3.40
CA THR A 49 -6.32 -6.44 -3.02
C THR A 49 -5.19 -6.24 -4.03
N MET A 50 -4.18 -5.47 -3.62
CA MET A 50 -3.03 -5.20 -4.48
C MET A 50 -1.92 -6.21 -4.24
N SER A 51 -0.89 -6.17 -5.09
CA SER A 51 0.24 -7.09 -4.97
C SER A 51 1.40 -6.64 -5.84
N VAL A 52 2.61 -6.90 -5.38
CA VAL A 52 3.82 -6.52 -6.12
C VAL A 52 4.90 -7.58 -5.98
N ASP A 53 5.78 -7.65 -6.98
CA ASP A 53 6.87 -8.62 -6.97
C ASP A 53 8.20 -7.94 -6.71
N VAL A 54 8.84 -8.31 -5.60
CA VAL A 54 10.13 -7.74 -5.24
C VAL A 54 11.07 -8.80 -4.67
N ASP A 55 12.29 -8.83 -5.19
CA ASP A 55 13.28 -9.80 -4.73
C ASP A 55 12.67 -11.19 -4.59
N GLY A 56 11.86 -11.57 -5.58
CA GLY A 56 11.22 -12.87 -5.55
C GLY A 56 10.25 -13.02 -4.38
N THR A 57 9.67 -11.90 -3.96
CA THR A 57 8.73 -11.90 -2.85
C THR A 57 7.42 -11.21 -3.23
N THR A 58 6.38 -12.01 -3.48
CA THR A 58 5.08 -11.48 -3.86
C THR A 58 4.32 -10.98 -2.63
N TYR A 59 4.17 -9.68 -2.52
CA TYR A 59 3.46 -9.07 -1.39
C TYR A 59 1.98 -8.86 -1.73
N GLU A 60 1.16 -8.76 -0.69
CA GLU A 60 -0.27 -8.55 -0.88
C GLU A 60 -0.86 -7.75 0.27
N ALA A 61 -1.42 -6.58 -0.06
CA ALA A 61 -2.03 -5.72 0.95
C ALA A 61 -3.42 -5.27 0.53
N SER A 62 -4.40 -5.57 1.37
CA SER A 62 -5.79 -5.21 1.08
C SER A 62 -6.17 -3.90 1.78
N GLY A 63 -6.84 -3.02 1.04
CA GLY A 63 -7.24 -1.75 1.60
C GLY A 63 -8.63 -1.32 1.15
N PRO A 64 -9.15 -0.25 1.76
CA PRO A 64 -10.48 0.28 1.42
C PRO A 64 -10.51 0.92 0.04
N SER A 65 -9.34 1.19 -0.52
CA SER A 65 -9.24 1.80 -1.84
C SER A 65 -7.96 1.35 -2.55
N LYS A 66 -7.96 1.48 -3.87
CA LYS A 66 -6.80 1.09 -4.67
C LYS A 66 -5.54 1.80 -4.20
N LYS A 67 -5.66 3.09 -3.93
CA LYS A 67 -4.53 3.90 -3.46
C LYS A 67 -3.95 3.31 -2.18
N THR A 68 -4.79 3.22 -1.15
CA THR A 68 -4.37 2.67 0.14
C THR A 68 -3.78 1.28 -0.02
N ALA A 69 -4.31 0.53 -0.99
CA ALA A 69 -3.84 -0.83 -1.26
C ALA A 69 -2.41 -0.82 -1.78
N LYS A 70 -2.15 0.02 -2.76
CA LYS A 70 -0.81 0.12 -3.36
C LYS A 70 0.19 0.62 -2.33
N LEU A 71 -0.25 1.51 -1.44
CA LEU A 71 0.62 2.05 -0.41
C LEU A 71 0.94 1.01 0.65
N HIS A 72 -0.11 0.43 1.23
CA HIS A 72 0.07 -0.60 2.25
C HIS A 72 1.12 -1.62 1.83
N VAL A 73 0.99 -2.12 0.61
CA VAL A 73 1.93 -3.11 0.09
C VAL A 73 3.38 -2.69 0.33
N ALA A 74 3.74 -1.53 -0.21
CA ALA A 74 5.10 -1.01 -0.05
C ALA A 74 5.57 -1.16 1.39
N VAL A 75 4.77 -0.65 2.33
CA VAL A 75 5.11 -0.72 3.74
C VAL A 75 5.55 -2.13 4.13
N LYS A 76 4.77 -3.12 3.74
CA LYS A 76 5.07 -4.51 4.05
C LYS A 76 6.46 -4.88 3.53
N VAL A 77 6.76 -4.47 2.30
CA VAL A 77 8.05 -4.76 1.68
C VAL A 77 9.19 -4.18 2.51
N LEU A 78 9.10 -2.88 2.81
CA LEU A 78 10.12 -2.20 3.59
C LEU A 78 10.32 -2.89 4.94
N GLN A 79 9.21 -3.29 5.56
CA GLN A 79 9.28 -3.97 6.85
C GLN A 79 10.00 -5.30 6.74
N ALA A 80 9.75 -6.02 5.66
CA ALA A 80 10.39 -7.31 5.43
C ALA A 80 11.91 -7.17 5.37
N MET A 81 12.38 -6.19 4.62
CA MET A 81 13.81 -5.95 4.49
C MET A 81 14.41 -5.45 5.81
N GLY A 82 13.59 -4.76 6.59
CA GLY A 82 14.06 -4.23 7.87
C GLY A 82 14.25 -2.73 7.85
N TYR A 83 13.37 -2.04 7.13
CA TYR A 83 13.43 -0.59 7.02
C TYR A 83 12.42 0.07 7.97
N PRO A 84 12.72 1.31 8.37
CA PRO A 84 11.85 2.08 9.27
C PRO A 84 10.55 2.50 8.59
N THR A 85 9.45 1.89 9.01
CA THR A 85 8.14 2.21 8.44
C THR A 85 7.19 2.75 9.51
N GLY A 86 7.28 2.17 10.71
CA GLY A 86 6.42 2.60 11.80
C GLY A 86 4.96 2.34 11.52
N PHE A 87 4.65 1.19 10.94
CA PHE A 87 3.28 0.83 10.62
C PHE A 87 2.90 -0.50 11.26
N ASP A 88 2.41 -0.45 12.50
CA ASP A 88 2.01 -1.64 13.22
C ASP A 88 0.51 -1.84 13.14
N ALA A 89 0.07 -3.09 13.32
CA ALA A 89 -1.35 -3.42 13.28
C ALA A 89 -1.85 -3.89 14.64
N ASP A 90 -1.85 -2.99 15.61
CA ASP A 90 -2.30 -3.31 16.96
C ASP A 90 -3.36 -2.33 17.42
N ILE A 91 -4.41 -2.17 16.61
CA ILE A 91 -5.50 -1.25 16.94
C ILE A 91 -6.30 -1.77 18.12
N SER A 92 -6.67 -3.04 18.06
CA SER A 92 -7.46 -3.66 19.12
C SER A 92 -7.20 -5.16 19.18
N GLY A 93 -7.66 -5.79 20.27
CA GLY A 93 -7.46 -7.23 20.43
C GLY A 93 -7.64 -7.98 19.14
N PRO A 94 -6.87 -9.07 18.97
CA PRO A 94 -6.93 -9.90 17.76
C PRO A 94 -8.23 -10.70 17.67
N SER A 95 -8.53 -11.22 16.49
CA SER A 95 -9.74 -11.99 16.27
C SER A 95 -9.43 -13.49 16.22
N SER A 96 -9.73 -14.18 17.31
CA SER A 96 -9.49 -15.61 17.41
C SER A 96 -10.78 -16.40 17.18
N GLY A 97 -11.81 -16.10 17.97
CA GLY A 97 -13.07 -16.78 17.84
C GLY A 97 -14.24 -15.93 18.30
N GLY A 1 10.30 18.79 24.02
CA GLY A 1 9.42 19.49 24.93
C GLY A 1 8.44 18.57 25.62
N SER A 2 7.51 19.15 26.37
CA SER A 2 6.51 18.38 27.09
C SER A 2 5.13 19.00 26.93
N SER A 3 4.10 18.15 26.98
CA SER A 3 2.73 18.62 26.83
C SER A 3 2.63 19.72 25.77
N GLY A 4 3.21 19.46 24.60
CA GLY A 4 3.17 20.44 23.53
C GLY A 4 1.78 20.67 23.00
N SER A 5 1.40 19.91 21.96
CA SER A 5 0.09 20.05 21.36
C SER A 5 -0.69 18.73 21.44
N SER A 6 -1.72 18.72 22.28
CA SER A 6 -2.54 17.52 22.46
C SER A 6 -3.75 17.82 23.34
N GLY A 7 -4.89 17.25 22.97
CA GLY A 7 -6.10 17.46 23.74
C GLY A 7 -7.35 17.47 22.87
N ARG A 8 -7.35 16.64 21.83
CA ARG A 8 -8.48 16.56 20.92
C ARG A 8 -8.83 17.95 20.37
N LYS A 9 -7.81 18.72 20.01
CA LYS A 9 -8.01 20.06 19.47
C LYS A 9 -7.25 20.23 18.16
N ILE A 10 -7.63 21.25 17.40
CA ILE A 10 -6.99 21.53 16.12
C ILE A 10 -5.87 22.56 16.27
N LEU A 11 -4.66 22.16 15.90
CA LEU A 11 -3.50 23.04 16.00
C LEU A 11 -2.52 22.78 14.85
N ASP A 12 -1.46 23.58 14.80
CA ASP A 12 -0.45 23.43 13.76
C ASP A 12 0.25 22.08 13.87
N SER A 13 -0.01 21.20 12.92
CA SER A 13 0.59 19.87 12.91
C SER A 13 0.94 19.44 11.49
N LYS A 14 1.70 18.36 11.38
CA LYS A 14 2.11 17.84 10.08
C LYS A 14 1.39 16.54 9.76
N ALA A 15 1.14 16.30 8.48
CA ALA A 15 0.45 15.10 8.04
C ALA A 15 1.41 13.91 7.98
N ILE A 16 1.18 12.93 8.86
CA ILE A 16 2.03 11.74 8.90
C ILE A 16 2.49 11.33 7.51
N ASP A 17 3.80 11.27 7.32
CA ASP A 17 4.37 10.89 6.04
C ASP A 17 3.97 9.47 5.66
N LEU A 18 2.72 9.29 5.25
CA LEU A 18 2.21 7.99 4.87
C LEU A 18 2.52 7.68 3.41
N MET A 19 1.96 8.49 2.52
CA MET A 19 2.18 8.31 1.08
C MET A 19 3.66 8.07 0.79
N ASN A 20 4.53 8.51 1.69
CA ASN A 20 5.96 8.33 1.53
C ASN A 20 6.30 6.89 1.17
N ALA A 21 5.80 5.97 1.99
CA ALA A 21 6.05 4.54 1.77
C ALA A 21 6.08 4.22 0.29
N LEU A 22 5.07 4.68 -0.44
CA LEU A 22 4.98 4.45 -1.87
C LEU A 22 6.23 4.92 -2.59
N MET A 23 6.47 6.23 -2.55
CA MET A 23 7.65 6.81 -3.19
C MET A 23 8.90 5.98 -2.90
N ARG A 24 9.06 5.60 -1.63
CA ARG A 24 10.21 4.80 -1.22
C ARG A 24 10.35 3.55 -2.09
N LEU A 25 9.34 2.69 -2.05
CA LEU A 25 9.35 1.46 -2.84
C LEU A 25 9.87 1.73 -4.25
N ASN A 26 9.45 2.85 -4.83
CA ASN A 26 9.86 3.22 -6.18
C ASN A 26 11.34 3.63 -6.20
N GLN A 27 11.77 4.31 -5.14
CA GLN A 27 13.16 4.76 -5.05
C GLN A 27 14.11 3.57 -4.97
N ILE A 28 13.91 2.73 -3.95
CA ILE A 28 14.74 1.55 -3.75
C ILE A 28 14.54 0.53 -4.87
N ARG A 29 13.28 0.35 -5.27
CA ARG A 29 12.95 -0.59 -6.33
C ARG A 29 12.21 0.12 -7.47
N PRO A 30 12.99 0.63 -8.43
CA PRO A 30 12.43 1.35 -9.59
C PRO A 30 11.71 0.40 -10.55
N GLY A 31 10.79 0.96 -11.34
CA GLY A 31 10.05 0.16 -12.29
C GLY A 31 9.24 -0.94 -11.61
N LEU A 32 8.21 -0.54 -10.88
CA LEU A 32 7.35 -1.50 -10.18
C LEU A 32 6.05 -1.73 -10.94
N GLN A 33 5.43 -2.89 -10.71
CA GLN A 33 4.19 -3.23 -11.38
C GLN A 33 3.15 -3.72 -10.37
N TYR A 34 2.21 -2.84 -10.02
CA TYR A 34 1.16 -3.18 -9.06
C TYR A 34 -0.07 -3.73 -9.79
N LYS A 35 -0.62 -4.82 -9.26
CA LYS A 35 -1.80 -5.43 -9.85
C LYS A 35 -2.84 -5.73 -8.78
N LEU A 36 -4.11 -5.80 -9.19
CA LEU A 36 -5.20 -6.09 -8.26
C LEU A 36 -5.63 -7.55 -8.37
N LEU A 37 -5.20 -8.36 -7.41
CA LEU A 37 -5.54 -9.78 -7.40
C LEU A 37 -7.04 -9.98 -7.56
N SER A 38 -7.82 -9.23 -6.78
CA SER A 38 -9.27 -9.31 -6.83
C SER A 38 -9.91 -8.26 -5.93
N GLN A 39 -11.19 -7.98 -6.18
CA GLN A 39 -11.92 -6.99 -5.40
C GLN A 39 -13.20 -7.59 -4.83
N SER A 40 -13.39 -7.44 -3.53
CA SER A 40 -14.58 -7.97 -2.86
C SER A 40 -15.18 -6.92 -1.91
N GLY A 41 -16.44 -7.14 -1.54
CA GLY A 41 -17.11 -6.21 -0.64
C GLY A 41 -18.16 -5.38 -1.35
N PRO A 42 -18.72 -4.40 -0.63
CA PRO A 42 -19.75 -3.51 -1.19
C PRO A 42 -19.20 -2.56 -2.23
N VAL A 43 -20.04 -1.62 -2.67
CA VAL A 43 -19.64 -0.65 -3.68
C VAL A 43 -19.02 0.59 -3.03
N HIS A 44 -19.47 0.92 -1.82
CA HIS A 44 -18.97 2.07 -1.09
C HIS A 44 -17.74 1.70 -0.28
N ALA A 45 -17.71 0.47 0.21
CA ALA A 45 -16.59 -0.02 1.01
C ALA A 45 -15.94 -1.24 0.37
N PRO A 46 -15.56 -1.11 -0.91
CA PRO A 46 -14.92 -2.19 -1.66
C PRO A 46 -13.51 -2.49 -1.16
N VAL A 47 -13.07 -3.73 -1.35
CA VAL A 47 -11.75 -4.15 -0.93
C VAL A 47 -10.82 -4.35 -2.12
N PHE A 48 -9.84 -3.46 -2.25
CA PHE A 48 -8.89 -3.54 -3.36
C PHE A 48 -7.63 -4.28 -2.94
N THR A 49 -7.54 -5.54 -3.34
CA THR A 49 -6.38 -6.37 -3.00
C THR A 49 -5.26 -6.20 -4.03
N MET A 50 -4.22 -5.46 -3.64
CA MET A 50 -3.10 -5.23 -4.52
C MET A 50 -1.98 -6.23 -4.26
N SER A 51 -1.02 -6.30 -5.18
CA SER A 51 0.11 -7.22 -5.05
C SER A 51 1.32 -6.71 -5.83
N VAL A 52 2.51 -6.98 -5.29
CA VAL A 52 3.74 -6.56 -5.92
C VAL A 52 4.86 -7.57 -5.70
N ASP A 53 5.78 -7.65 -6.65
CA ASP A 53 6.90 -8.58 -6.56
C ASP A 53 8.21 -7.84 -6.33
N VAL A 54 8.80 -8.02 -5.16
CA VAL A 54 10.06 -7.37 -4.81
C VAL A 54 11.06 -8.37 -4.26
N ASP A 55 12.30 -8.28 -4.74
CA ASP A 55 13.36 -9.18 -4.29
C ASP A 55 12.87 -10.61 -4.25
N GLY A 56 12.16 -11.03 -5.29
CA GLY A 56 11.64 -12.38 -5.35
C GLY A 56 10.62 -12.66 -4.27
N THR A 57 9.88 -11.62 -3.86
CA THR A 57 8.87 -11.76 -2.82
C THR A 57 7.56 -11.13 -3.25
N THR A 58 6.51 -11.94 -3.34
CA THR A 58 5.20 -11.47 -3.74
C THR A 58 4.39 -11.01 -2.54
N TYR A 59 4.22 -9.70 -2.39
CA TYR A 59 3.47 -9.14 -1.28
C TYR A 59 2.01 -8.91 -1.66
N GLU A 60 1.14 -8.87 -0.66
CA GLU A 60 -0.28 -8.66 -0.90
C GLU A 60 -0.89 -7.80 0.20
N ALA A 61 -1.46 -6.66 -0.19
CA ALA A 61 -2.08 -5.75 0.77
C ALA A 61 -3.37 -5.16 0.21
N SER A 62 -4.45 -5.24 0.97
CA SER A 62 -5.73 -4.72 0.55
C SER A 62 -6.10 -3.46 1.33
N GLY A 63 -7.17 -2.79 0.91
CA GLY A 63 -7.59 -1.58 1.58
C GLY A 63 -8.93 -1.07 1.07
N PRO A 64 -9.40 0.04 1.64
CA PRO A 64 -10.69 0.64 1.26
C PRO A 64 -10.64 1.25 -0.15
N SER A 65 -9.43 1.44 -0.67
CA SER A 65 -9.25 2.00 -1.99
C SER A 65 -8.00 1.45 -2.66
N LYS A 66 -8.02 1.37 -3.99
CA LYS A 66 -6.89 0.86 -4.75
C LYS A 66 -5.64 1.69 -4.47
N LYS A 67 -5.77 3.00 -4.52
CA LYS A 67 -4.65 3.90 -4.27
C LYS A 67 -3.94 3.53 -2.96
N THR A 68 -4.73 3.16 -1.95
CA THR A 68 -4.18 2.79 -0.66
C THR A 68 -3.56 1.40 -0.70
N ALA A 69 -4.32 0.42 -1.18
CA ALA A 69 -3.83 -0.95 -1.28
C ALA A 69 -2.34 -0.98 -1.63
N LYS A 70 -1.97 -0.24 -2.67
CA LYS A 70 -0.58 -0.19 -3.11
C LYS A 70 0.32 0.31 -1.98
N LEU A 71 -0.11 1.37 -1.30
CA LEU A 71 0.65 1.94 -0.21
C LEU A 71 0.96 0.89 0.84
N HIS A 72 -0.06 0.15 1.27
CA HIS A 72 0.11 -0.89 2.27
C HIS A 72 1.18 -1.89 1.84
N VAL A 73 1.03 -2.42 0.63
CA VAL A 73 1.98 -3.39 0.09
C VAL A 73 3.41 -2.95 0.35
N ALA A 74 3.77 -1.77 -0.14
CA ALA A 74 5.11 -1.24 0.03
C ALA A 74 5.59 -1.41 1.47
N VAL A 75 4.84 -0.85 2.41
CA VAL A 75 5.18 -0.94 3.83
C VAL A 75 5.69 -2.33 4.17
N LYS A 76 4.93 -3.35 3.80
CA LYS A 76 5.31 -4.73 4.08
C LYS A 76 6.68 -5.04 3.48
N VAL A 77 6.92 -4.57 2.27
CA VAL A 77 8.19 -4.79 1.59
C VAL A 77 9.35 -4.17 2.38
N LEU A 78 9.15 -2.94 2.83
CA LEU A 78 10.18 -2.23 3.59
C LEU A 78 10.45 -2.94 4.92
N GLN A 79 9.37 -3.32 5.60
CA GLN A 79 9.49 -4.01 6.88
C GLN A 79 10.28 -5.30 6.74
N ALA A 80 10.02 -6.02 5.66
CA ALA A 80 10.71 -7.28 5.39
C ALA A 80 12.22 -7.08 5.32
N MET A 81 12.64 -6.09 4.54
CA MET A 81 14.06 -5.80 4.38
C MET A 81 14.65 -5.26 5.68
N GLY A 82 13.84 -4.52 6.43
CA GLY A 82 14.30 -3.95 7.68
C GLY A 82 14.42 -2.44 7.63
N TYR A 83 13.52 -1.80 6.88
CA TYR A 83 13.54 -0.35 6.74
C TYR A 83 12.60 0.30 7.75
N PRO A 84 12.88 1.57 8.08
CA PRO A 84 12.07 2.33 9.03
C PRO A 84 10.70 2.69 8.48
N THR A 85 9.68 1.97 8.95
CA THR A 85 8.31 2.21 8.49
C THR A 85 7.44 2.76 9.62
N GLY A 86 6.37 3.45 9.25
CA GLY A 86 5.48 4.02 10.24
C GLY A 86 4.07 3.47 10.14
N PHE A 87 3.96 2.15 10.08
CA PHE A 87 2.66 1.50 9.97
C PHE A 87 2.47 0.46 11.06
N ASP A 88 2.03 0.90 12.23
CA ASP A 88 1.81 0.00 13.36
C ASP A 88 0.34 -0.04 13.76
N ALA A 89 -0.49 0.68 13.01
CA ALA A 89 -1.91 0.74 13.28
C ALA A 89 -2.20 1.36 14.64
N ASP A 90 -1.40 2.36 14.99
CA ASP A 90 -1.56 3.05 16.28
C ASP A 90 -0.93 4.44 16.22
N ILE A 91 -1.76 5.46 16.19
CA ILE A 91 -1.29 6.84 16.15
C ILE A 91 -0.94 7.34 17.54
N SER A 92 -0.31 6.49 18.34
CA SER A 92 0.07 6.84 19.70
C SER A 92 1.33 7.69 19.70
N GLY A 93 1.49 8.52 20.73
CA GLY A 93 2.65 9.37 20.83
C GLY A 93 3.16 9.51 22.25
N PRO A 94 3.90 10.59 22.52
CA PRO A 94 4.46 10.85 23.86
C PRO A 94 3.39 11.22 24.87
N SER A 95 3.78 11.28 26.14
CA SER A 95 2.84 11.61 27.21
C SER A 95 3.55 12.37 28.33
N SER A 96 2.78 12.84 29.30
CA SER A 96 3.32 13.59 30.42
C SER A 96 4.25 12.72 31.25
N GLY A 97 5.45 13.23 31.54
CA GLY A 97 6.42 12.49 32.33
C GLY A 97 7.05 11.36 31.54
N GLY A 1 -11.62 5.61 -20.07
CA GLY A 1 -11.05 6.75 -19.37
C GLY A 1 -11.94 7.25 -18.25
N SER A 2 -13.12 7.72 -18.62
CA SER A 2 -14.07 8.25 -17.64
C SER A 2 -15.13 7.20 -17.29
N SER A 3 -15.15 6.77 -16.03
CA SER A 3 -16.11 5.77 -15.57
C SER A 3 -16.10 5.67 -14.05
N GLY A 4 -17.03 4.89 -13.51
CA GLY A 4 -17.12 4.73 -12.07
C GLY A 4 -17.25 6.06 -11.34
N SER A 5 -16.36 6.29 -10.39
CA SER A 5 -16.38 7.52 -9.61
C SER A 5 -15.14 8.36 -9.89
N SER A 6 -15.31 9.68 -9.90
CA SER A 6 -14.20 10.60 -10.15
C SER A 6 -14.12 11.67 -9.06
N GLY A 7 -13.18 11.50 -8.13
CA GLY A 7 -13.02 12.46 -7.06
C GLY A 7 -11.60 12.49 -6.53
N ARG A 8 -10.76 13.33 -7.12
CA ARG A 8 -9.37 13.45 -6.70
C ARG A 8 -9.13 14.80 -6.02
N LYS A 9 -9.21 14.82 -4.71
CA LYS A 9 -9.01 16.04 -3.94
C LYS A 9 -7.74 15.93 -3.08
N ILE A 10 -6.74 16.75 -3.41
CA ILE A 10 -5.48 16.74 -2.68
C ILE A 10 -4.96 18.16 -2.48
N LEU A 11 -4.55 18.47 -1.25
CA LEU A 11 -4.03 19.79 -0.93
C LEU A 11 -2.80 19.69 -0.04
N ASP A 12 -1.87 20.63 -0.21
CA ASP A 12 -0.65 20.64 0.59
C ASP A 12 -0.88 21.33 1.93
N SER A 13 -0.96 20.53 2.99
CA SER A 13 -1.18 21.05 4.33
C SER A 13 -0.68 20.08 5.39
N LYS A 14 -0.77 20.48 6.65
CA LYS A 14 -0.33 19.64 7.76
C LYS A 14 -0.74 18.19 7.54
N ALA A 15 0.22 17.37 7.13
CA ALA A 15 -0.03 15.96 6.88
C ALA A 15 1.08 15.09 7.45
N ILE A 16 0.92 13.78 7.34
CA ILE A 16 1.91 12.84 7.85
C ILE A 16 2.52 12.03 6.71
N ASP A 17 3.82 11.75 6.82
CA ASP A 17 4.52 10.98 5.82
C ASP A 17 3.97 9.56 5.71
N LEU A 18 2.79 9.44 5.11
CA LEU A 18 2.14 8.15 4.95
C LEU A 18 2.14 7.71 3.49
N MET A 19 1.56 8.54 2.63
CA MET A 19 1.50 8.24 1.21
C MET A 19 2.89 8.13 0.61
N ASN A 20 3.89 8.55 1.39
CA ASN A 20 5.28 8.50 0.93
C ASN A 20 5.75 7.06 0.76
N ALA A 21 5.35 6.20 1.69
CA ALA A 21 5.73 4.80 1.64
C ALA A 21 5.81 4.30 0.20
N LEU A 22 4.90 4.78 -0.65
CA LEU A 22 4.87 4.39 -2.05
C LEU A 22 6.17 4.77 -2.75
N MET A 23 6.36 6.07 -2.97
CA MET A 23 7.56 6.56 -3.63
C MET A 23 8.80 5.81 -3.14
N ARG A 24 8.91 5.65 -1.83
CA ARG A 24 10.04 4.95 -1.24
C ARG A 24 10.31 3.63 -1.97
N LEU A 25 9.31 2.77 -2.00
CA LEU A 25 9.44 1.47 -2.66
C LEU A 25 10.10 1.63 -4.03
N ASN A 26 9.70 2.65 -4.76
CA ASN A 26 10.26 2.90 -6.09
C ASN A 26 11.73 3.30 -5.99
N GLN A 27 12.04 4.22 -5.09
CA GLN A 27 13.41 4.68 -4.89
C GLN A 27 14.36 3.50 -4.77
N ILE A 28 14.11 2.63 -3.79
CA ILE A 28 14.94 1.45 -3.58
C ILE A 28 14.76 0.43 -4.69
N ARG A 29 13.53 0.31 -5.17
CA ARG A 29 13.21 -0.62 -6.24
C ARG A 29 12.36 0.03 -7.32
N PRO A 30 13.03 0.66 -8.31
CA PRO A 30 12.34 1.34 -9.41
C PRO A 30 11.65 0.36 -10.36
N GLY A 31 10.88 0.89 -11.30
CA GLY A 31 10.18 0.05 -12.25
C GLY A 31 9.35 -1.02 -11.58
N LEU A 32 8.33 -0.60 -10.83
CA LEU A 32 7.46 -1.53 -10.14
C LEU A 32 6.12 -1.68 -10.84
N GLN A 33 5.53 -2.86 -10.76
CA GLN A 33 4.24 -3.13 -11.40
C GLN A 33 3.22 -3.61 -10.39
N TYR A 34 2.22 -2.77 -10.10
CA TYR A 34 1.18 -3.13 -9.14
C TYR A 34 -0.04 -3.69 -9.85
N LYS A 35 -0.58 -4.77 -9.30
CA LYS A 35 -1.76 -5.41 -9.88
C LYS A 35 -2.80 -5.72 -8.80
N LEU A 36 -4.07 -5.58 -9.15
CA LEU A 36 -5.16 -5.84 -8.22
C LEU A 36 -5.67 -7.27 -8.37
N LEU A 37 -5.26 -8.14 -7.46
CA LEU A 37 -5.69 -9.54 -7.49
C LEU A 37 -7.19 -9.65 -7.73
N SER A 38 -7.97 -9.02 -6.85
CA SER A 38 -9.42 -9.05 -6.96
C SER A 38 -10.06 -8.14 -5.91
N GLN A 39 -11.28 -7.69 -6.21
CA GLN A 39 -12.00 -6.82 -5.29
C GLN A 39 -13.28 -7.49 -4.78
N SER A 40 -13.54 -7.34 -3.49
CA SER A 40 -14.72 -7.95 -2.88
C SER A 40 -15.43 -6.95 -1.98
N GLY A 41 -16.65 -7.29 -1.56
CA GLY A 41 -17.41 -6.42 -0.68
C GLY A 41 -18.33 -5.50 -1.47
N PRO A 42 -18.91 -4.51 -0.77
CA PRO A 42 -19.82 -3.53 -1.38
C PRO A 42 -19.09 -2.58 -2.32
N VAL A 43 -19.84 -1.62 -2.87
CA VAL A 43 -19.27 -0.64 -3.78
C VAL A 43 -18.70 0.55 -3.03
N HIS A 44 -19.15 0.74 -1.79
CA HIS A 44 -18.69 1.85 -0.96
C HIS A 44 -17.64 1.37 0.04
N ALA A 45 -17.62 0.06 0.28
CA ALA A 45 -16.67 -0.52 1.22
C ALA A 45 -16.00 -1.76 0.63
N PRO A 46 -15.57 -1.65 -0.64
CA PRO A 46 -14.91 -2.75 -1.36
C PRO A 46 -13.51 -3.03 -0.81
N VAL A 47 -12.97 -4.19 -1.17
CA VAL A 47 -11.63 -4.58 -0.72
C VAL A 47 -10.67 -4.70 -1.90
N PHE A 48 -9.91 -3.64 -2.14
CA PHE A 48 -8.94 -3.63 -3.23
C PHE A 48 -7.68 -4.38 -2.85
N THR A 49 -7.55 -5.61 -3.33
CA THR A 49 -6.38 -6.44 -3.04
C THR A 49 -5.26 -6.18 -4.04
N MET A 50 -4.13 -5.68 -3.55
CA MET A 50 -2.99 -5.40 -4.41
C MET A 50 -1.91 -6.46 -4.25
N SER A 51 -0.91 -6.43 -5.12
CA SER A 51 0.17 -7.40 -5.07
C SER A 51 1.37 -6.90 -5.88
N VAL A 52 2.57 -7.08 -5.32
CA VAL A 52 3.79 -6.65 -5.99
C VAL A 52 4.91 -7.66 -5.78
N ASP A 53 5.78 -7.79 -6.77
CA ASP A 53 6.90 -8.72 -6.69
C ASP A 53 8.21 -7.97 -6.45
N VAL A 54 8.79 -8.17 -5.27
CA VAL A 54 10.04 -7.51 -4.91
C VAL A 54 11.06 -8.52 -4.38
N ASP A 55 12.25 -8.50 -4.95
CA ASP A 55 13.31 -9.42 -4.52
C ASP A 55 12.78 -10.84 -4.40
N GLY A 56 12.13 -11.32 -5.45
CA GLY A 56 11.58 -12.67 -5.43
C GLY A 56 10.62 -12.88 -4.29
N THR A 57 9.97 -11.80 -3.84
CA THR A 57 9.01 -11.89 -2.74
C THR A 57 7.70 -11.21 -3.11
N THR A 58 6.70 -12.02 -3.43
CA THR A 58 5.39 -11.50 -3.79
C THR A 58 4.61 -11.05 -2.56
N TYR A 59 4.35 -9.75 -2.47
CA TYR A 59 3.63 -9.20 -1.33
C TYR A 59 2.14 -9.03 -1.67
N GLU A 60 1.31 -8.94 -0.64
CA GLU A 60 -0.12 -8.78 -0.83
C GLU A 60 -0.72 -7.91 0.27
N ALA A 61 -1.33 -6.80 -0.13
CA ALA A 61 -1.95 -5.88 0.83
C ALA A 61 -3.28 -5.35 0.30
N SER A 62 -4.31 -5.41 1.14
CA SER A 62 -5.63 -4.93 0.75
C SER A 62 -5.93 -3.58 1.39
N GLY A 63 -6.85 -2.84 0.78
CA GLY A 63 -7.21 -1.54 1.30
C GLY A 63 -8.58 -1.08 0.83
N PRO A 64 -9.08 0.01 1.42
CA PRO A 64 -10.39 0.57 1.07
C PRO A 64 -10.40 1.20 -0.32
N SER A 65 -9.22 1.35 -0.90
CA SER A 65 -9.10 1.95 -2.23
C SER A 65 -7.82 1.47 -2.91
N LYS A 66 -7.62 1.93 -4.14
CA LYS A 66 -6.44 1.56 -4.92
C LYS A 66 -5.18 2.19 -4.33
N LYS A 67 -5.27 3.48 -4.01
CA LYS A 67 -4.14 4.20 -3.43
C LYS A 67 -3.70 3.58 -2.12
N THR A 68 -4.68 3.12 -1.33
CA THR A 68 -4.38 2.49 -0.05
C THR A 68 -3.74 1.13 -0.23
N ALA A 69 -4.36 0.29 -1.06
CA ALA A 69 -3.84 -1.04 -1.33
C ALA A 69 -2.37 -1.00 -1.73
N LYS A 70 -2.07 -0.19 -2.74
CA LYS A 70 -0.70 -0.05 -3.23
C LYS A 70 0.23 0.42 -2.11
N LEU A 71 -0.24 1.38 -1.33
CA LEU A 71 0.54 1.92 -0.22
C LEU A 71 0.86 0.83 0.80
N HIS A 72 -0.18 0.16 1.28
CA HIS A 72 -0.01 -0.90 2.27
C HIS A 72 1.06 -1.89 1.81
N VAL A 73 0.92 -2.38 0.58
CA VAL A 73 1.88 -3.33 0.02
C VAL A 73 3.32 -2.89 0.29
N ALA A 74 3.65 -1.69 -0.18
CA ALA A 74 4.99 -1.15 0.00
C ALA A 74 5.46 -1.30 1.45
N VAL A 75 4.64 -0.81 2.38
CA VAL A 75 4.97 -0.90 3.80
C VAL A 75 5.43 -2.30 4.17
N LYS A 76 4.74 -3.31 3.65
CA LYS A 76 5.08 -4.69 3.93
C LYS A 76 6.49 -5.01 3.44
N VAL A 77 6.81 -4.55 2.24
CA VAL A 77 8.14 -4.79 1.66
C VAL A 77 9.23 -4.18 2.53
N LEU A 78 9.09 -2.89 2.82
CA LEU A 78 10.07 -2.18 3.63
C LEU A 78 10.30 -2.90 4.96
N GLN A 79 9.21 -3.32 5.59
CA GLN A 79 9.30 -4.04 6.87
C GLN A 79 10.16 -5.29 6.74
N ALA A 80 9.97 -6.00 5.63
CA ALA A 80 10.73 -7.22 5.38
C ALA A 80 12.23 -6.94 5.30
N MET A 81 12.59 -5.98 4.47
CA MET A 81 14.00 -5.60 4.31
C MET A 81 14.57 -5.04 5.60
N GLY A 82 13.70 -4.48 6.43
CA GLY A 82 14.13 -3.91 7.70
C GLY A 82 14.29 -2.41 7.63
N TYR A 83 13.42 -1.75 6.87
CA TYR A 83 13.46 -0.30 6.72
C TYR A 83 12.37 0.37 7.55
N PRO A 84 12.67 1.57 8.05
CA PRO A 84 11.72 2.34 8.87
C PRO A 84 10.55 2.87 8.05
N THR A 85 9.36 2.37 8.35
CA THR A 85 8.16 2.79 7.64
C THR A 85 7.41 3.85 8.42
N GLY A 86 6.33 4.37 7.83
CA GLY A 86 5.54 5.39 8.48
C GLY A 86 4.32 4.83 9.19
N PHE A 87 3.47 4.11 8.43
CA PHE A 87 2.27 3.52 8.99
C PHE A 87 2.19 2.03 8.64
N ASP A 88 2.15 1.19 9.67
CA ASP A 88 2.06 -0.25 9.48
C ASP A 88 0.85 -0.83 10.20
N ALA A 89 0.58 -2.11 9.97
CA ALA A 89 -0.56 -2.78 10.59
C ALA A 89 -0.09 -3.97 11.41
N ASP A 90 0.43 -3.70 12.61
CA ASP A 90 0.91 -4.75 13.49
C ASP A 90 1.34 -4.17 14.84
N ILE A 91 0.58 -4.51 15.89
CA ILE A 91 0.89 -4.02 17.23
C ILE A 91 1.79 -4.99 17.98
N SER A 92 1.85 -6.23 17.50
CA SER A 92 2.67 -7.25 18.12
C SER A 92 4.09 -7.23 17.55
N GLY A 93 4.20 -7.15 16.24
CA GLY A 93 5.50 -7.12 15.59
C GLY A 93 5.78 -8.37 14.79
N PRO A 94 6.50 -9.32 15.41
CA PRO A 94 6.85 -10.59 14.76
C PRO A 94 5.64 -11.49 14.55
N SER A 95 5.75 -12.41 13.59
CA SER A 95 4.66 -13.33 13.28
C SER A 95 5.20 -14.67 12.79
N SER A 96 4.98 -15.71 13.58
CA SER A 96 5.45 -17.05 13.23
C SER A 96 5.15 -17.36 11.76
N GLY A 97 6.06 -18.11 11.14
CA GLY A 97 5.87 -18.47 9.74
C GLY A 97 6.81 -17.71 8.82
N GLY A 1 -27.48 -7.31 9.32
CA GLY A 1 -26.59 -6.91 8.25
C GLY A 1 -27.07 -5.67 7.52
N SER A 2 -27.07 -5.73 6.19
CA SER A 2 -27.51 -4.61 5.37
C SER A 2 -26.66 -3.38 5.64
N SER A 3 -25.35 -3.59 5.79
CA SER A 3 -24.42 -2.50 6.06
C SER A 3 -24.51 -1.44 4.96
N GLY A 4 -24.05 -0.23 5.27
CA GLY A 4 -24.08 0.85 4.31
C GLY A 4 -24.43 2.18 4.94
N SER A 5 -23.46 3.08 4.98
CA SER A 5 -23.67 4.41 5.57
C SER A 5 -23.44 5.50 4.53
N SER A 6 -24.53 5.97 3.93
CA SER A 6 -24.45 7.02 2.92
C SER A 6 -24.83 8.37 3.51
N GLY A 7 -23.85 9.08 4.05
CA GLY A 7 -24.10 10.39 4.64
C GLY A 7 -22.98 11.37 4.39
N ARG A 8 -22.98 12.48 5.12
CA ARG A 8 -21.95 13.50 4.97
C ARG A 8 -20.58 12.86 4.81
N LYS A 9 -19.81 13.38 3.86
CA LYS A 9 -18.46 12.87 3.60
C LYS A 9 -17.66 13.85 2.75
N ILE A 10 -16.33 13.74 2.82
CA ILE A 10 -15.45 14.62 2.05
C ILE A 10 -14.29 13.84 1.47
N LEU A 11 -13.53 14.49 0.58
CA LEU A 11 -12.39 13.86 -0.06
C LEU A 11 -11.11 14.63 0.25
N ASP A 12 -10.23 14.02 1.03
CA ASP A 12 -8.96 14.65 1.40
C ASP A 12 -7.81 13.65 1.29
N SER A 13 -6.79 14.01 0.52
CA SER A 13 -5.63 13.15 0.33
C SER A 13 -5.23 12.49 1.64
N LYS A 14 -5.52 13.15 2.75
CA LYS A 14 -5.20 12.63 4.08
C LYS A 14 -3.87 11.89 4.05
N ALA A 15 -2.87 12.49 3.43
CA ALA A 15 -1.54 11.88 3.34
C ALA A 15 -0.60 12.47 4.39
N ILE A 16 -0.57 11.85 5.57
CA ILE A 16 0.28 12.31 6.66
C ILE A 16 1.49 11.39 6.82
N ASP A 17 2.64 11.86 6.39
CA ASP A 17 3.87 11.09 6.49
C ASP A 17 3.62 9.61 6.24
N LEU A 18 2.82 9.32 5.23
CA LEU A 18 2.48 7.94 4.88
C LEU A 18 2.73 7.66 3.41
N MET A 19 2.17 8.51 2.55
CA MET A 19 2.34 8.36 1.10
C MET A 19 3.78 8.01 0.77
N ASN A 20 4.71 8.49 1.58
CA ASN A 20 6.13 8.23 1.36
C ASN A 20 6.36 6.77 0.97
N ALA A 21 5.75 5.86 1.72
CA ALA A 21 5.89 4.43 1.46
C ALA A 21 5.98 4.16 -0.03
N LEU A 22 4.89 4.41 -0.75
CA LEU A 22 4.86 4.19 -2.20
C LEU A 22 6.17 4.62 -2.84
N MET A 23 6.46 5.92 -2.77
CA MET A 23 7.68 6.46 -3.35
C MET A 23 8.89 5.61 -2.95
N ARG A 24 9.13 5.48 -1.65
CA ARG A 24 10.25 4.71 -1.14
C ARG A 24 10.45 3.44 -1.97
N LEU A 25 9.40 2.64 -2.08
CA LEU A 25 9.45 1.40 -2.84
C LEU A 25 10.04 1.64 -4.23
N ASN A 26 9.50 2.64 -4.92
CA ASN A 26 9.97 2.98 -6.26
C ASN A 26 11.46 3.34 -6.24
N GLN A 27 11.85 4.18 -5.28
CA GLN A 27 13.24 4.59 -5.16
C GLN A 27 14.17 3.40 -5.14
N ILE A 28 13.92 2.47 -4.21
CA ILE A 28 14.74 1.27 -4.09
C ILE A 28 14.59 0.37 -5.31
N ARG A 29 13.35 0.21 -5.76
CA ARG A 29 13.06 -0.63 -6.92
C ARG A 29 12.33 0.16 -8.00
N PRO A 30 13.10 0.77 -8.91
CA PRO A 30 12.54 1.56 -10.00
C PRO A 30 11.82 0.70 -11.04
N GLY A 31 10.76 1.26 -11.62
CA GLY A 31 10.00 0.52 -12.62
C GLY A 31 9.19 -0.61 -12.02
N LEU A 32 8.18 -0.26 -11.23
CA LEU A 32 7.33 -1.26 -10.59
C LEU A 32 5.94 -1.28 -11.21
N GLN A 33 5.27 -2.42 -11.11
CA GLN A 33 3.93 -2.57 -11.67
C GLN A 33 3.00 -3.25 -10.67
N TYR A 34 2.05 -2.48 -10.14
CA TYR A 34 1.10 -3.02 -9.17
C TYR A 34 -0.13 -3.58 -9.87
N LYS A 35 -0.61 -4.72 -9.38
CA LYS A 35 -1.78 -5.37 -9.96
C LYS A 35 -2.80 -5.71 -8.88
N LEU A 36 -4.08 -5.61 -9.23
CA LEU A 36 -5.16 -5.91 -8.30
C LEU A 36 -5.61 -7.37 -8.43
N LEU A 37 -5.06 -8.23 -7.56
CA LEU A 37 -5.41 -9.64 -7.58
C LEU A 37 -6.91 -9.84 -7.76
N SER A 38 -7.69 -9.27 -6.84
CA SER A 38 -9.15 -9.38 -6.91
C SER A 38 -9.80 -8.32 -6.03
N GLN A 39 -11.08 -8.06 -6.29
CA GLN A 39 -11.82 -7.06 -5.53
C GLN A 39 -13.13 -7.64 -5.02
N SER A 40 -13.36 -7.52 -3.71
CA SER A 40 -14.59 -8.03 -3.10
C SER A 40 -15.18 -7.01 -2.12
N GLY A 41 -16.47 -7.14 -1.85
CA GLY A 41 -17.13 -6.23 -0.94
C GLY A 41 -18.12 -5.33 -1.64
N PRO A 42 -18.75 -4.42 -0.87
CA PRO A 42 -19.73 -3.47 -1.41
C PRO A 42 -19.08 -2.42 -2.31
N VAL A 43 -19.91 -1.53 -2.86
CA VAL A 43 -19.42 -0.47 -3.74
C VAL A 43 -18.86 0.69 -2.94
N HIS A 44 -19.38 0.88 -1.73
CA HIS A 44 -18.92 1.96 -0.86
C HIS A 44 -17.77 1.49 0.02
N ALA A 45 -17.71 0.19 0.28
CA ALA A 45 -16.65 -0.38 1.10
C ALA A 45 -15.97 -1.54 0.39
N PRO A 46 -15.54 -1.31 -0.86
CA PRO A 46 -14.87 -2.31 -1.67
C PRO A 46 -13.47 -2.63 -1.15
N VAL A 47 -13.03 -3.87 -1.36
CA VAL A 47 -11.71 -4.30 -0.93
C VAL A 47 -10.75 -4.43 -2.11
N PHE A 48 -9.81 -3.50 -2.20
CA PHE A 48 -8.84 -3.51 -3.28
C PHE A 48 -7.59 -4.30 -2.88
N THR A 49 -7.48 -5.53 -3.38
CA THR A 49 -6.34 -6.38 -3.08
C THR A 49 -5.21 -6.18 -4.08
N MET A 50 -4.16 -5.49 -3.65
CA MET A 50 -3.01 -5.22 -4.52
C MET A 50 -1.93 -6.27 -4.31
N SER A 51 -0.98 -6.32 -5.24
CA SER A 51 0.11 -7.29 -5.16
C SER A 51 1.33 -6.80 -5.94
N VAL A 52 2.51 -6.94 -5.34
CA VAL A 52 3.75 -6.51 -5.97
C VAL A 52 4.86 -7.52 -5.74
N ASP A 53 5.74 -7.66 -6.73
CA ASP A 53 6.85 -8.59 -6.64
C ASP A 53 8.17 -7.85 -6.46
N VAL A 54 8.64 -7.79 -5.22
CA VAL A 54 9.90 -7.10 -4.91
C VAL A 54 10.86 -8.04 -4.20
N ASP A 55 12.15 -7.89 -4.50
CA ASP A 55 13.18 -8.72 -3.89
C ASP A 55 12.77 -10.18 -3.90
N GLY A 56 12.26 -10.65 -5.04
CA GLY A 56 11.84 -12.03 -5.16
C GLY A 56 10.82 -12.42 -4.11
N THR A 57 10.04 -11.44 -3.65
CA THR A 57 9.03 -11.69 -2.63
C THR A 57 7.69 -11.06 -3.02
N THR A 58 6.68 -11.90 -3.22
CA THR A 58 5.36 -11.43 -3.59
C THR A 58 4.59 -10.92 -2.38
N TYR A 59 4.30 -9.62 -2.37
CA TYR A 59 3.57 -9.01 -1.27
C TYR A 59 2.11 -8.78 -1.64
N GLU A 60 1.21 -9.01 -0.68
CA GLU A 60 -0.21 -8.83 -0.91
C GLU A 60 -0.85 -8.03 0.22
N ALA A 61 -1.43 -6.88 -0.11
CA ALA A 61 -2.07 -6.03 0.88
C ALA A 61 -3.42 -5.52 0.37
N SER A 62 -4.45 -5.68 1.18
CA SER A 62 -5.79 -5.24 0.80
C SER A 62 -6.19 -3.98 1.57
N GLY A 63 -6.77 -3.02 0.86
CA GLY A 63 -7.18 -1.78 1.50
C GLY A 63 -8.56 -1.34 1.06
N PRO A 64 -9.03 -0.21 1.62
CA PRO A 64 -10.35 0.34 1.29
C PRO A 64 -10.41 0.90 -0.12
N SER A 65 -9.28 1.35 -0.64
CA SER A 65 -9.21 1.91 -1.98
C SER A 65 -7.94 1.45 -2.69
N LYS A 66 -7.85 1.76 -3.98
CA LYS A 66 -6.69 1.38 -4.79
C LYS A 66 -5.42 2.05 -4.25
N LYS A 67 -5.53 3.34 -3.94
CA LYS A 67 -4.39 4.10 -3.42
C LYS A 67 -3.86 3.46 -2.14
N THR A 68 -4.74 3.31 -1.16
CA THR A 68 -4.36 2.73 0.13
C THR A 68 -3.70 1.37 -0.07
N ALA A 69 -4.33 0.53 -0.88
CA ALA A 69 -3.81 -0.80 -1.15
C ALA A 69 -2.35 -0.75 -1.59
N LYS A 70 -2.07 0.00 -2.64
CA LYS A 70 -0.72 0.15 -3.16
C LYS A 70 0.23 0.65 -2.08
N LEU A 71 -0.27 1.53 -1.23
CA LEU A 71 0.53 2.08 -0.14
C LEU A 71 0.85 1.01 0.89
N HIS A 72 -0.15 0.21 1.25
CA HIS A 72 0.03 -0.85 2.23
C HIS A 72 1.10 -1.83 1.77
N VAL A 73 0.87 -2.47 0.63
CA VAL A 73 1.82 -3.43 0.09
C VAL A 73 3.26 -2.97 0.31
N ALA A 74 3.55 -1.74 -0.08
CA ALA A 74 4.89 -1.18 0.08
C ALA A 74 5.35 -1.28 1.52
N VAL A 75 4.56 -0.74 2.44
CA VAL A 75 4.90 -0.78 3.86
C VAL A 75 5.46 -2.13 4.26
N LYS A 76 4.83 -3.20 3.78
CA LYS A 76 5.27 -4.56 4.08
C LYS A 76 6.66 -4.81 3.51
N VAL A 77 6.83 -4.54 2.22
CA VAL A 77 8.11 -4.75 1.56
C VAL A 77 9.26 -4.16 2.40
N LEU A 78 9.15 -2.88 2.72
CA LEU A 78 10.17 -2.20 3.50
C LEU A 78 10.36 -2.89 4.85
N GLN A 79 9.28 -3.05 5.60
CA GLN A 79 9.33 -3.69 6.90
C GLN A 79 10.07 -5.02 6.82
N ALA A 80 9.79 -5.79 5.78
CA ALA A 80 10.44 -7.08 5.58
C ALA A 80 11.95 -6.93 5.47
N MET A 81 12.39 -6.02 4.60
CA MET A 81 13.81 -5.78 4.40
C MET A 81 14.44 -5.16 5.64
N GLY A 82 13.60 -4.54 6.47
CA GLY A 82 14.10 -3.91 7.70
C GLY A 82 14.36 -2.43 7.51
N TYR A 83 13.50 -1.78 6.75
CA TYR A 83 13.64 -0.35 6.50
C TYR A 83 12.60 0.45 7.28
N PRO A 84 12.98 1.65 7.75
CA PRO A 84 12.09 2.52 8.51
C PRO A 84 10.98 3.11 7.64
N THR A 85 9.76 2.60 7.81
CA THR A 85 8.62 3.07 7.05
C THR A 85 7.99 4.30 7.71
N GLY A 86 7.66 4.16 8.99
CA GLY A 86 7.05 5.25 9.72
C GLY A 86 5.54 5.22 9.65
N PHE A 87 4.95 4.16 10.17
CA PHE A 87 3.49 4.01 10.16
C PHE A 87 2.97 3.67 11.55
N ASP A 88 3.65 2.74 12.22
CA ASP A 88 3.25 2.32 13.57
C ASP A 88 4.45 1.76 14.33
N ALA A 89 4.27 1.58 15.64
CA ALA A 89 5.34 1.05 16.49
C ALA A 89 5.21 -0.46 16.65
N ASP A 90 4.79 -1.13 15.58
CA ASP A 90 4.64 -2.58 15.60
C ASP A 90 5.73 -3.26 14.79
N ILE A 91 6.89 -2.62 14.71
CA ILE A 91 8.01 -3.17 13.96
C ILE A 91 8.17 -4.66 14.21
N SER A 92 8.18 -5.44 13.13
CA SER A 92 8.32 -6.89 13.24
C SER A 92 8.67 -7.50 11.88
N GLY A 93 9.23 -8.71 11.91
CA GLY A 93 9.60 -9.38 10.68
C GLY A 93 8.42 -9.61 9.77
N PRO A 94 8.57 -10.55 8.81
CA PRO A 94 7.52 -10.89 7.86
C PRO A 94 6.35 -11.62 8.52
N SER A 95 5.18 -10.99 8.48
CA SER A 95 3.98 -11.56 9.09
C SER A 95 2.83 -11.59 8.08
N SER A 96 2.30 -12.78 7.83
CA SER A 96 1.19 -12.95 6.88
C SER A 96 0.61 -14.35 6.98
N GLY A 97 -0.71 -14.43 7.13
CA GLY A 97 -1.38 -15.71 7.22
C GLY A 97 -2.82 -15.65 6.78
N GLY A 1 -4.84 -9.96 -15.76
CA GLY A 1 -5.14 -9.42 -14.45
C GLY A 1 -6.25 -8.40 -14.48
N SER A 2 -5.99 -7.27 -15.14
CA SER A 2 -6.99 -6.20 -15.24
C SER A 2 -7.20 -5.79 -16.70
N SER A 3 -8.09 -6.51 -17.38
CA SER A 3 -8.38 -6.22 -18.78
C SER A 3 -9.17 -4.93 -18.93
N GLY A 4 -9.10 -4.33 -20.11
CA GLY A 4 -9.81 -3.09 -20.36
C GLY A 4 -8.96 -1.87 -20.08
N SER A 5 -9.60 -0.76 -19.75
CA SER A 5 -8.89 0.49 -19.47
C SER A 5 -9.62 1.30 -18.40
N SER A 6 -8.97 2.34 -17.91
CA SER A 6 -9.55 3.20 -16.89
C SER A 6 -8.66 4.40 -16.61
N GLY A 7 -9.17 5.60 -16.91
CA GLY A 7 -8.40 6.81 -16.69
C GLY A 7 -9.13 7.80 -15.79
N ARG A 8 -8.53 8.08 -14.64
CA ARG A 8 -9.13 9.02 -13.69
C ARG A 8 -8.13 9.44 -12.62
N LYS A 9 -7.77 10.71 -12.63
CA LYS A 9 -6.81 11.24 -11.66
C LYS A 9 -7.33 12.53 -11.03
N ILE A 10 -6.73 12.92 -9.91
CA ILE A 10 -7.13 14.12 -9.20
C ILE A 10 -5.91 14.92 -8.73
N LEU A 11 -5.99 16.24 -8.83
CA LEU A 11 -4.91 17.10 -8.41
C LEU A 11 -4.72 17.05 -6.90
N ASP A 12 -5.76 17.41 -6.17
CA ASP A 12 -5.72 17.41 -4.71
C ASP A 12 -5.64 15.98 -4.17
N SER A 13 -4.80 15.77 -3.17
CA SER A 13 -4.64 14.45 -2.57
C SER A 13 -4.73 14.53 -1.05
N LYS A 14 -5.06 13.40 -0.42
CA LYS A 14 -5.17 13.34 1.03
C LYS A 14 -4.04 12.51 1.63
N ALA A 15 -2.83 12.68 1.10
CA ALA A 15 -1.67 11.95 1.58
C ALA A 15 -0.91 12.75 2.63
N ILE A 16 -1.03 12.35 3.89
CA ILE A 16 -0.36 13.03 4.99
C ILE A 16 0.58 12.08 5.73
N ASP A 17 1.83 12.02 5.28
CA ASP A 17 2.82 11.16 5.90
C ASP A 17 2.47 9.69 5.70
N LEU A 18 1.94 9.36 4.52
CA LEU A 18 1.56 8.00 4.20
C LEU A 18 2.12 7.57 2.84
N MET A 19 1.93 8.43 1.84
CA MET A 19 2.43 8.15 0.49
C MET A 19 3.93 7.83 0.53
N ASN A 20 4.64 8.38 1.50
CA ASN A 20 6.07 8.15 1.63
C ASN A 20 6.43 6.72 1.26
N ALA A 21 5.65 5.76 1.79
CA ALA A 21 5.89 4.36 1.52
C ALA A 21 5.97 4.10 0.02
N LEU A 22 4.91 4.46 -0.70
CA LEU A 22 4.86 4.26 -2.14
C LEU A 22 6.14 4.73 -2.80
N MET A 23 6.38 6.05 -2.75
CA MET A 23 7.58 6.63 -3.34
C MET A 23 8.83 5.89 -2.88
N ARG A 24 8.89 5.61 -1.57
CA ARG A 24 10.03 4.91 -0.99
C ARG A 24 10.32 3.62 -1.74
N LEU A 25 9.27 2.81 -1.94
CA LEU A 25 9.41 1.54 -2.65
C LEU A 25 10.11 1.74 -3.99
N ASN A 26 9.60 2.67 -4.78
CA ASN A 26 10.16 2.95 -6.10
C ASN A 26 11.60 3.45 -5.97
N GLN A 27 11.81 4.44 -5.09
CA GLN A 27 13.14 4.99 -4.88
C GLN A 27 14.18 3.90 -4.81
N ILE A 28 13.96 2.94 -3.90
CA ILE A 28 14.90 1.83 -3.72
C ILE A 28 14.89 0.91 -4.95
N ARG A 29 13.70 0.69 -5.50
CA ARG A 29 13.56 -0.17 -6.67
C ARG A 29 12.65 0.46 -7.71
N PRO A 30 13.24 1.20 -8.65
CA PRO A 30 12.49 1.88 -9.71
C PRO A 30 11.90 0.90 -10.72
N GLY A 31 10.78 1.28 -11.32
CA GLY A 31 10.12 0.43 -12.29
C GLY A 31 9.35 -0.71 -11.64
N LEU A 32 8.38 -0.36 -10.81
CA LEU A 32 7.57 -1.35 -10.12
C LEU A 32 6.15 -1.37 -10.67
N GLN A 33 5.52 -2.55 -10.65
CA GLN A 33 4.16 -2.69 -11.14
C GLN A 33 3.26 -3.31 -10.08
N TYR A 34 2.05 -2.78 -9.95
CA TYR A 34 1.09 -3.28 -8.97
C TYR A 34 -0.13 -3.88 -9.66
N LYS A 35 -0.54 -5.05 -9.20
CA LYS A 35 -1.70 -5.73 -9.76
C LYS A 35 -2.75 -6.00 -8.69
N LEU A 36 -4.02 -5.94 -9.08
CA LEU A 36 -5.12 -6.17 -8.15
C LEU A 36 -5.57 -7.63 -8.21
N LEU A 37 -5.08 -8.43 -7.27
CA LEU A 37 -5.43 -9.85 -7.20
C LEU A 37 -6.92 -10.04 -7.44
N SER A 38 -7.74 -9.32 -6.67
CA SER A 38 -9.19 -9.42 -6.78
C SER A 38 -9.87 -8.40 -5.88
N GLN A 39 -11.12 -8.06 -6.22
CA GLN A 39 -11.88 -7.09 -5.44
C GLN A 39 -13.10 -7.75 -4.80
N SER A 40 -13.28 -7.54 -3.50
CA SER A 40 -14.40 -8.12 -2.78
C SER A 40 -15.04 -7.10 -1.85
N GLY A 41 -16.30 -7.30 -1.52
CA GLY A 41 -17.01 -6.39 -0.65
C GLY A 41 -18.08 -5.59 -1.37
N PRO A 42 -18.72 -4.66 -0.64
CA PRO A 42 -19.77 -3.82 -1.20
C PRO A 42 -19.24 -2.81 -2.21
N VAL A 43 -20.11 -1.91 -2.68
CA VAL A 43 -19.72 -0.90 -3.64
C VAL A 43 -19.18 0.35 -2.95
N HIS A 44 -19.66 0.60 -1.73
CA HIS A 44 -19.22 1.75 -0.96
C HIS A 44 -17.92 1.46 -0.21
N ALA A 45 -17.77 0.21 0.22
CA ALA A 45 -16.58 -0.21 0.95
C ALA A 45 -15.89 -1.37 0.24
N PRO A 46 -15.56 -1.17 -1.05
CA PRO A 46 -14.89 -2.19 -1.87
C PRO A 46 -13.45 -2.41 -1.44
N VAL A 47 -13.07 -3.67 -1.28
CA VAL A 47 -11.71 -4.01 -0.87
C VAL A 47 -10.83 -4.27 -2.09
N PHE A 48 -9.79 -3.45 -2.24
CA PHE A 48 -8.87 -3.59 -3.36
C PHE A 48 -7.59 -4.30 -2.93
N THR A 49 -7.46 -5.57 -3.30
CA THR A 49 -6.29 -6.35 -2.94
C THR A 49 -5.17 -6.16 -3.97
N MET A 50 -4.10 -5.52 -3.54
CA MET A 50 -2.96 -5.27 -4.43
C MET A 50 -1.84 -6.27 -4.16
N SER A 51 -0.85 -6.29 -5.05
CA SER A 51 0.28 -7.21 -4.91
C SER A 51 1.44 -6.78 -5.79
N VAL A 52 2.66 -6.92 -5.28
CA VAL A 52 3.85 -6.55 -6.02
C VAL A 52 4.92 -7.63 -5.91
N ASP A 53 5.78 -7.71 -6.94
CA ASP A 53 6.85 -8.69 -6.96
C ASP A 53 8.21 -8.03 -6.71
N VAL A 54 8.68 -8.12 -5.48
CA VAL A 54 9.97 -7.53 -5.11
C VAL A 54 10.88 -8.56 -4.45
N ASP A 55 12.17 -8.50 -4.78
CA ASP A 55 13.14 -9.43 -4.22
C ASP A 55 12.60 -10.85 -4.23
N GLY A 56 11.98 -11.24 -5.35
CA GLY A 56 11.44 -12.58 -5.46
C GLY A 56 10.43 -12.88 -4.38
N THR A 57 9.70 -11.86 -3.94
CA THR A 57 8.70 -12.03 -2.90
C THR A 57 7.40 -11.33 -3.26
N THR A 58 6.37 -12.12 -3.56
CA THR A 58 5.07 -11.57 -3.92
C THR A 58 4.30 -11.08 -2.70
N TYR A 59 4.19 -9.77 -2.56
CA TYR A 59 3.49 -9.17 -1.43
C TYR A 59 2.01 -8.97 -1.76
N GLU A 60 1.19 -8.89 -0.72
CA GLU A 60 -0.25 -8.69 -0.89
C GLU A 60 -0.83 -7.84 0.24
N ALA A 61 -1.47 -6.75 -0.12
CA ALA A 61 -2.07 -5.84 0.86
C ALA A 61 -3.36 -5.23 0.33
N SER A 62 -4.44 -5.39 1.09
CA SER A 62 -5.74 -4.86 0.69
C SER A 62 -6.06 -3.57 1.47
N GLY A 63 -6.77 -2.66 0.81
CA GLY A 63 -7.13 -1.40 1.43
C GLY A 63 -8.51 -0.92 1.03
N PRO A 64 -8.93 0.21 1.62
CA PRO A 64 -10.24 0.80 1.32
C PRO A 64 -10.32 1.38 -0.09
N SER A 65 -9.17 1.52 -0.73
CA SER A 65 -9.11 2.07 -2.08
C SER A 65 -7.82 1.62 -2.79
N LYS A 66 -7.80 1.76 -4.10
CA LYS A 66 -6.65 1.38 -4.90
C LYS A 66 -5.40 2.14 -4.45
N LYS A 67 -5.57 3.43 -4.16
CA LYS A 67 -4.47 4.26 -3.71
C LYS A 67 -3.84 3.70 -2.44
N THR A 68 -4.68 3.42 -1.45
CA THR A 68 -4.20 2.88 -0.18
C THR A 68 -3.62 1.48 -0.36
N ALA A 69 -4.36 0.62 -1.06
CA ALA A 69 -3.91 -0.74 -1.30
C ALA A 69 -2.44 -0.78 -1.68
N LYS A 70 -2.11 -0.14 -2.80
CA LYS A 70 -0.73 -0.11 -3.28
C LYS A 70 0.22 0.35 -2.17
N LEU A 71 -0.19 1.37 -1.42
CA LEU A 71 0.62 1.88 -0.33
C LEU A 71 0.89 0.80 0.71
N HIS A 72 -0.18 0.14 1.17
CA HIS A 72 -0.05 -0.91 2.16
C HIS A 72 1.03 -1.91 1.77
N VAL A 73 0.92 -2.45 0.56
CA VAL A 73 1.89 -3.43 0.07
C VAL A 73 3.32 -2.93 0.29
N ALA A 74 3.63 -1.76 -0.27
CA ALA A 74 4.95 -1.18 -0.13
C ALA A 74 5.44 -1.24 1.32
N VAL A 75 4.56 -0.84 2.24
CA VAL A 75 4.90 -0.85 3.66
C VAL A 75 5.48 -2.20 4.08
N LYS A 76 4.83 -3.27 3.66
CA LYS A 76 5.29 -4.62 3.99
C LYS A 76 6.70 -4.85 3.49
N VAL A 77 6.91 -4.63 2.20
CA VAL A 77 8.22 -4.82 1.59
C VAL A 77 9.31 -4.17 2.42
N LEU A 78 9.09 -2.91 2.79
CA LEU A 78 10.05 -2.16 3.59
C LEU A 78 10.31 -2.86 4.92
N GLN A 79 9.23 -3.18 5.64
CA GLN A 79 9.35 -3.85 6.92
C GLN A 79 10.11 -5.17 6.79
N ALA A 80 9.82 -5.91 5.73
CA ALA A 80 10.48 -7.18 5.48
C ALA A 80 11.99 -7.00 5.35
N MET A 81 12.40 -5.99 4.59
CA MET A 81 13.82 -5.70 4.39
C MET A 81 14.44 -5.15 5.66
N GLY A 82 13.66 -4.40 6.43
CA GLY A 82 14.17 -3.82 7.66
C GLY A 82 14.30 -2.31 7.59
N TYR A 83 13.34 -1.67 6.93
CA TYR A 83 13.37 -0.22 6.77
C TYR A 83 12.32 0.44 7.68
N PRO A 84 12.54 1.72 8.01
CA PRO A 84 11.63 2.48 8.86
C PRO A 84 10.30 2.80 8.16
N THR A 85 9.24 2.13 8.59
CA THR A 85 7.92 2.34 7.99
C THR A 85 7.02 3.13 8.93
N GLY A 86 6.19 3.99 8.36
CA GLY A 86 5.28 4.79 9.16
C GLY A 86 4.57 3.98 10.22
N PHE A 87 4.15 2.78 9.85
CA PHE A 87 3.44 1.90 10.77
C PHE A 87 4.42 1.09 11.61
N ASP A 88 4.65 1.53 12.85
CA ASP A 88 5.56 0.85 13.75
C ASP A 88 4.92 0.64 15.11
N ALA A 89 5.34 -0.40 15.81
CA ALA A 89 4.82 -0.71 17.13
C ALA A 89 5.55 -1.89 17.76
N ASP A 90 6.41 -1.60 18.73
CA ASP A 90 7.18 -2.64 19.41
C ASP A 90 6.94 -2.59 20.91
N ILE A 91 5.69 -2.39 21.31
CA ILE A 91 5.33 -2.33 22.72
C ILE A 91 5.80 -3.57 23.47
N SER A 92 6.96 -3.48 24.10
CA SER A 92 7.52 -4.59 24.85
C SER A 92 6.58 -5.02 25.98
N GLY A 93 6.21 -6.29 26.00
CA GLY A 93 5.33 -6.79 27.04
C GLY A 93 4.20 -7.63 26.47
N PRO A 94 3.88 -8.74 27.16
CA PRO A 94 2.81 -9.66 26.74
C PRO A 94 1.43 -9.04 26.90
N SER A 95 1.00 -8.29 25.90
CA SER A 95 -0.31 -7.64 25.92
C SER A 95 -1.35 -8.46 25.18
N SER A 96 -2.22 -9.14 25.92
CA SER A 96 -3.25 -9.97 25.33
C SER A 96 -4.62 -9.29 25.44
N GLY A 97 -4.91 -8.75 26.60
CA GLY A 97 -6.18 -8.08 26.82
C GLY A 97 -6.37 -7.63 28.25
N GLY A 1 20.04 1.07 -27.11
CA GLY A 1 19.77 2.19 -26.24
C GLY A 1 20.02 1.87 -24.78
N SER A 2 19.84 2.87 -23.92
CA SER A 2 20.06 2.70 -22.49
C SER A 2 18.80 2.15 -21.82
N SER A 3 18.97 1.64 -20.61
CA SER A 3 17.84 1.08 -19.85
C SER A 3 17.96 1.43 -18.37
N GLY A 4 16.94 1.05 -17.60
CA GLY A 4 16.95 1.33 -16.18
C GLY A 4 16.75 2.81 -15.88
N SER A 5 15.78 3.42 -16.56
CA SER A 5 15.49 4.84 -16.37
C SER A 5 14.41 5.03 -15.32
N SER A 6 14.28 6.26 -14.83
CA SER A 6 13.29 6.58 -13.81
C SER A 6 12.48 7.81 -14.21
N GLY A 7 13.18 8.90 -14.48
CA GLY A 7 12.50 10.13 -14.87
C GLY A 7 12.13 10.99 -13.68
N ARG A 8 11.19 11.91 -13.89
CA ARG A 8 10.75 12.81 -12.83
C ARG A 8 9.45 12.32 -12.21
N LYS A 9 9.55 11.84 -10.96
CA LYS A 9 8.37 11.34 -10.26
C LYS A 9 7.72 12.44 -9.43
N ILE A 10 6.75 13.12 -10.03
CA ILE A 10 6.05 14.20 -9.35
C ILE A 10 4.54 14.03 -9.46
N LEU A 11 3.89 13.77 -8.33
CA LEU A 11 2.45 13.59 -8.30
C LEU A 11 1.85 14.20 -7.04
N ASP A 12 0.52 14.19 -6.96
CA ASP A 12 -0.18 14.75 -5.80
C ASP A 12 -0.68 13.64 -4.88
N SER A 13 0.20 13.17 -4.01
CA SER A 13 -0.15 12.09 -3.07
C SER A 13 -0.48 12.66 -1.70
N LYS A 14 -1.39 13.62 -1.66
CA LYS A 14 -1.79 14.25 -0.41
C LYS A 14 -1.91 13.22 0.70
N ALA A 15 -1.04 13.33 1.71
CA ALA A 15 -1.04 12.40 2.83
C ALA A 15 -0.09 12.88 3.93
N ILE A 16 -0.35 12.43 5.16
CA ILE A 16 0.49 12.80 6.29
C ILE A 16 1.35 11.63 6.75
N ASP A 17 2.59 11.59 6.28
CA ASP A 17 3.52 10.52 6.63
C ASP A 17 2.97 9.17 6.22
N LEU A 18 2.44 9.10 4.99
CA LEU A 18 1.88 7.85 4.48
C LEU A 18 2.47 7.53 3.10
N MET A 19 2.16 8.36 2.12
CA MET A 19 2.65 8.16 0.76
C MET A 19 4.13 7.81 0.77
N ASN A 20 4.84 8.26 1.81
CA ASN A 20 6.27 8.01 1.94
C ASN A 20 6.61 6.60 1.46
N ALA A 21 5.80 5.62 1.87
CA ALA A 21 6.02 4.24 1.48
C ALA A 21 6.13 4.10 -0.03
N LEU A 22 5.08 4.52 -0.73
CA LEU A 22 5.05 4.44 -2.19
C LEU A 22 6.34 4.99 -2.79
N MET A 23 6.76 6.15 -2.30
CA MET A 23 7.98 6.79 -2.78
C MET A 23 9.21 5.94 -2.46
N ARG A 24 9.19 5.32 -1.29
CA ARG A 24 10.30 4.47 -0.85
C ARG A 24 10.46 3.28 -1.78
N LEU A 25 9.40 2.48 -1.91
CA LEU A 25 9.43 1.30 -2.77
C LEU A 25 9.87 1.67 -4.19
N ASN A 26 9.50 2.87 -4.61
CA ASN A 26 9.86 3.35 -5.95
C ASN A 26 11.31 3.82 -5.99
N GLN A 27 11.78 4.36 -4.88
CA GLN A 27 13.15 4.85 -4.78
C GLN A 27 14.15 3.72 -5.04
N ILE A 28 13.96 2.60 -4.35
CA ILE A 28 14.84 1.46 -4.50
C ILE A 28 14.48 0.64 -5.73
N ARG A 29 13.18 0.53 -6.00
CA ARG A 29 12.69 -0.22 -7.15
C ARG A 29 11.92 0.68 -8.11
N PRO A 30 12.63 1.23 -9.11
CA PRO A 30 12.02 2.11 -10.11
C PRO A 30 11.08 1.38 -11.05
N GLY A 31 10.08 2.10 -11.54
CA GLY A 31 9.12 1.48 -12.45
C GLY A 31 8.54 0.19 -11.91
N LEU A 32 7.61 0.31 -10.98
CA LEU A 32 6.97 -0.85 -10.37
C LEU A 32 5.60 -1.10 -10.98
N GLN A 33 5.07 -2.30 -10.76
CA GLN A 33 3.75 -2.67 -11.28
C GLN A 33 2.90 -3.34 -10.22
N TYR A 34 1.84 -2.66 -9.81
CA TYR A 34 0.96 -3.19 -8.78
C TYR A 34 -0.33 -3.74 -9.40
N LYS A 35 -0.53 -5.04 -9.28
CA LYS A 35 -1.71 -5.70 -9.83
C LYS A 35 -2.78 -5.87 -8.75
N LEU A 36 -4.03 -6.00 -9.19
CA LEU A 36 -5.15 -6.17 -8.27
C LEU A 36 -5.65 -7.61 -8.29
N LEU A 37 -5.06 -8.45 -7.44
CA LEU A 37 -5.45 -9.86 -7.36
C LEU A 37 -6.97 -10.00 -7.52
N SER A 38 -7.72 -9.31 -6.68
CA SER A 38 -9.18 -9.37 -6.74
C SER A 38 -9.80 -8.39 -5.74
N GLN A 39 -11.01 -7.94 -6.05
CA GLN A 39 -11.71 -7.00 -5.19
C GLN A 39 -12.85 -7.70 -4.44
N SER A 40 -13.00 -7.35 -3.15
CA SER A 40 -14.04 -7.95 -2.32
C SER A 40 -14.75 -6.87 -1.50
N GLY A 41 -16.08 -6.98 -1.42
CA GLY A 41 -16.85 -6.02 -0.66
C GLY A 41 -17.86 -5.28 -1.52
N PRO A 42 -18.56 -4.31 -0.92
CA PRO A 42 -19.57 -3.51 -1.63
C PRO A 42 -18.97 -2.58 -2.66
N VAL A 43 -19.81 -1.74 -3.26
CA VAL A 43 -19.35 -0.79 -4.27
C VAL A 43 -18.83 0.49 -3.63
N HIS A 44 -19.40 0.85 -2.49
CA HIS A 44 -18.99 2.05 -1.77
C HIS A 44 -17.81 1.75 -0.85
N ALA A 45 -17.78 0.55 -0.30
CA ALA A 45 -16.71 0.14 0.60
C ALA A 45 -16.03 -1.12 0.10
N PRO A 46 -15.63 -1.12 -1.19
CA PRO A 46 -14.96 -2.26 -1.82
C PRO A 46 -13.54 -2.46 -1.29
N VAL A 47 -13.06 -3.70 -1.34
CA VAL A 47 -11.72 -4.02 -0.86
C VAL A 47 -10.78 -4.29 -2.03
N PHE A 48 -9.86 -3.35 -2.27
CA PHE A 48 -8.91 -3.49 -3.36
C PHE A 48 -7.63 -4.19 -2.88
N THR A 49 -7.44 -5.42 -3.33
CA THR A 49 -6.27 -6.20 -2.94
C THR A 49 -5.18 -6.10 -4.00
N MET A 50 -4.12 -5.36 -3.66
CA MET A 50 -3.00 -5.19 -4.58
C MET A 50 -1.89 -6.18 -4.27
N SER A 51 -1.04 -6.44 -5.27
CA SER A 51 0.06 -7.38 -5.11
C SER A 51 1.26 -6.96 -5.95
N VAL A 52 2.44 -6.93 -5.32
CA VAL A 52 3.66 -6.54 -6.02
C VAL A 52 4.75 -7.60 -5.84
N ASP A 53 5.72 -7.59 -6.73
CA ASP A 53 6.83 -8.54 -6.68
C ASP A 53 8.16 -7.82 -6.49
N VAL A 54 8.80 -8.06 -5.35
CA VAL A 54 10.08 -7.44 -5.04
C VAL A 54 11.05 -8.45 -4.44
N ASP A 55 12.24 -8.52 -5.02
CA ASP A 55 13.26 -9.45 -4.54
C ASP A 55 12.71 -10.86 -4.42
N GLY A 56 12.12 -11.36 -5.51
CA GLY A 56 11.55 -12.69 -5.52
C GLY A 56 10.52 -12.89 -4.42
N THR A 57 10.06 -11.78 -3.84
CA THR A 57 9.07 -11.83 -2.78
C THR A 57 7.78 -11.11 -3.18
N THR A 58 6.72 -11.87 -3.37
CA THR A 58 5.43 -11.30 -3.76
C THR A 58 4.65 -10.84 -2.54
N TYR A 59 4.38 -9.54 -2.47
CA TYR A 59 3.64 -8.98 -1.35
C TYR A 59 2.17 -8.75 -1.73
N GLU A 60 1.30 -8.77 -0.73
CA GLU A 60 -0.12 -8.57 -0.95
C GLU A 60 -0.76 -7.76 0.19
N ALA A 61 -1.44 -6.69 -0.17
CA ALA A 61 -2.08 -5.84 0.82
C ALA A 61 -3.43 -5.32 0.31
N SER A 62 -4.46 -5.43 1.16
CA SER A 62 -5.79 -4.99 0.79
C SER A 62 -6.17 -3.72 1.55
N GLY A 63 -6.92 -2.84 0.89
CA GLY A 63 -7.34 -1.60 1.51
C GLY A 63 -8.73 -1.17 1.09
N PRO A 64 -9.19 -0.04 1.63
CA PRO A 64 -10.52 0.50 1.32
C PRO A 64 -10.60 1.04 -0.10
N SER A 65 -9.44 1.38 -0.67
CA SER A 65 -9.39 1.92 -2.02
C SER A 65 -8.07 1.54 -2.71
N LYS A 66 -8.13 1.33 -4.01
CA LYS A 66 -6.95 0.96 -4.78
C LYS A 66 -5.75 1.80 -4.38
N LYS A 67 -5.89 3.11 -4.48
CA LYS A 67 -4.82 4.03 -4.11
C LYS A 67 -4.11 3.58 -2.84
N THR A 68 -4.90 3.17 -1.84
CA THR A 68 -4.34 2.70 -0.58
C THR A 68 -3.64 1.36 -0.75
N ALA A 69 -4.36 0.37 -1.27
CA ALA A 69 -3.80 -0.95 -1.49
C ALA A 69 -2.34 -0.87 -1.89
N LYS A 70 -2.06 -0.08 -2.92
CA LYS A 70 -0.70 0.08 -3.42
C LYS A 70 0.22 0.61 -2.31
N LEU A 71 -0.28 1.57 -1.54
CA LEU A 71 0.48 2.16 -0.45
C LEU A 71 0.80 1.12 0.62
N HIS A 72 -0.19 0.29 0.95
CA HIS A 72 -0.02 -0.76 1.96
C HIS A 72 1.07 -1.74 1.53
N VAL A 73 0.83 -2.43 0.41
CA VAL A 73 1.79 -3.40 -0.10
C VAL A 73 3.23 -2.96 0.18
N ALA A 74 3.55 -1.74 -0.22
CA ALA A 74 4.89 -1.20 -0.01
C ALA A 74 5.31 -1.30 1.45
N VAL A 75 4.50 -0.73 2.33
CA VAL A 75 4.77 -0.78 3.77
C VAL A 75 5.29 -2.14 4.19
N LYS A 76 4.60 -3.19 3.74
CA LYS A 76 4.98 -4.56 4.06
C LYS A 76 6.40 -4.86 3.60
N VAL A 77 6.67 -4.56 2.32
CA VAL A 77 7.99 -4.80 1.75
C VAL A 77 9.09 -4.22 2.63
N LEU A 78 9.08 -2.89 2.78
CA LEU A 78 10.07 -2.21 3.60
C LEU A 78 10.26 -2.92 4.94
N GLN A 79 9.15 -3.28 5.57
CA GLN A 79 9.19 -3.98 6.85
C GLN A 79 9.97 -5.28 6.74
N ALA A 80 9.79 -5.98 5.62
CA ALA A 80 10.48 -7.25 5.39
C ALA A 80 11.99 -7.04 5.32
N MET A 81 12.41 -6.00 4.59
CA MET A 81 13.83 -5.70 4.44
C MET A 81 14.39 -5.11 5.72
N GLY A 82 13.53 -4.51 6.52
CA GLY A 82 13.97 -3.91 7.77
C GLY A 82 14.20 -2.41 7.66
N TYR A 83 13.35 -1.75 6.87
CA TYR A 83 13.45 -0.32 6.67
C TYR A 83 12.38 0.43 7.46
N PRO A 84 12.65 1.71 7.77
CA PRO A 84 11.73 2.56 8.53
C PRO A 84 10.48 2.91 7.72
N THR A 85 9.34 2.44 8.18
CA THR A 85 8.06 2.71 7.51
C THR A 85 7.23 3.72 8.29
N GLY A 86 7.14 3.52 9.60
CA GLY A 86 6.37 4.43 10.44
C GLY A 86 4.90 4.40 10.10
N PHE A 87 4.20 3.39 10.58
CA PHE A 87 2.76 3.25 10.32
C PHE A 87 2.06 2.53 11.47
N ASP A 88 1.04 3.17 12.01
CA ASP A 88 0.28 2.59 13.12
C ASP A 88 -1.13 3.17 13.18
N ALA A 89 -2.00 2.54 13.96
CA ALA A 89 -3.38 2.98 14.10
C ALA A 89 -3.55 3.82 15.36
N ASP A 90 -2.59 4.69 15.63
CA ASP A 90 -2.64 5.55 16.80
C ASP A 90 -2.81 7.01 16.40
N ILE A 91 -3.77 7.27 15.51
CA ILE A 91 -4.03 8.63 15.05
C ILE A 91 -4.11 9.60 16.21
N SER A 92 -3.76 10.86 15.95
CA SER A 92 -3.79 11.89 16.98
C SER A 92 -5.16 11.95 17.65
N GLY A 93 -5.17 12.34 18.92
CA GLY A 93 -6.43 12.44 19.65
C GLY A 93 -6.45 11.53 20.86
N PRO A 94 -7.62 11.46 21.52
CA PRO A 94 -7.81 10.62 22.71
C PRO A 94 -7.78 9.13 22.39
N SER A 95 -7.67 8.32 23.43
CA SER A 95 -7.63 6.86 23.26
C SER A 95 -8.79 6.19 23.99
N SER A 96 -9.69 5.58 23.23
CA SER A 96 -10.84 4.91 23.80
C SER A 96 -10.45 3.55 24.39
N GLY A 97 -9.16 3.22 24.29
CA GLY A 97 -8.67 1.96 24.82
C GLY A 97 -7.77 2.14 26.02
N GLY A 1 -7.44 -9.03 -17.02
CA GLY A 1 -7.48 -9.36 -18.43
C GLY A 1 -7.62 -8.12 -19.31
N SER A 2 -6.51 -7.43 -19.54
CA SER A 2 -6.51 -6.22 -20.36
C SER A 2 -7.70 -5.34 -20.00
N SER A 3 -7.96 -5.20 -18.71
CA SER A 3 -9.06 -4.37 -18.23
C SER A 3 -8.68 -3.64 -16.95
N GLY A 4 -9.16 -2.40 -16.82
CA GLY A 4 -8.86 -1.61 -15.65
C GLY A 4 -9.19 -0.14 -15.83
N SER A 5 -10.40 0.24 -15.43
CA SER A 5 -10.84 1.63 -15.56
C SER A 5 -10.91 2.31 -14.20
N SER A 6 -10.13 3.36 -14.03
CA SER A 6 -10.10 4.10 -12.77
C SER A 6 -11.09 5.27 -12.80
N GLY A 7 -11.91 5.36 -11.76
CA GLY A 7 -12.89 6.43 -11.68
C GLY A 7 -13.93 6.18 -10.60
N ARG A 8 -15.00 6.97 -10.63
CA ARG A 8 -16.07 6.83 -9.65
C ARG A 8 -15.55 7.03 -8.23
N LYS A 9 -14.74 8.07 -8.05
CA LYS A 9 -14.16 8.38 -6.75
C LYS A 9 -14.54 9.78 -6.30
N ILE A 10 -15.01 9.89 -5.06
CA ILE A 10 -15.41 11.18 -4.50
C ILE A 10 -14.52 11.56 -3.32
N LEU A 11 -13.87 12.72 -3.44
CA LEU A 11 -13.00 13.21 -2.38
C LEU A 11 -12.20 12.07 -1.75
N ASP A 12 -11.53 11.29 -2.59
CA ASP A 12 -10.72 10.16 -2.12
C ASP A 12 -9.24 10.47 -2.22
N SER A 13 -8.86 11.67 -1.80
CA SER A 13 -7.46 12.09 -1.84
C SER A 13 -6.97 12.51 -0.46
N LYS A 14 -6.28 11.59 0.21
CA LYS A 14 -5.75 11.86 1.54
C LYS A 14 -4.43 11.11 1.76
N ALA A 15 -3.56 11.70 2.57
CA ALA A 15 -2.28 11.08 2.87
C ALA A 15 -1.54 11.84 3.97
N ILE A 16 -1.39 11.20 5.13
CA ILE A 16 -0.71 11.83 6.26
C ILE A 16 0.63 11.15 6.54
N ASP A 17 1.72 11.83 6.21
CA ASP A 17 3.06 11.30 6.43
C ASP A 17 3.08 9.79 6.22
N LEU A 18 2.38 9.33 5.19
CA LEU A 18 2.32 7.90 4.89
C LEU A 18 2.64 7.64 3.41
N MET A 19 2.22 8.56 2.56
CA MET A 19 2.47 8.43 1.12
C MET A 19 3.93 8.09 0.85
N ASN A 20 4.81 8.52 1.75
CA ASN A 20 6.24 8.26 1.61
C ASN A 20 6.49 6.82 1.16
N ALA A 21 5.92 5.88 1.89
CA ALA A 21 6.07 4.46 1.55
C ALA A 21 6.14 4.26 0.05
N LEU A 22 5.07 4.62 -0.64
CA LEU A 22 5.01 4.48 -2.09
C LEU A 22 6.31 4.94 -2.75
N MET A 23 6.69 6.18 -2.47
CA MET A 23 7.91 6.75 -3.02
C MET A 23 9.12 5.89 -2.67
N ARG A 24 9.18 5.44 -1.43
CA ARG A 24 10.28 4.61 -0.96
C ARG A 24 10.43 3.38 -1.84
N LEU A 25 9.39 2.56 -1.90
CA LEU A 25 9.41 1.35 -2.71
C LEU A 25 9.94 1.64 -4.11
N ASN A 26 9.47 2.73 -4.70
CA ASN A 26 9.91 3.12 -6.04
C ASN A 26 11.38 3.51 -6.04
N GLN A 27 11.80 4.22 -5.00
CA GLN A 27 13.19 4.67 -4.88
C GLN A 27 14.15 3.47 -4.90
N ILE A 28 13.93 2.54 -3.98
CA ILE A 28 14.77 1.35 -3.90
C ILE A 28 14.49 0.39 -5.06
N ARG A 29 13.23 0.34 -5.47
CA ARG A 29 12.82 -0.54 -6.57
C ARG A 29 12.11 0.25 -7.65
N PRO A 30 12.88 0.79 -8.61
CA PRO A 30 12.34 1.58 -9.72
C PRO A 30 11.56 0.71 -10.71
N GLY A 31 10.50 1.29 -11.28
CA GLY A 31 9.69 0.56 -12.23
C GLY A 31 8.95 -0.60 -11.60
N LEU A 32 7.93 -0.28 -10.80
CA LEU A 32 7.14 -1.31 -10.13
C LEU A 32 5.79 -1.49 -10.80
N GLN A 33 5.21 -2.68 -10.66
CA GLN A 33 3.91 -2.97 -11.26
C GLN A 33 2.94 -3.51 -10.22
N TYR A 34 1.91 -2.73 -9.91
CA TYR A 34 0.92 -3.13 -8.92
C TYR A 34 -0.33 -3.68 -9.60
N LYS A 35 -0.68 -4.92 -9.27
CA LYS A 35 -1.85 -5.57 -9.84
C LYS A 35 -2.89 -5.86 -8.77
N LEU A 36 -4.16 -5.72 -9.12
CA LEU A 36 -5.26 -5.97 -8.19
C LEU A 36 -5.78 -7.40 -8.34
N LEU A 37 -5.30 -8.29 -7.48
CA LEU A 37 -5.72 -9.69 -7.51
C LEU A 37 -7.21 -9.80 -7.74
N SER A 38 -7.99 -9.15 -6.87
CA SER A 38 -9.45 -9.18 -6.96
C SER A 38 -10.08 -8.25 -5.93
N GLN A 39 -11.28 -7.79 -6.23
CA GLN A 39 -11.99 -6.89 -5.31
C GLN A 39 -13.22 -7.58 -4.73
N SER A 40 -13.45 -7.37 -3.43
CA SER A 40 -14.59 -7.97 -2.75
C SER A 40 -15.30 -6.95 -1.87
N GLY A 41 -16.61 -7.12 -1.72
CA GLY A 41 -17.39 -6.20 -0.91
C GLY A 41 -18.25 -5.27 -1.75
N PRO A 42 -18.87 -4.29 -1.08
CA PRO A 42 -19.75 -3.32 -1.76
C PRO A 42 -18.97 -2.37 -2.66
N VAL A 43 -19.64 -1.33 -3.15
CA VAL A 43 -19.02 -0.35 -4.03
C VAL A 43 -18.45 0.82 -3.22
N HIS A 44 -19.02 1.04 -2.04
CA HIS A 44 -18.57 2.13 -1.18
C HIS A 44 -17.47 1.65 -0.22
N ALA A 45 -17.51 0.38 0.13
CA ALA A 45 -16.52 -0.21 1.02
C ALA A 45 -15.88 -1.45 0.41
N PRO A 46 -15.47 -1.33 -0.87
CA PRO A 46 -14.83 -2.43 -1.60
C PRO A 46 -13.45 -2.76 -1.07
N VAL A 47 -13.02 -4.00 -1.26
CA VAL A 47 -11.70 -4.43 -0.81
C VAL A 47 -10.74 -4.60 -1.98
N PHE A 48 -9.93 -3.57 -2.22
CA PHE A 48 -8.96 -3.60 -3.31
C PHE A 48 -7.70 -4.35 -2.90
N THR A 49 -7.58 -5.59 -3.36
CA THR A 49 -6.42 -6.42 -3.04
C THR A 49 -5.31 -6.23 -4.07
N MET A 50 -4.21 -5.61 -3.64
CA MET A 50 -3.07 -5.37 -4.53
C MET A 50 -2.00 -6.43 -4.32
N SER A 51 -0.98 -6.41 -5.18
CA SER A 51 0.12 -7.36 -5.09
C SER A 51 1.30 -6.91 -5.94
N VAL A 52 2.49 -6.95 -5.35
CA VAL A 52 3.70 -6.54 -6.06
C VAL A 52 4.84 -7.51 -5.79
N ASP A 53 5.66 -7.75 -6.81
CA ASP A 53 6.79 -8.65 -6.69
C ASP A 53 8.10 -7.89 -6.52
N VAL A 54 8.76 -8.10 -5.40
CA VAL A 54 10.03 -7.42 -5.10
C VAL A 54 11.08 -8.41 -4.60
N ASP A 55 12.26 -8.36 -5.20
CA ASP A 55 13.35 -9.24 -4.80
C ASP A 55 12.86 -10.68 -4.66
N GLY A 56 12.12 -11.15 -5.66
CA GLY A 56 11.61 -12.50 -5.63
C GLY A 56 10.66 -12.73 -4.47
N THR A 57 9.96 -11.68 -4.07
CA THR A 57 9.01 -11.77 -2.96
C THR A 57 7.68 -11.12 -3.31
N THR A 58 6.66 -11.94 -3.50
CA THR A 58 5.32 -11.44 -3.84
C THR A 58 4.57 -10.99 -2.59
N TYR A 59 4.36 -9.68 -2.48
CA TYR A 59 3.66 -9.12 -1.34
C TYR A 59 2.17 -8.95 -1.65
N GLU A 60 1.36 -8.91 -0.60
CA GLU A 60 -0.08 -8.75 -0.76
C GLU A 60 -0.65 -7.86 0.35
N ALA A 61 -1.32 -6.78 -0.05
CA ALA A 61 -1.92 -5.85 0.89
C ALA A 61 -3.18 -5.22 0.33
N SER A 62 -4.32 -5.47 0.96
CA SER A 62 -5.59 -4.92 0.51
C SER A 62 -5.98 -3.70 1.33
N GLY A 63 -6.90 -2.90 0.79
CA GLY A 63 -7.34 -1.71 1.50
C GLY A 63 -8.71 -1.26 1.05
N PRO A 64 -9.17 -0.11 1.60
CA PRO A 64 -10.49 0.45 1.26
C PRO A 64 -10.53 0.99 -0.16
N SER A 65 -9.37 1.23 -0.75
CA SER A 65 -9.29 1.75 -2.11
C SER A 65 -8.02 1.26 -2.80
N LYS A 66 -7.99 1.39 -4.12
CA LYS A 66 -6.84 0.95 -4.90
C LYS A 66 -5.57 1.63 -4.42
N LYS A 67 -5.62 2.94 -4.27
CA LYS A 67 -4.47 3.71 -3.80
C LYS A 67 -3.93 3.15 -2.49
N THR A 68 -4.78 3.16 -1.46
CA THR A 68 -4.40 2.65 -0.15
C THR A 68 -3.72 1.29 -0.26
N ALA A 69 -4.29 0.43 -1.10
CA ALA A 69 -3.75 -0.90 -1.31
C ALA A 69 -2.31 -0.84 -1.83
N LYS A 70 -2.09 -0.03 -2.86
CA LYS A 70 -0.77 0.12 -3.44
C LYS A 70 0.23 0.63 -2.41
N LEU A 71 -0.24 1.51 -1.53
CA LEU A 71 0.61 2.08 -0.49
C LEU A 71 0.89 1.05 0.61
N HIS A 72 -0.14 0.31 1.00
CA HIS A 72 0.00 -0.71 2.03
C HIS A 72 1.09 -1.71 1.66
N VAL A 73 0.91 -2.38 0.53
CA VAL A 73 1.87 -3.37 0.06
C VAL A 73 3.30 -2.90 0.30
N ALA A 74 3.63 -1.73 -0.26
CA ALA A 74 4.97 -1.17 -0.11
C ALA A 74 5.44 -1.24 1.34
N VAL A 75 4.63 -0.70 2.26
CA VAL A 75 4.97 -0.71 3.67
C VAL A 75 5.50 -2.07 4.10
N LYS A 76 4.79 -3.13 3.72
CA LYS A 76 5.20 -4.49 4.07
C LYS A 76 6.61 -4.77 3.58
N VAL A 77 6.87 -4.48 2.31
CA VAL A 77 8.18 -4.70 1.72
C VAL A 77 9.28 -4.08 2.57
N LEU A 78 9.13 -2.79 2.84
CA LEU A 78 10.12 -2.07 3.64
C LEU A 78 10.33 -2.75 4.99
N GLN A 79 9.23 -3.13 5.63
CA GLN A 79 9.29 -3.80 6.93
C GLN A 79 10.08 -5.10 6.83
N ALA A 80 9.90 -5.82 5.73
CA ALA A 80 10.60 -7.08 5.52
C ALA A 80 12.11 -6.87 5.52
N MET A 81 12.57 -5.90 4.75
CA MET A 81 14.01 -5.61 4.68
C MET A 81 14.51 -5.03 5.99
N GLY A 82 13.63 -4.33 6.70
CA GLY A 82 14.01 -3.73 7.97
C GLY A 82 14.14 -2.23 7.89
N TYR A 83 13.28 -1.61 7.08
CA TYR A 83 13.29 -0.16 6.92
C TYR A 83 12.21 0.50 7.77
N PRO A 84 12.43 1.78 8.09
CA PRO A 84 11.48 2.56 8.91
C PRO A 84 10.19 2.86 8.16
N THR A 85 9.07 2.36 8.68
CA THR A 85 7.77 2.57 8.05
C THR A 85 6.85 3.36 8.97
N GLY A 86 5.89 4.06 8.38
CA GLY A 86 4.96 4.84 9.16
C GLY A 86 3.54 4.30 9.10
N PHE A 87 2.60 4.99 9.74
CA PHE A 87 1.21 4.56 9.76
C PHE A 87 1.06 3.21 10.44
N ASP A 88 1.71 3.05 11.59
CA ASP A 88 1.66 1.81 12.33
C ASP A 88 0.24 1.55 12.85
N ALA A 89 0.02 0.34 13.38
CA ALA A 89 -1.28 -0.03 13.90
C ALA A 89 -1.20 -0.39 15.38
N ASP A 90 -0.37 0.34 16.11
CA ASP A 90 -0.20 0.10 17.55
C ASP A 90 -0.68 1.29 18.36
N ILE A 91 -1.85 1.82 18.00
CA ILE A 91 -2.43 2.97 18.70
C ILE A 91 -2.48 2.72 20.20
N SER A 92 -2.49 1.44 20.58
CA SER A 92 -2.54 1.08 22.00
C SER A 92 -2.09 -0.36 22.20
N GLY A 93 -1.76 -0.71 23.44
CA GLY A 93 -1.31 -2.05 23.75
C GLY A 93 -2.33 -3.11 23.38
N PRO A 94 -3.42 -3.19 24.17
CA PRO A 94 -4.48 -4.16 23.94
C PRO A 94 -5.30 -3.83 22.69
N SER A 95 -5.02 -4.56 21.62
CA SER A 95 -5.73 -4.35 20.35
C SER A 95 -5.83 -5.65 19.57
N SER A 96 -6.91 -5.79 18.79
CA SER A 96 -7.13 -6.99 17.99
C SER A 96 -7.08 -6.66 16.51
N GLY A 97 -6.01 -7.07 15.85
CA GLY A 97 -5.85 -6.82 14.43
C GLY A 97 -5.09 -7.92 13.72
N GLY A 1 0.19 23.04 -2.88
CA GLY A 1 0.25 21.89 -3.76
C GLY A 1 -0.72 22.01 -4.93
N SER A 2 -2.01 22.10 -4.60
CA SER A 2 -3.05 22.21 -5.62
C SER A 2 -3.53 23.65 -5.76
N SER A 3 -3.98 24.23 -4.65
CA SER A 3 -4.47 25.60 -4.66
C SER A 3 -3.64 26.47 -3.71
N GLY A 4 -3.37 25.95 -2.52
CA GLY A 4 -2.58 26.69 -1.55
C GLY A 4 -3.32 26.88 -0.24
N SER A 5 -3.13 25.95 0.69
CA SER A 5 -3.78 26.02 2.00
C SER A 5 -3.36 27.27 2.75
N SER A 6 -4.34 28.03 3.22
CA SER A 6 -4.06 29.26 3.96
C SER A 6 -5.27 29.65 4.83
N GLY A 7 -5.01 30.47 5.84
CA GLY A 7 -6.07 30.91 6.72
C GLY A 7 -5.83 30.52 8.16
N ARG A 8 -6.16 29.28 8.51
CA ARG A 8 -5.98 28.78 9.87
C ARG A 8 -4.88 27.73 9.92
N LYS A 9 -3.93 27.90 10.83
CA LYS A 9 -2.82 26.96 10.98
C LYS A 9 -3.13 25.91 12.04
N ILE A 10 -2.62 24.71 11.84
CA ILE A 10 -2.85 23.62 12.79
C ILE A 10 -1.53 22.98 13.21
N LEU A 11 -1.59 22.16 14.25
CA LEU A 11 -0.40 21.48 14.77
C LEU A 11 -0.34 20.04 14.27
N ASP A 12 -1.44 19.32 14.45
CA ASP A 12 -1.51 17.92 14.01
C ASP A 12 -2.13 17.82 12.62
N SER A 13 -1.37 17.25 11.69
CA SER A 13 -1.85 17.09 10.32
C SER A 13 -2.02 15.62 9.98
N LYS A 14 -2.89 15.34 9.00
CA LYS A 14 -3.16 13.98 8.57
C LYS A 14 -2.59 13.73 7.18
N ALA A 15 -2.49 12.46 6.81
CA ALA A 15 -1.96 12.08 5.49
C ALA A 15 -0.48 12.42 5.39
N ILE A 16 0.22 12.39 6.51
CA ILE A 16 1.64 12.70 6.53
C ILE A 16 2.46 11.47 6.91
N ASP A 17 3.61 11.32 6.28
CA ASP A 17 4.50 10.19 6.54
C ASP A 17 3.81 8.87 6.18
N LEU A 18 2.89 8.94 5.22
CA LEU A 18 2.16 7.75 4.78
C LEU A 18 2.34 7.52 3.29
N MET A 19 1.73 8.39 2.49
CA MET A 19 1.84 8.29 1.03
C MET A 19 3.28 8.10 0.60
N ASN A 20 4.21 8.45 1.49
CA ASN A 20 5.64 8.31 1.20
C ASN A 20 5.99 6.86 0.89
N ALA A 21 5.54 5.95 1.75
CA ALA A 21 5.81 4.53 1.57
C ALA A 21 5.85 4.17 0.09
N LEU A 22 4.90 4.68 -0.67
CA LEU A 22 4.82 4.40 -2.10
C LEU A 22 6.11 4.82 -2.80
N MET A 23 6.40 6.12 -2.79
CA MET A 23 7.60 6.64 -3.41
C MET A 23 8.82 5.84 -3.00
N ARG A 24 8.91 5.52 -1.71
CA ARG A 24 10.04 4.76 -1.19
C ARG A 24 10.27 3.49 -2.01
N LEU A 25 9.26 2.62 -2.02
CA LEU A 25 9.35 1.37 -2.77
C LEU A 25 9.93 1.61 -4.16
N ASN A 26 9.43 2.63 -4.84
CA ASN A 26 9.90 2.97 -6.18
C ASN A 26 11.35 3.45 -6.15
N GLN A 27 11.68 4.24 -5.14
CA GLN A 27 13.03 4.77 -4.99
C GLN A 27 14.05 3.63 -4.90
N ILE A 28 13.86 2.76 -3.92
CA ILE A 28 14.77 1.63 -3.74
C ILE A 28 14.63 0.62 -4.88
N ARG A 29 13.40 0.42 -5.34
CA ARG A 29 13.13 -0.52 -6.41
C ARG A 29 12.38 0.17 -7.56
N PRO A 30 13.14 0.76 -8.49
CA PRO A 30 12.58 1.46 -9.65
C PRO A 30 11.92 0.50 -10.64
N GLY A 31 10.85 0.96 -11.28
CA GLY A 31 10.16 0.13 -12.25
C GLY A 31 9.34 -0.98 -11.60
N LEU A 32 8.40 -0.58 -10.75
CA LEU A 32 7.56 -1.54 -10.06
C LEU A 32 6.25 -1.76 -10.80
N GLN A 33 5.60 -2.90 -10.55
CA GLN A 33 4.34 -3.22 -11.21
C GLN A 33 3.32 -3.74 -10.20
N TYR A 34 2.22 -3.01 -10.02
CA TYR A 34 1.19 -3.40 -9.08
C TYR A 34 -0.05 -3.92 -9.82
N LYS A 35 -0.57 -5.04 -9.35
CA LYS A 35 -1.76 -5.64 -9.97
C LYS A 35 -2.81 -5.96 -8.91
N LEU A 36 -4.07 -5.84 -9.29
CA LEU A 36 -5.18 -6.12 -8.38
C LEU A 36 -5.63 -7.57 -8.49
N LEU A 37 -5.15 -8.41 -7.58
CA LEU A 37 -5.50 -9.82 -7.57
C LEU A 37 -7.01 -10.01 -7.69
N SER A 38 -7.76 -9.28 -6.89
CA SER A 38 -9.22 -9.36 -6.90
C SER A 38 -9.83 -8.32 -5.97
N GLN A 39 -11.09 -7.98 -6.22
CA GLN A 39 -11.80 -7.00 -5.40
C GLN A 39 -13.11 -7.58 -4.88
N SER A 40 -13.36 -7.40 -3.58
CA SER A 40 -14.58 -7.91 -2.96
C SER A 40 -15.19 -6.85 -2.05
N GLY A 41 -16.45 -7.07 -1.66
CA GLY A 41 -17.13 -6.14 -0.79
C GLY A 41 -18.10 -5.24 -1.54
N PRO A 42 -18.71 -4.29 -0.82
CA PRO A 42 -19.67 -3.35 -1.41
C PRO A 42 -19.02 -2.36 -2.35
N VAL A 43 -19.77 -1.34 -2.76
CA VAL A 43 -19.26 -0.32 -3.67
C VAL A 43 -18.66 0.84 -2.89
N HIS A 44 -19.20 1.10 -1.70
CA HIS A 44 -18.72 2.19 -0.86
C HIS A 44 -17.57 1.72 0.02
N ALA A 45 -17.60 0.46 0.41
CA ALA A 45 -16.56 -0.11 1.27
C ALA A 45 -15.93 -1.33 0.62
N PRO A 46 -15.50 -1.18 -0.65
CA PRO A 46 -14.87 -2.26 -1.41
C PRO A 46 -13.48 -2.61 -0.89
N VAL A 47 -12.97 -3.76 -1.30
CA VAL A 47 -11.65 -4.21 -0.87
C VAL A 47 -10.73 -4.42 -2.06
N PHE A 48 -9.80 -3.48 -2.26
CA PHE A 48 -8.85 -3.56 -3.36
C PHE A 48 -7.60 -4.33 -2.94
N THR A 49 -7.48 -5.57 -3.42
CA THR A 49 -6.34 -6.41 -3.10
C THR A 49 -5.23 -6.23 -4.13
N MET A 50 -4.15 -5.55 -3.73
CA MET A 50 -3.02 -5.32 -4.62
C MET A 50 -1.92 -6.36 -4.38
N SER A 51 -0.93 -6.37 -5.26
CA SER A 51 0.18 -7.32 -5.16
C SER A 51 1.39 -6.82 -5.93
N VAL A 52 2.57 -7.00 -5.36
CA VAL A 52 3.81 -6.57 -5.99
C VAL A 52 4.93 -7.57 -5.74
N ASP A 53 5.86 -7.67 -6.69
CA ASP A 53 6.99 -8.58 -6.56
C ASP A 53 8.29 -7.82 -6.32
N VAL A 54 8.88 -8.02 -5.15
CA VAL A 54 10.12 -7.35 -4.80
C VAL A 54 11.13 -8.33 -4.20
N ASP A 55 12.36 -8.30 -4.72
CA ASP A 55 13.41 -9.19 -4.24
C ASP A 55 12.91 -10.63 -4.16
N GLY A 56 12.15 -11.04 -5.17
CA GLY A 56 11.61 -12.39 -5.18
C GLY A 56 10.61 -12.65 -4.07
N THR A 57 9.92 -11.58 -3.65
CA THR A 57 8.93 -11.69 -2.58
C THR A 57 7.61 -11.06 -3.00
N THR A 58 6.58 -11.90 -3.14
CA THR A 58 5.26 -11.43 -3.53
C THR A 58 4.46 -10.95 -2.32
N TYR A 59 4.16 -9.66 -2.28
CA TYR A 59 3.41 -9.09 -1.18
C TYR A 59 1.94 -8.88 -1.57
N GLU A 60 1.08 -8.74 -0.57
CA GLU A 60 -0.35 -8.53 -0.81
C GLU A 60 -0.96 -7.66 0.28
N ALA A 61 -1.55 -6.54 -0.13
CA ALA A 61 -2.19 -5.63 0.81
C ALA A 61 -3.55 -5.19 0.31
N SER A 62 -4.58 -5.40 1.14
CA SER A 62 -5.94 -5.04 0.79
C SER A 62 -6.38 -3.78 1.55
N GLY A 63 -7.00 -2.85 0.82
CA GLY A 63 -7.46 -1.61 1.43
C GLY A 63 -8.80 -1.17 0.91
N PRO A 64 -9.30 -0.03 1.42
CA PRO A 64 -10.59 0.52 1.01
C PRO A 64 -10.55 1.07 -0.42
N SER A 65 -9.37 1.47 -0.87
CA SER A 65 -9.20 2.01 -2.21
C SER A 65 -7.94 1.44 -2.87
N LYS A 66 -7.66 1.92 -4.09
CA LYS A 66 -6.49 1.46 -4.83
C LYS A 66 -5.21 2.10 -4.29
N LYS A 67 -5.30 3.40 -3.98
CA LYS A 67 -4.15 4.13 -3.45
C LYS A 67 -3.69 3.53 -2.12
N THR A 68 -4.65 3.15 -1.29
CA THR A 68 -4.33 2.57 0.01
C THR A 68 -3.72 1.17 -0.14
N ALA A 69 -4.28 0.39 -1.07
CA ALA A 69 -3.78 -0.96 -1.31
C ALA A 69 -2.31 -0.94 -1.69
N LYS A 70 -1.98 -0.16 -2.72
CA LYS A 70 -0.60 -0.05 -3.20
C LYS A 70 0.31 0.49 -2.10
N LEU A 71 -0.20 1.44 -1.32
CA LEU A 71 0.56 2.04 -0.23
C LEU A 71 0.89 1.00 0.83
N HIS A 72 -0.13 0.30 1.30
CA HIS A 72 0.05 -0.72 2.33
C HIS A 72 1.14 -1.71 1.92
N VAL A 73 0.98 -2.30 0.74
CA VAL A 73 1.94 -3.26 0.23
C VAL A 73 3.37 -2.80 0.49
N ALA A 74 3.74 -1.67 -0.12
CA ALA A 74 5.08 -1.11 0.06
C ALA A 74 5.56 -1.26 1.49
N VAL A 75 4.79 -0.70 2.43
CA VAL A 75 5.14 -0.76 3.84
C VAL A 75 5.68 -2.14 4.21
N LYS A 76 4.95 -3.18 3.83
CA LYS A 76 5.36 -4.55 4.12
C LYS A 76 6.75 -4.84 3.55
N VAL A 77 6.92 -4.60 2.25
CA VAL A 77 8.19 -4.83 1.59
C VAL A 77 9.34 -4.24 2.40
N LEU A 78 9.21 -2.97 2.76
CA LEU A 78 10.23 -2.28 3.53
C LEU A 78 10.52 -3.01 4.84
N GLN A 79 9.45 -3.36 5.55
CA GLN A 79 9.58 -4.07 6.83
C GLN A 79 10.27 -5.43 6.63
N ALA A 80 9.94 -6.10 5.53
CA ALA A 80 10.52 -7.39 5.22
C ALA A 80 12.03 -7.28 5.05
N MET A 81 12.47 -6.28 4.30
CA MET A 81 13.90 -6.06 4.06
C MET A 81 14.59 -5.59 5.34
N GLY A 82 13.87 -4.84 6.17
CA GLY A 82 14.44 -4.34 7.40
C GLY A 82 14.60 -2.83 7.39
N TYR A 83 13.67 -2.14 6.74
CA TYR A 83 13.72 -0.69 6.66
C TYR A 83 12.66 -0.06 7.55
N PRO A 84 12.91 1.19 7.99
CA PRO A 84 11.99 1.93 8.86
C PRO A 84 10.70 2.33 8.13
N THR A 85 9.56 1.90 8.67
CA THR A 85 8.27 2.22 8.08
C THR A 85 7.39 2.97 9.06
N GLY A 86 7.32 2.47 10.30
CA GLY A 86 6.51 3.12 11.31
C GLY A 86 5.06 2.67 11.27
N PHE A 87 4.85 1.36 11.15
CA PHE A 87 3.50 0.80 11.09
C PHE A 87 3.52 -0.70 11.37
N ASP A 88 2.54 -1.16 12.14
CA ASP A 88 2.46 -2.58 12.48
C ASP A 88 1.06 -3.11 12.19
N ALA A 89 0.95 -4.43 12.03
CA ALA A 89 -0.32 -5.07 11.75
C ALA A 89 -0.80 -5.89 12.94
N ASP A 90 -0.90 -5.24 14.10
CA ASP A 90 -1.35 -5.91 15.31
C ASP A 90 -2.67 -5.32 15.80
N ILE A 91 -3.52 -4.92 14.85
CA ILE A 91 -4.81 -4.34 15.19
C ILE A 91 -5.43 -5.03 16.40
N SER A 92 -6.14 -4.27 17.22
CA SER A 92 -6.78 -4.81 18.42
C SER A 92 -8.29 -4.80 18.26
N GLY A 93 -8.85 -5.93 17.84
CA GLY A 93 -10.29 -6.03 17.67
C GLY A 93 -10.78 -7.46 17.72
N PRO A 94 -12.01 -7.65 18.20
CA PRO A 94 -12.63 -8.98 18.31
C PRO A 94 -12.96 -9.59 16.95
N SER A 95 -13.35 -10.86 16.95
CA SER A 95 -13.69 -11.55 15.71
C SER A 95 -15.13 -12.03 15.74
N SER A 96 -16.00 -11.34 14.99
CA SER A 96 -17.41 -11.70 14.93
C SER A 96 -17.59 -13.20 14.67
N GLY A 97 -16.81 -13.72 13.74
CA GLY A 97 -16.89 -15.13 13.40
C GLY A 97 -16.35 -16.03 14.50
N GLY A 1 8.37 -4.56 -17.59
CA GLY A 1 7.60 -3.64 -18.41
C GLY A 1 6.57 -2.87 -17.60
N SER A 2 6.67 -1.55 -17.60
CA SER A 2 5.73 -0.71 -16.87
C SER A 2 4.35 -0.74 -17.51
N SER A 3 3.39 -0.10 -16.86
CA SER A 3 2.02 -0.06 -17.37
C SER A 3 1.39 1.31 -17.11
N GLY A 4 0.60 1.78 -18.07
CA GLY A 4 -0.05 3.08 -17.94
C GLY A 4 -1.38 2.98 -17.23
N SER A 5 -2.24 2.07 -17.68
CA SER A 5 -3.55 1.88 -17.08
C SER A 5 -4.12 3.22 -16.61
N SER A 6 -3.97 4.26 -17.43
CA SER A 6 -4.47 5.58 -17.10
C SER A 6 -5.99 5.61 -17.12
N GLY A 7 -6.58 5.76 -15.94
CA GLY A 7 -8.03 5.81 -15.84
C GLY A 7 -8.54 7.10 -15.25
N ARG A 8 -9.02 7.04 -14.00
CA ARG A 8 -9.53 8.22 -13.32
C ARG A 8 -8.51 8.76 -12.31
N LYS A 9 -7.68 9.67 -12.77
CA LYS A 9 -6.66 10.27 -11.91
C LYS A 9 -7.21 11.47 -11.15
N ILE A 10 -8.53 11.51 -11.00
CA ILE A 10 -9.19 12.61 -10.30
C ILE A 10 -9.57 12.19 -8.88
N LEU A 11 -8.62 11.61 -8.16
CA LEU A 11 -8.86 11.18 -6.78
C LEU A 11 -7.61 11.39 -5.92
N ASP A 12 -7.80 11.95 -4.74
CA ASP A 12 -6.70 12.19 -3.82
C ASP A 12 -7.15 12.07 -2.38
N SER A 13 -6.28 11.56 -1.52
CA SER A 13 -6.59 11.39 -0.10
C SER A 13 -5.52 12.01 0.78
N LYS A 14 -5.89 12.34 2.01
CA LYS A 14 -4.95 12.95 2.95
C LYS A 14 -4.19 11.88 3.72
N ALA A 15 -2.89 12.09 3.89
CA ALA A 15 -2.04 11.15 4.61
C ALA A 15 -0.92 11.87 5.34
N ILE A 16 -0.62 11.41 6.56
CA ILE A 16 0.43 12.02 7.37
C ILE A 16 1.60 11.05 7.54
N ASP A 17 2.60 11.18 6.69
CA ASP A 17 3.78 10.32 6.76
C ASP A 17 3.45 8.89 6.34
N LEU A 18 2.59 8.76 5.33
CA LEU A 18 2.18 7.45 4.83
C LEU A 18 2.59 7.27 3.37
N MET A 19 2.14 8.18 2.51
CA MET A 19 2.47 8.11 1.09
C MET A 19 3.95 7.83 0.89
N ASN A 20 4.75 8.12 1.91
CA ASN A 20 6.20 7.90 1.84
C ASN A 20 6.50 6.51 1.32
N ALA A 21 6.01 5.49 2.03
CA ALA A 21 6.24 4.11 1.64
C ALA A 21 6.26 3.96 0.13
N LEU A 22 5.19 4.40 -0.53
CA LEU A 22 5.09 4.31 -1.98
C LEU A 22 6.38 4.79 -2.64
N MET A 23 6.82 5.99 -2.28
CA MET A 23 8.05 6.57 -2.83
C MET A 23 9.26 5.75 -2.40
N ARG A 24 9.25 5.30 -1.16
CA ARG A 24 10.37 4.51 -0.62
C ARG A 24 10.48 3.17 -1.35
N LEU A 25 9.39 2.75 -1.99
CA LEU A 25 9.37 1.50 -2.72
C LEU A 25 9.94 1.67 -4.12
N ASN A 26 9.64 2.81 -4.74
CA ASN A 26 10.12 3.10 -6.09
C ASN A 26 11.58 3.56 -6.05
N GLN A 27 11.90 4.41 -5.08
CA GLN A 27 13.25 4.93 -4.94
C GLN A 27 14.28 3.81 -5.07
N ILE A 28 13.93 2.63 -4.56
CA ILE A 28 14.82 1.47 -4.62
C ILE A 28 14.53 0.63 -5.85
N ARG A 29 13.25 0.48 -6.17
CA ARG A 29 12.84 -0.31 -7.33
C ARG A 29 11.99 0.52 -8.28
N PRO A 30 12.64 1.22 -9.22
CA PRO A 30 11.95 2.06 -10.21
C PRO A 30 11.17 1.24 -11.23
N GLY A 31 10.03 1.76 -11.64
CA GLY A 31 9.20 1.06 -12.62
C GLY A 31 8.53 -0.17 -12.03
N LEU A 32 7.66 0.05 -11.04
CA LEU A 32 6.96 -1.06 -10.40
C LEU A 32 5.56 -1.23 -11.00
N GLN A 33 5.02 -2.44 -10.87
CA GLN A 33 3.69 -2.75 -11.40
C GLN A 33 2.84 -3.47 -10.36
N TYR A 34 1.87 -2.76 -9.80
CA TYR A 34 0.99 -3.35 -8.80
C TYR A 34 -0.27 -3.91 -9.44
N LYS A 35 -0.50 -5.20 -9.24
CA LYS A 35 -1.68 -5.87 -9.81
C LYS A 35 -2.72 -6.11 -8.72
N LEU A 36 -3.99 -6.01 -9.11
CA LEU A 36 -5.09 -6.21 -8.18
C LEU A 36 -5.57 -7.66 -8.20
N LEU A 37 -5.02 -8.48 -7.31
CA LEU A 37 -5.39 -9.89 -7.23
C LEU A 37 -6.89 -10.07 -7.44
N SER A 38 -7.68 -9.31 -6.69
CA SER A 38 -9.14 -9.39 -6.79
C SER A 38 -9.80 -8.31 -5.93
N GLN A 39 -11.07 -8.05 -6.19
CA GLN A 39 -11.82 -7.05 -5.43
C GLN A 39 -13.18 -7.60 -5.01
N SER A 40 -13.46 -7.51 -3.71
CA SER A 40 -14.73 -8.00 -3.18
C SER A 40 -15.33 -6.99 -2.20
N GLY A 41 -16.60 -7.17 -1.89
CA GLY A 41 -17.28 -6.27 -0.96
C GLY A 41 -18.26 -5.36 -1.66
N PRO A 42 -18.83 -4.41 -0.90
CA PRO A 42 -19.80 -3.44 -1.43
C PRO A 42 -19.17 -2.44 -2.39
N VAL A 43 -19.99 -1.58 -2.98
CA VAL A 43 -19.52 -0.57 -3.91
C VAL A 43 -18.92 0.62 -3.17
N HIS A 44 -19.42 0.86 -1.96
CA HIS A 44 -18.93 1.97 -1.14
C HIS A 44 -17.77 1.54 -0.25
N ALA A 45 -17.71 0.24 0.02
CA ALA A 45 -16.66 -0.31 0.87
C ALA A 45 -15.96 -1.49 0.19
N PRO A 46 -15.50 -1.27 -1.05
CA PRO A 46 -14.82 -2.30 -1.84
C PRO A 46 -13.44 -2.63 -1.28
N VAL A 47 -13.02 -3.89 -1.46
CA VAL A 47 -11.73 -4.33 -0.97
C VAL A 47 -10.74 -4.51 -2.12
N PHE A 48 -9.88 -3.51 -2.32
CA PHE A 48 -8.89 -3.56 -3.39
C PHE A 48 -7.63 -4.29 -2.94
N THR A 49 -7.48 -5.53 -3.39
CA THR A 49 -6.33 -6.34 -3.02
C THR A 49 -5.20 -6.17 -4.03
N MET A 50 -4.16 -5.44 -3.63
CA MET A 50 -3.01 -5.20 -4.49
C MET A 50 -1.89 -6.20 -4.20
N SER A 51 -0.92 -6.28 -5.11
CA SER A 51 0.20 -7.20 -4.95
C SER A 51 1.42 -6.71 -5.73
N VAL A 52 2.60 -6.92 -5.18
CA VAL A 52 3.84 -6.51 -5.83
C VAL A 52 4.92 -7.58 -5.70
N ASP A 53 5.83 -7.61 -6.65
CA ASP A 53 6.92 -8.58 -6.64
C ASP A 53 8.27 -7.88 -6.47
N VAL A 54 8.92 -8.15 -5.34
CA VAL A 54 10.22 -7.56 -5.05
C VAL A 54 11.18 -8.59 -4.47
N ASP A 55 12.40 -8.60 -5.00
CA ASP A 55 13.42 -9.54 -4.54
C ASP A 55 12.84 -10.95 -4.40
N GLY A 56 12.09 -11.37 -5.41
CA GLY A 56 11.49 -12.70 -5.37
C GLY A 56 10.52 -12.86 -4.21
N THR A 57 9.93 -11.75 -3.77
CA THR A 57 8.98 -11.78 -2.67
C THR A 57 7.67 -11.09 -3.05
N THR A 58 6.64 -11.89 -3.29
CA THR A 58 5.33 -11.35 -3.67
C THR A 58 4.54 -10.92 -2.44
N TYR A 59 4.23 -9.63 -2.35
CA TYR A 59 3.48 -9.10 -1.23
C TYR A 59 2.00 -8.93 -1.59
N GLU A 60 1.16 -8.83 -0.56
CA GLU A 60 -0.27 -8.67 -0.77
C GLU A 60 -0.90 -7.86 0.36
N ALA A 61 -1.57 -6.76 0.00
CA ALA A 61 -2.21 -5.90 0.98
C ALA A 61 -3.45 -5.24 0.40
N SER A 62 -4.61 -5.53 1.00
CA SER A 62 -5.86 -4.96 0.53
C SER A 62 -6.31 -3.81 1.43
N GLY A 63 -7.07 -2.89 0.86
CA GLY A 63 -7.55 -1.75 1.63
C GLY A 63 -8.92 -1.27 1.16
N PRO A 64 -9.35 -0.11 1.69
CA PRO A 64 -10.64 0.48 1.32
C PRO A 64 -10.65 1.02 -0.11
N SER A 65 -9.48 1.09 -0.72
CA SER A 65 -9.35 1.58 -2.08
C SER A 65 -7.98 1.24 -2.67
N LYS A 66 -7.82 1.48 -3.96
CA LYS A 66 -6.57 1.20 -4.64
C LYS A 66 -5.45 2.12 -4.15
N LYS A 67 -5.71 3.42 -4.19
CA LYS A 67 -4.74 4.41 -3.73
C LYS A 67 -4.04 3.95 -2.45
N THR A 68 -4.83 3.40 -1.53
CA THR A 68 -4.29 2.92 -0.26
C THR A 68 -3.63 1.55 -0.44
N ALA A 69 -4.38 0.60 -0.99
CA ALA A 69 -3.86 -0.74 -1.21
C ALA A 69 -2.39 -0.71 -1.59
N LYS A 70 -2.10 -0.11 -2.74
CA LYS A 70 -0.73 -0.01 -3.23
C LYS A 70 0.21 0.46 -2.12
N LEU A 71 -0.21 1.50 -1.40
CA LEU A 71 0.58 2.04 -0.31
C LEU A 71 0.79 1.01 0.79
N HIS A 72 -0.24 0.23 1.07
CA HIS A 72 -0.17 -0.81 2.09
C HIS A 72 0.90 -1.84 1.75
N VAL A 73 0.73 -2.50 0.61
CA VAL A 73 1.69 -3.51 0.17
C VAL A 73 3.12 -3.03 0.35
N ALA A 74 3.44 -1.88 -0.24
CA ALA A 74 4.78 -1.32 -0.14
C ALA A 74 5.27 -1.33 1.31
N VAL A 75 4.44 -0.83 2.22
CA VAL A 75 4.78 -0.79 3.63
C VAL A 75 5.31 -2.13 4.12
N LYS A 76 4.71 -3.21 3.60
CA LYS A 76 5.12 -4.55 3.98
C LYS A 76 6.50 -4.89 3.42
N VAL A 77 6.75 -4.47 2.19
CA VAL A 77 8.03 -4.72 1.55
C VAL A 77 9.17 -4.07 2.32
N LEU A 78 9.09 -2.75 2.47
CA LEU A 78 10.11 -2.00 3.20
C LEU A 78 10.38 -2.61 4.56
N GLN A 79 9.29 -2.89 5.30
CA GLN A 79 9.41 -3.48 6.63
C GLN A 79 10.18 -4.79 6.58
N ALA A 80 9.84 -5.64 5.62
CA ALA A 80 10.49 -6.93 5.46
C ALA A 80 11.97 -6.75 5.12
N MET A 81 12.26 -5.85 4.19
CA MET A 81 13.62 -5.59 3.78
C MET A 81 14.43 -4.96 4.92
N GLY A 82 13.72 -4.31 5.84
CA GLY A 82 14.39 -3.69 6.97
C GLY A 82 14.58 -2.19 6.78
N TYR A 83 13.55 -1.53 6.25
CA TYR A 83 13.61 -0.09 6.01
C TYR A 83 12.67 0.65 6.95
N PRO A 84 12.97 1.94 7.19
CA PRO A 84 12.16 2.79 8.07
C PRO A 84 10.79 3.11 7.48
N THR A 85 9.74 2.59 8.12
CA THR A 85 8.38 2.81 7.65
C THR A 85 7.59 3.62 8.67
N GLY A 86 7.53 3.12 9.90
CA GLY A 86 6.79 3.82 10.95
C GLY A 86 5.34 3.39 11.01
N PHE A 87 4.44 4.37 10.93
CA PHE A 87 3.01 4.10 10.97
C PHE A 87 2.61 3.50 12.32
N ASP A 88 3.12 4.09 13.40
CA ASP A 88 2.82 3.62 14.74
C ASP A 88 2.51 4.78 15.67
N ALA A 89 1.41 4.66 16.40
CA ALA A 89 1.00 5.72 17.33
C ALA A 89 1.71 5.57 18.66
N ASP A 90 3.04 5.51 18.61
CA ASP A 90 3.85 5.37 19.82
C ASP A 90 5.32 5.66 19.53
N ILE A 91 5.83 6.75 20.10
CA ILE A 91 7.23 7.13 19.89
C ILE A 91 8.17 6.17 20.61
N SER A 92 9.18 5.70 19.90
CA SER A 92 10.15 4.78 20.48
C SER A 92 11.50 4.91 19.78
N GLY A 93 12.48 4.14 20.25
CA GLY A 93 13.81 4.19 19.67
C GLY A 93 13.94 3.31 18.44
N PRO A 94 15.15 3.26 17.86
CA PRO A 94 15.42 2.46 16.66
C PRO A 94 15.40 0.96 16.95
N SER A 95 15.30 0.61 18.24
CA SER A 95 15.27 -0.79 18.65
C SER A 95 14.15 -1.53 17.93
N SER A 96 14.48 -2.08 16.76
CA SER A 96 13.50 -2.83 15.98
C SER A 96 14.17 -3.57 14.82
N GLY A 97 13.66 -4.76 14.50
CA GLY A 97 14.23 -5.54 13.43
C GLY A 97 14.74 -6.88 13.90
N GLY A 1 -20.47 7.61 -13.17
CA GLY A 1 -19.25 6.85 -13.10
C GLY A 1 -19.47 5.41 -12.67
N SER A 2 -18.66 4.50 -13.22
CA SER A 2 -18.78 3.08 -12.89
C SER A 2 -17.72 2.67 -11.89
N SER A 3 -18.12 1.87 -10.90
CA SER A 3 -17.21 1.39 -9.87
C SER A 3 -16.40 2.56 -9.29
N GLY A 4 -17.07 3.68 -9.07
CA GLY A 4 -16.41 4.84 -8.51
C GLY A 4 -17.31 5.63 -7.59
N SER A 5 -17.46 5.16 -6.35
CA SER A 5 -18.30 5.83 -5.37
C SER A 5 -17.48 6.32 -4.19
N SER A 6 -16.31 6.88 -4.48
CA SER A 6 -15.41 7.38 -3.43
C SER A 6 -14.96 8.80 -3.75
N GLY A 7 -14.72 9.59 -2.70
CA GLY A 7 -14.28 10.95 -2.89
C GLY A 7 -13.72 11.56 -1.62
N ARG A 8 -14.41 11.33 -0.50
CA ARG A 8 -13.96 11.86 0.78
C ARG A 8 -12.74 11.11 1.29
N LYS A 9 -11.69 11.86 1.63
CA LYS A 9 -10.46 11.27 2.13
C LYS A 9 -9.92 12.06 3.32
N ILE A 10 -9.13 11.40 4.15
CA ILE A 10 -8.55 12.03 5.33
C ILE A 10 -7.02 12.03 5.27
N LEU A 11 -6.49 12.55 4.17
CA LEU A 11 -5.04 12.60 3.97
C LEU A 11 -4.56 14.05 3.92
N ASP A 12 -5.07 14.80 2.96
CA ASP A 12 -4.70 16.21 2.80
C ASP A 12 -4.81 16.95 4.13
N SER A 13 -5.96 16.83 4.77
CA SER A 13 -6.21 17.51 6.05
C SER A 13 -5.15 17.11 7.07
N LYS A 14 -5.00 15.81 7.30
CA LYS A 14 -4.03 15.30 8.26
C LYS A 14 -3.49 13.94 7.82
N ALA A 15 -2.41 13.51 8.45
CA ALA A 15 -1.79 12.23 8.13
C ALA A 15 -1.23 12.24 6.71
N ILE A 16 -0.41 13.24 6.40
CA ILE A 16 0.19 13.35 5.08
C ILE A 16 1.60 12.78 5.07
N ASP A 17 1.82 11.74 5.88
CA ASP A 17 3.12 11.10 5.96
C ASP A 17 3.00 9.59 5.74
N LEU A 18 2.03 9.19 4.94
CA LEU A 18 1.80 7.77 4.65
C LEU A 18 2.18 7.45 3.21
N MET A 19 1.66 8.23 2.27
CA MET A 19 1.94 8.02 0.86
C MET A 19 3.43 7.74 0.63
N ASN A 20 4.26 8.19 1.58
CA ASN A 20 5.70 7.99 1.47
C ASN A 20 6.02 6.54 1.08
N ALA A 21 5.46 5.60 1.83
CA ALA A 21 5.69 4.18 1.56
C ALA A 21 5.84 3.93 0.06
N LEU A 22 4.92 4.49 -0.72
CA LEU A 22 4.95 4.32 -2.17
C LEU A 22 6.29 4.77 -2.74
N MET A 23 6.56 6.06 -2.63
CA MET A 23 7.82 6.62 -3.13
C MET A 23 9.01 5.79 -2.67
N ARG A 24 8.96 5.34 -1.42
CA ARG A 24 10.04 4.53 -0.85
C ARG A 24 10.31 3.30 -1.72
N LEU A 25 9.26 2.50 -1.93
CA LEU A 25 9.39 1.29 -2.73
C LEU A 25 10.01 1.59 -4.09
N ASN A 26 9.67 2.75 -4.65
CA ASN A 26 10.19 3.17 -5.94
C ASN A 26 11.67 3.53 -5.83
N GLN A 27 12.01 4.30 -4.81
CA GLN A 27 13.39 4.72 -4.60
C GLN A 27 14.35 3.55 -4.76
N ILE A 28 14.06 2.45 -4.08
CA ILE A 28 14.89 1.26 -4.15
C ILE A 28 14.61 0.47 -5.43
N ARG A 29 13.34 0.37 -5.79
CA ARG A 29 12.94 -0.36 -6.99
C ARG A 29 12.18 0.55 -7.95
N PRO A 30 12.91 1.17 -8.89
CA PRO A 30 12.32 2.08 -9.88
C PRO A 30 11.46 1.34 -10.90
N GLY A 31 10.47 2.03 -11.45
CA GLY A 31 9.59 1.43 -12.42
C GLY A 31 8.95 0.16 -11.91
N LEU A 32 8.01 0.29 -10.99
CA LEU A 32 7.33 -0.87 -10.41
C LEU A 32 5.93 -1.01 -11.00
N GLN A 33 5.36 -2.20 -10.88
CA GLN A 33 4.02 -2.47 -11.40
C GLN A 33 3.15 -3.12 -10.33
N TYR A 34 1.95 -2.58 -10.15
CA TYR A 34 1.01 -3.10 -9.16
C TYR A 34 -0.24 -3.65 -9.82
N LYS A 35 -0.65 -4.85 -9.41
CA LYS A 35 -1.84 -5.49 -9.96
C LYS A 35 -2.84 -5.80 -8.87
N LEU A 36 -4.12 -5.80 -9.22
CA LEU A 36 -5.19 -6.09 -8.27
C LEU A 36 -5.63 -7.55 -8.36
N LEU A 37 -5.12 -8.37 -7.46
CA LEU A 37 -5.45 -9.79 -7.45
C LEU A 37 -6.96 -9.99 -7.49
N SER A 38 -7.68 -9.31 -6.61
CA SER A 38 -9.13 -9.41 -6.55
C SER A 38 -9.71 -8.31 -5.67
N GLN A 39 -11.03 -8.16 -5.71
CA GLN A 39 -11.72 -7.15 -4.92
C GLN A 39 -13.01 -7.70 -4.34
N SER A 40 -13.23 -7.48 -3.05
CA SER A 40 -14.42 -7.95 -2.37
C SER A 40 -15.00 -6.87 -1.47
N GLY A 41 -16.23 -7.09 -1.00
CA GLY A 41 -16.88 -6.13 -0.13
C GLY A 41 -17.93 -5.31 -0.86
N PRO A 42 -18.52 -4.34 -0.15
CA PRO A 42 -19.55 -3.46 -0.73
C PRO A 42 -18.97 -2.49 -1.75
N VAL A 43 -19.79 -1.53 -2.18
CA VAL A 43 -19.37 -0.55 -3.16
C VAL A 43 -18.74 0.67 -2.48
N HIS A 44 -19.22 0.99 -1.28
CA HIS A 44 -18.70 2.13 -0.54
C HIS A 44 -17.49 1.73 0.28
N ALA A 45 -17.43 0.46 0.68
CA ALA A 45 -16.31 -0.04 1.47
C ALA A 45 -15.67 -1.26 0.78
N PRO A 46 -15.29 -1.09 -0.49
CA PRO A 46 -14.66 -2.15 -1.27
C PRO A 46 -13.25 -2.47 -0.79
N VAL A 47 -12.79 -3.69 -1.06
CA VAL A 47 -11.47 -4.12 -0.65
C VAL A 47 -10.57 -4.35 -1.86
N PHE A 48 -9.71 -3.38 -2.15
CA PHE A 48 -8.80 -3.48 -3.28
C PHE A 48 -7.53 -4.23 -2.89
N THR A 49 -7.46 -5.51 -3.28
CA THR A 49 -6.32 -6.34 -2.97
C THR A 49 -5.21 -6.16 -4.01
N MET A 50 -4.20 -5.39 -3.65
CA MET A 50 -3.07 -5.15 -4.55
C MET A 50 -1.94 -6.14 -4.30
N SER A 51 -0.98 -6.16 -5.22
CA SER A 51 0.16 -7.07 -5.09
C SER A 51 1.37 -6.53 -5.85
N VAL A 52 2.56 -6.83 -5.34
CA VAL A 52 3.80 -6.38 -5.97
C VAL A 52 4.90 -7.42 -5.82
N ASP A 53 5.80 -7.47 -6.80
CA ASP A 53 6.91 -8.41 -6.77
C ASP A 53 8.23 -7.70 -6.51
N VAL A 54 8.71 -7.80 -5.27
CA VAL A 54 9.97 -7.15 -4.88
C VAL A 54 10.88 -8.14 -4.16
N ASP A 55 12.18 -8.04 -4.44
CA ASP A 55 13.16 -8.91 -3.81
C ASP A 55 12.69 -10.36 -3.84
N GLY A 56 12.31 -10.83 -5.03
CA GLY A 56 11.84 -12.20 -5.17
C GLY A 56 10.79 -12.56 -4.15
N THR A 57 10.06 -11.56 -3.67
CA THR A 57 9.01 -11.78 -2.67
C THR A 57 7.71 -11.10 -3.09
N THR A 58 6.72 -11.91 -3.44
CA THR A 58 5.42 -11.38 -3.85
C THR A 58 4.60 -10.92 -2.66
N TYR A 59 4.38 -9.61 -2.57
CA TYR A 59 3.61 -9.04 -1.46
C TYR A 59 2.18 -8.75 -1.89
N GLU A 60 1.26 -8.83 -0.93
CA GLU A 60 -0.15 -8.58 -1.21
C GLU A 60 -0.82 -7.88 -0.02
N ALA A 61 -1.37 -6.69 -0.28
CA ALA A 61 -2.04 -5.93 0.77
C ALA A 61 -3.30 -5.27 0.22
N SER A 62 -4.40 -5.42 0.96
CA SER A 62 -5.68 -4.83 0.55
C SER A 62 -5.97 -3.56 1.34
N GLY A 63 -6.92 -2.77 0.84
CA GLY A 63 -7.27 -1.53 1.51
C GLY A 63 -8.65 -1.04 1.13
N PRO A 64 -9.07 0.09 1.72
CA PRO A 64 -10.38 0.69 1.44
C PRO A 64 -10.47 1.27 0.04
N SER A 65 -9.32 1.61 -0.53
CA SER A 65 -9.27 2.18 -1.88
C SER A 65 -8.01 1.72 -2.61
N LYS A 66 -8.17 1.36 -3.88
CA LYS A 66 -7.06 0.91 -4.70
C LYS A 66 -5.80 1.72 -4.41
N LYS A 67 -5.97 3.04 -4.35
CA LYS A 67 -4.84 3.94 -4.07
C LYS A 67 -4.06 3.48 -2.85
N THR A 68 -4.70 3.52 -1.69
CA THR A 68 -4.07 3.10 -0.45
C THR A 68 -3.51 1.69 -0.56
N ALA A 69 -4.28 0.82 -1.22
CA ALA A 69 -3.87 -0.57 -1.40
C ALA A 69 -2.41 -0.66 -1.84
N LYS A 70 -2.10 -0.02 -2.98
CA LYS A 70 -0.75 -0.04 -3.51
C LYS A 70 0.25 0.42 -2.46
N LEU A 71 -0.14 1.42 -1.66
CA LEU A 71 0.73 1.94 -0.61
C LEU A 71 1.00 0.88 0.45
N HIS A 72 -0.06 0.26 0.94
CA HIS A 72 0.05 -0.78 1.97
C HIS A 72 1.10 -1.82 1.56
N VAL A 73 0.92 -2.40 0.38
CA VAL A 73 1.85 -3.41 -0.12
C VAL A 73 3.30 -2.99 0.11
N ALA A 74 3.61 -1.74 -0.23
CA ALA A 74 4.95 -1.22 -0.07
C ALA A 74 5.39 -1.28 1.40
N VAL A 75 4.51 -0.83 2.29
CA VAL A 75 4.81 -0.84 3.72
C VAL A 75 5.35 -2.19 4.16
N LYS A 76 4.71 -3.26 3.70
CA LYS A 76 5.13 -4.61 4.05
C LYS A 76 6.55 -4.88 3.57
N VAL A 77 6.78 -4.68 2.28
CA VAL A 77 8.11 -4.89 1.69
C VAL A 77 9.19 -4.25 2.55
N LEU A 78 9.00 -3.00 2.91
CA LEU A 78 9.96 -2.27 3.73
C LEU A 78 10.18 -2.98 5.07
N GLN A 79 9.09 -3.41 5.69
CA GLN A 79 9.16 -4.10 6.97
C GLN A 79 9.99 -5.37 6.86
N ALA A 80 9.88 -6.05 5.72
CA ALA A 80 10.62 -7.28 5.48
C ALA A 80 12.12 -7.00 5.37
N MET A 81 12.46 -5.96 4.61
CA MET A 81 13.86 -5.59 4.43
C MET A 81 14.46 -5.06 5.71
N GLY A 82 13.62 -4.48 6.57
CA GLY A 82 14.09 -3.94 7.82
C GLY A 82 14.19 -2.43 7.80
N TYR A 83 13.25 -1.78 7.12
CA TYR A 83 13.24 -0.33 7.01
C TYR A 83 12.11 0.27 7.85
N PRO A 84 12.31 1.50 8.32
CA PRO A 84 11.32 2.22 9.14
C PRO A 84 10.09 2.62 8.33
N THR A 85 8.95 2.00 8.64
CA THR A 85 7.71 2.30 7.96
C THR A 85 6.85 3.27 8.75
N GLY A 86 6.71 3.00 10.04
CA GLY A 86 5.91 3.87 10.91
C GLY A 86 4.46 3.90 10.49
N PHE A 87 3.71 2.87 10.88
CA PHE A 87 2.29 2.80 10.54
C PHE A 87 1.62 1.64 11.27
N ASP A 88 0.48 1.92 11.89
CA ASP A 88 -0.26 0.90 12.64
C ASP A 88 -1.76 1.17 12.57
N ALA A 89 -2.55 0.21 13.04
CA ALA A 89 -4.00 0.33 13.04
C ALA A 89 -4.55 0.38 14.45
N ASP A 90 -3.86 1.11 15.32
CA ASP A 90 -4.29 1.23 16.72
C ASP A 90 -4.69 2.66 17.04
N ILE A 91 -5.41 3.30 16.10
CA ILE A 91 -5.86 4.67 16.29
C ILE A 91 -6.55 4.84 17.63
N SER A 92 -6.66 6.10 18.08
CA SER A 92 -7.31 6.40 19.34
C SER A 92 -8.82 6.38 19.21
N GLY A 93 -9.50 5.90 20.25
CA GLY A 93 -10.95 5.83 20.23
C GLY A 93 -11.46 4.46 19.82
N PRO A 94 -11.56 3.55 20.80
CA PRO A 94 -12.04 2.18 20.56
C PRO A 94 -13.52 2.13 20.23
N SER A 95 -13.85 1.62 19.05
CA SER A 95 -15.24 1.52 18.62
C SER A 95 -15.41 0.39 17.60
N SER A 96 -16.65 -0.03 17.41
CA SER A 96 -16.95 -1.10 16.47
C SER A 96 -16.95 -0.59 15.02
N GLY A 97 -16.81 -1.50 14.07
CA GLY A 97 -16.80 -1.12 12.67
C GLY A 97 -17.70 -1.99 11.82
#